data_5T4E
#
_entry.id   5T4E
#
_cell.length_a   118.288
_cell.length_b   125.897
_cell.length_c   137.216
_cell.angle_alpha   90.00
_cell.angle_beta   90.00
_cell.angle_gamma   90.00
#
_symmetry.space_group_name_H-M   'P 21 21 21'
#
loop_
_entity.id
_entity.type
_entity.pdbx_description
1 polymer 'Dipeptidyl peptidase 4'
2 branched 2-acetamido-2-deoxy-beta-D-glucopyranose-(1-4)-2-acetamido-2-deoxy-beta-D-glucopyranose
3 non-polymer 2-acetamido-2-deoxy-beta-D-glucopyranose
4 non-polymer 2-[(3R)-3-aminopiperidin-1-yl]-3-(but-2-yn-1-yl)-6-[(4-methylquinazolin-2-yl)methyl]-6,7,8,9-tetrahydropyrimido[2,1-b]purin-4(3H)-one
5 non-polymer 'SODIUM ION'
6 water water
#
_entity_poly.entity_id   1
_entity_poly.type   'polypeptide(L)'
_entity_poly.pdbx_seq_one_letter_code
;TRKTYTLTDYLKNTYRLKLYSLRWISDHEYLYKQENNILVFNAEYGNSSVFLENSTFDEFGHSINDYSISPDGQFILLEY
NYVKQWRHSYTASYDIYDLNKRQLITEERIPNNTQWVTWSPVGHKLAYVWNNDIYVKIEPNLPSYRITWTGKEDIIYNGI
TDWVYEEEVFSAYSALWWSPNGTFLAYAQFNDTEVPLIEYSFYSDESLQYPKTVRVPYPKAGAVNPTVKFFVVNTDSLSS
VTNATSIQITAPASMLIGDHYLCDVTWATQERISLQWLRRIQNYSVMDICDYDESSGRWNCLVARQHIEMSTTGWVGRFR
PSEPHFTLDGNSFYKIISNEEGYRHICYFQIDKKDCTFITKGTWEVIGIEALTSDYLYYISNEYKGMPGGRNLYKIQLSD
YTKVTCLSCELNPERCQYYSVSFSKEAKYYQLRCSGPGLPLYTLHSSVNDKGLRVLEDNSALDKMLQNVQMPSKKLDFII
LNETKFWYQMILPPHFDKSKKYPLLLDVYAGPCSQKADTVFRLNWATYLASTENIIVASFDGRGSGYQGDKIMHAINRRL
GTFEVEDQIEAARQFSKMGFVDNKRIAIWGWSYGGYVTSMVLGSGSGVFKCGIAVAPVSRWEYYDSVYTERYMGLPTPED
NLDHYRNSTVMSRAENFKQVEYLLIHGTADDNVHFQQSAQISKALVDVGVDFQAMWYTDEDHGIASSTAHQHIYTHMSHF
IKQCFSLP
;
_entity_poly.pdbx_strand_id   A,B
#
loop_
_chem_comp.id
_chem_comp.type
_chem_comp.name
_chem_comp.formula
75L non-polymer 2-[(3R)-3-aminopiperidin-1-yl]-3-(but-2-yn-1-yl)-6-[(4-methylquinazolin-2-yl)methyl]-6,7,8,9-tetrahydropyrimido[2,1-b]purin-4(3H)-one 'C27 H31 N9 O'
NA non-polymer 'SODIUM ION' 'Na 1'
NAG D-saccharide, beta linking 2-acetamido-2-deoxy-beta-D-glucopyranose 'C8 H15 N O6'
#
# COMPACT_ATOMS: atom_id res chain seq x y z
N THR A 1 -6.45 -7.29 47.28
CA THR A 1 -6.84 -8.00 46.05
C THR A 1 -5.68 -8.15 45.05
N ARG A 2 -5.50 -9.37 44.50
CA ARG A 2 -4.43 -9.65 43.56
C ARG A 2 -4.65 -9.16 42.13
N LYS A 3 -3.57 -8.81 41.47
CA LYS A 3 -3.57 -8.29 40.11
C LYS A 3 -4.01 -9.34 39.08
N THR A 4 -4.37 -8.87 37.89
CA THR A 4 -4.72 -9.77 36.78
C THR A 4 -3.53 -9.73 35.83
N TYR A 5 -3.53 -10.59 34.81
CA TYR A 5 -2.48 -10.56 33.78
C TYR A 5 -2.97 -9.55 32.74
N THR A 6 -2.30 -8.40 32.68
CA THR A 6 -2.72 -7.23 31.89
C THR A 6 -2.15 -7.23 30.46
N LEU A 7 -2.67 -6.31 29.61
CA LEU A 7 -2.15 -6.15 28.25
C LEU A 7 -0.70 -5.68 28.33
N THR A 8 -0.36 -4.78 29.28
CA THR A 8 1.01 -4.31 29.47
C THR A 8 1.90 -5.49 29.90
N ASP A 9 1.40 -6.40 30.77
CA ASP A 9 2.19 -7.60 31.13
C ASP A 9 2.59 -8.40 29.91
N TYR A 10 1.62 -8.60 28.98
CA TYR A 10 1.92 -9.35 27.78
C TYR A 10 2.91 -8.58 26.87
N LEU A 11 2.64 -7.30 26.61
CA LEU A 11 3.48 -6.49 25.72
C LEU A 11 4.89 -6.19 26.24
N LYS A 12 5.05 -6.07 27.56
CA LYS A 12 6.35 -5.78 28.18
C LYS A 12 7.06 -7.04 28.71
N ASN A 13 6.48 -8.24 28.50
CA ASN A 13 7.03 -9.53 28.93
C ASN A 13 7.40 -9.51 30.45
N THR A 14 6.46 -9.01 31.27
CA THR A 14 6.63 -8.93 32.73
C THR A 14 6.90 -10.32 33.33
N TYR A 15 6.16 -11.35 32.86
CA TYR A 15 6.27 -12.72 33.35
C TYR A 15 6.96 -13.59 32.32
N ARG A 16 8.22 -13.93 32.58
CA ARG A 16 9.05 -14.63 31.62
C ARG A 16 9.22 -16.10 31.90
N LEU A 17 9.08 -16.91 30.85
CA LEU A 17 9.32 -18.35 30.91
C LEU A 17 10.84 -18.50 30.81
N LYS A 18 11.44 -19.27 31.72
CA LYS A 18 12.87 -19.54 31.63
C LYS A 18 13.02 -20.80 30.77
N LEU A 19 14.11 -20.83 29.99
CA LEU A 19 14.46 -21.88 29.05
C LEU A 19 15.71 -22.58 29.56
N TYR A 20 16.13 -23.63 28.85
CA TYR A 20 17.40 -24.28 29.14
C TYR A 20 17.88 -24.79 27.80
N SER A 21 18.39 -23.85 26.97
CA SER A 21 18.83 -24.19 25.61
C SER A 21 20.26 -24.68 25.62
N LEU A 22 20.45 -25.98 25.43
CA LEU A 22 21.79 -26.55 25.42
C LEU A 22 22.18 -27.01 24.01
N ARG A 23 23.49 -27.21 23.82
CA ARG A 23 24.01 -27.65 22.52
C ARG A 23 24.90 -28.87 22.78
N TRP A 24 24.46 -30.07 22.38
CA TRP A 24 25.27 -31.27 22.59
C TRP A 24 26.54 -31.20 21.73
N ILE A 25 27.70 -31.49 22.32
CA ILE A 25 28.97 -31.43 21.54
C ILE A 25 29.61 -32.80 21.38
N SER A 26 29.08 -33.79 22.08
CA SER A 26 29.59 -35.16 22.09
C SER A 26 28.50 -36.06 22.65
N ASP A 27 28.85 -37.31 22.94
CA ASP A 27 27.89 -38.20 23.53
C ASP A 27 27.76 -37.94 25.04
N HIS A 28 28.63 -37.08 25.62
CA HIS A 28 28.66 -36.90 27.07
C HIS A 28 28.66 -35.45 27.59
N GLU A 29 28.84 -34.47 26.70
CA GLU A 29 28.95 -33.08 27.10
C GLU A 29 28.09 -32.17 26.29
N TYR A 30 27.71 -31.04 26.89
CA TYR A 30 26.95 -30.02 26.22
C TYR A 30 27.42 -28.62 26.57
N LEU A 31 27.17 -27.68 25.66
CA LEU A 31 27.45 -26.26 25.84
C LEU A 31 26.17 -25.56 26.28
N TYR A 32 26.33 -24.64 27.22
CA TYR A 32 25.23 -23.86 27.77
C TYR A 32 25.67 -22.42 28.02
N LYS A 33 24.96 -21.44 27.44
CA LYS A 33 25.28 -20.03 27.63
C LYS A 33 24.67 -19.53 28.96
N GLN A 34 25.53 -19.16 29.93
CA GLN A 34 25.14 -18.67 31.25
C GLN A 34 25.84 -17.33 31.53
N GLU A 35 25.05 -16.24 31.74
CA GLU A 35 25.53 -14.87 32.02
C GLU A 35 26.53 -14.39 30.94
N ASN A 36 26.17 -14.59 29.65
CA ASN A 36 26.97 -14.26 28.46
C ASN A 36 28.26 -15.10 28.30
N ASN A 37 28.56 -15.96 29.31
CA ASN A 37 29.68 -16.91 29.32
C ASN A 37 29.17 -18.23 28.74
N ILE A 38 30.03 -18.99 28.08
CA ILE A 38 29.65 -20.29 27.54
C ILE A 38 30.29 -21.35 28.44
N LEU A 39 29.46 -22.22 29.02
CA LEU A 39 29.97 -23.29 29.89
C LEU A 39 29.86 -24.63 29.18
N VAL A 40 30.68 -25.59 29.59
CA VAL A 40 30.64 -26.99 29.12
C VAL A 40 30.22 -27.79 30.32
N PHE A 41 29.21 -28.63 30.15
CA PHE A 41 28.71 -29.48 31.22
C PHE A 41 28.95 -30.93 30.92
N ASN A 42 29.23 -31.70 31.99
CA ASN A 42 29.35 -33.14 31.92
C ASN A 42 27.93 -33.62 32.21
N ALA A 43 27.33 -34.42 31.31
CA ALA A 43 25.95 -34.88 31.50
C ALA A 43 25.80 -35.86 32.68
N GLU A 44 26.77 -36.79 32.84
CA GLU A 44 26.71 -37.79 33.91
C GLU A 44 26.63 -37.16 35.29
N TYR A 45 27.48 -36.16 35.57
CA TYR A 45 27.58 -35.53 36.89
C TYR A 45 26.99 -34.15 37.07
N GLY A 46 26.89 -33.37 36.00
CA GLY A 46 26.34 -32.03 36.08
C GLY A 46 27.36 -30.97 36.43
N ASN A 47 28.65 -31.36 36.56
CA ASN A 47 29.72 -30.41 36.79
C ASN A 47 30.03 -29.68 35.49
N SER A 48 30.51 -28.43 35.59
CA SER A 48 30.83 -27.62 34.42
C SER A 48 32.17 -26.91 34.58
N SER A 49 32.68 -26.37 33.47
CA SER A 49 33.87 -25.54 33.37
C SER A 49 33.50 -24.42 32.41
N VAL A 50 34.17 -23.25 32.52
CA VAL A 50 33.95 -22.13 31.61
C VAL A 50 34.64 -22.53 30.31
N PHE A 51 33.92 -22.44 29.18
CA PHE A 51 34.49 -22.75 27.88
C PHE A 51 34.99 -21.47 27.27
N LEU A 52 34.18 -20.41 27.36
CA LEU A 52 34.53 -19.09 26.84
C LEU A 52 33.96 -17.97 27.71
N GLU A 53 34.88 -17.17 28.27
CA GLU A 53 34.55 -16.04 29.14
C GLU A 53 33.86 -14.94 28.33
N ASN A 54 32.81 -14.33 28.91
CA ASN A 54 32.02 -13.25 28.30
C ASN A 54 32.87 -12.02 27.93
N SER A 55 33.99 -11.82 28.65
CA SER A 55 34.93 -10.72 28.50
C SER A 55 35.90 -10.85 27.32
N THR A 56 36.09 -12.08 26.77
CA THR A 56 37.01 -12.40 25.65
C THR A 56 36.91 -11.40 24.48
N PHE A 57 35.68 -10.93 24.19
CA PHE A 57 35.42 -10.01 23.08
C PHE A 57 34.97 -8.59 23.51
N ASP A 58 35.40 -8.15 24.71
CA ASP A 58 35.09 -6.81 25.22
C ASP A 58 35.63 -5.69 24.31
N GLU A 59 36.74 -5.97 23.60
CA GLU A 59 37.39 -5.05 22.66
C GLU A 59 37.11 -5.39 21.17
N PHE A 60 36.06 -6.21 20.90
CA PHE A 60 35.71 -6.64 19.53
C PHE A 60 35.32 -5.51 18.58
N GLY A 61 34.64 -4.48 19.10
CA GLY A 61 34.24 -3.32 18.31
C GLY A 61 32.94 -3.46 17.56
N HIS A 62 32.30 -4.64 17.66
CA HIS A 62 31.01 -4.96 17.05
C HIS A 62 30.18 -5.74 18.05
N SER A 63 28.87 -5.54 18.02
CA SER A 63 27.95 -6.28 18.87
C SER A 63 27.77 -7.66 18.21
N ILE A 64 28.11 -8.73 18.94
CA ILE A 64 28.02 -10.10 18.42
C ILE A 64 26.58 -10.62 18.51
N ASN A 65 26.01 -10.97 17.35
CA ASN A 65 24.65 -11.51 17.25
C ASN A 65 24.54 -12.94 17.76
N ASP A 66 25.50 -13.80 17.42
CA ASP A 66 25.51 -15.22 17.78
C ASP A 66 26.93 -15.76 17.59
N TYR A 67 27.14 -16.98 18.06
CA TYR A 67 28.41 -17.69 18.02
C TYR A 67 28.16 -19.13 17.55
N SER A 68 29.17 -19.77 16.97
CA SER A 68 29.06 -21.15 16.55
C SER A 68 30.43 -21.78 16.75
N ILE A 69 30.54 -22.66 17.74
CA ILE A 69 31.79 -23.35 18.05
C ILE A 69 32.00 -24.52 17.10
N SER A 70 33.23 -24.65 16.51
CA SER A 70 33.52 -25.75 15.58
C SER A 70 33.33 -27.10 16.31
N PRO A 71 32.94 -28.21 15.61
CA PRO A 71 32.72 -29.49 16.32
C PRO A 71 33.88 -30.00 17.17
N ASP A 72 35.12 -29.67 16.78
CA ASP A 72 36.29 -30.10 17.56
C ASP A 72 36.63 -29.15 18.73
N GLY A 73 35.88 -28.05 18.87
CA GLY A 73 36.05 -27.04 19.91
C GLY A 73 37.27 -26.15 19.77
N GLN A 74 37.96 -26.22 18.61
CA GLN A 74 39.18 -25.42 18.35
C GLN A 74 38.90 -23.99 17.92
N PHE A 75 37.73 -23.73 17.31
CA PHE A 75 37.41 -22.40 16.79
C PHE A 75 36.00 -21.96 17.12
N ILE A 76 35.81 -20.67 17.14
CA ILE A 76 34.51 -20.06 17.33
C ILE A 76 34.23 -19.04 16.22
N LEU A 77 33.08 -19.22 15.57
CA LEU A 77 32.60 -18.36 14.51
C LEU A 77 31.75 -17.26 15.19
N LEU A 78 32.13 -16.00 14.98
CA LEU A 78 31.47 -14.83 15.58
C LEU A 78 30.60 -14.14 14.55
N GLU A 79 29.26 -14.11 14.79
CA GLU A 79 28.33 -13.51 13.84
C GLU A 79 28.00 -12.07 14.26
N TYR A 80 28.10 -11.11 13.33
CA TYR A 80 27.79 -9.70 13.58
C TYR A 80 27.25 -9.03 12.32
N ASN A 81 26.82 -7.76 12.40
CA ASN A 81 26.18 -7.01 11.29
C ASN A 81 25.00 -7.84 10.71
N TYR A 82 24.22 -8.44 11.60
CA TYR A 82 23.08 -9.26 11.19
C TYR A 82 22.04 -8.37 10.49
N VAL A 83 21.57 -8.79 9.32
CA VAL A 83 20.52 -8.07 8.57
C VAL A 83 19.51 -9.11 8.13
N LYS A 84 18.32 -9.09 8.76
CA LYS A 84 17.26 -10.05 8.43
C LYS A 84 16.80 -9.94 6.97
N GLN A 85 16.51 -11.10 6.35
CA GLN A 85 15.86 -11.13 5.06
C GLN A 85 14.42 -11.69 5.27
N TRP A 86 14.17 -12.98 4.97
CA TRP A 86 12.82 -13.53 5.10
C TRP A 86 12.64 -14.24 6.45
N ARG A 87 11.87 -15.33 6.51
CA ARG A 87 11.63 -15.97 7.79
C ARG A 87 12.90 -16.57 8.41
N HIS A 88 13.77 -17.12 7.58
CA HIS A 88 14.99 -17.81 8.01
C HIS A 88 16.26 -17.14 7.46
N SER A 89 16.19 -16.57 6.26
CA SER A 89 17.35 -15.95 5.61
C SER A 89 17.80 -14.64 6.24
N TYR A 90 19.11 -14.36 6.13
CA TYR A 90 19.71 -13.11 6.62
C TYR A 90 21.14 -13.06 6.08
N THR A 91 21.78 -11.89 6.16
CA THR A 91 23.20 -11.76 5.83
C THR A 91 23.92 -11.29 7.07
N ALA A 92 25.21 -11.58 7.17
CA ALA A 92 25.97 -11.15 8.35
C ALA A 92 27.45 -11.14 7.97
N SER A 93 28.25 -10.58 8.88
CA SER A 93 29.71 -10.56 8.78
C SER A 93 30.16 -11.61 9.76
N TYR A 94 31.34 -12.21 9.53
CA TYR A 94 31.85 -13.27 10.38
C TYR A 94 33.35 -13.13 10.65
N ASP A 95 33.75 -13.44 11.88
CA ASP A 95 35.15 -13.50 12.29
C ASP A 95 35.35 -14.82 12.97
N ILE A 96 36.54 -15.41 12.82
CA ILE A 96 36.86 -16.69 13.45
C ILE A 96 37.91 -16.44 14.52
N TYR A 97 37.68 -17.00 15.69
CA TYR A 97 38.62 -16.90 16.79
C TYR A 97 39.20 -18.27 17.08
N ASP A 98 40.54 -18.34 17.13
CA ASP A 98 41.24 -19.58 17.46
C ASP A 98 41.22 -19.72 18.99
N LEU A 99 40.58 -20.80 19.47
CA LEU A 99 40.47 -21.03 20.92
C LEU A 99 41.76 -21.54 21.58
N ASN A 100 42.67 -22.14 20.80
CA ASN A 100 43.96 -22.65 21.31
C ASN A 100 45.01 -21.54 21.38
N LYS A 101 45.21 -20.78 20.28
CA LYS A 101 46.16 -19.69 20.25
C LYS A 101 45.60 -18.35 20.73
N ARG A 102 44.37 -18.38 21.28
CA ARG A 102 43.63 -17.25 21.87
C ARG A 102 43.65 -15.95 21.04
N GLN A 103 43.48 -16.08 19.71
CA GLN A 103 43.52 -14.93 18.80
C GLN A 103 42.49 -14.99 17.68
N LEU A 104 42.05 -13.81 17.25
CA LEU A 104 41.16 -13.64 16.11
C LEU A 104 42.00 -13.91 14.86
N ILE A 105 41.44 -14.63 13.89
CA ILE A 105 42.12 -14.90 12.62
C ILE A 105 41.88 -13.69 11.73
N THR A 106 42.97 -13.06 11.24
CA THR A 106 42.88 -11.87 10.39
C THR A 106 43.17 -12.20 8.94
N GLU A 107 43.66 -13.39 8.67
CA GLU A 107 43.97 -13.80 7.31
C GLU A 107 42.77 -14.47 6.65
N GLU A 108 42.58 -14.16 5.34
CA GLU A 108 41.55 -14.76 4.46
C GLU A 108 40.17 -14.80 5.15
N ARG A 109 39.72 -13.64 5.66
CA ARG A 109 38.47 -13.56 6.40
C ARG A 109 37.26 -13.92 5.53
N ILE A 110 36.21 -14.42 6.19
CA ILE A 110 34.94 -14.68 5.51
C ILE A 110 34.42 -13.29 5.11
N PRO A 111 33.93 -13.10 3.87
CA PRO A 111 33.49 -11.76 3.45
C PRO A 111 32.30 -11.20 4.22
N ASN A 112 32.08 -9.91 4.06
CA ASN A 112 30.91 -9.25 4.62
C ASN A 112 29.73 -9.66 3.74
N ASN A 113 28.47 -9.48 4.22
CA ASN A 113 27.29 -9.85 3.43
C ASN A 113 27.24 -11.36 3.09
N THR A 114 27.80 -12.20 3.97
CA THR A 114 27.75 -13.67 3.78
C THR A 114 26.30 -14.12 4.02
N GLN A 115 25.81 -15.00 3.17
CA GLN A 115 24.42 -15.46 3.18
C GLN A 115 24.20 -16.68 4.06
N TRP A 116 25.21 -17.55 4.19
CA TRP A 116 25.09 -18.75 5.00
C TRP A 116 26.47 -19.27 5.26
N VAL A 117 26.69 -19.82 6.45
CA VAL A 117 27.96 -20.41 6.87
C VAL A 117 27.70 -21.60 7.77
N THR A 118 28.48 -22.67 7.58
CA THR A 118 28.36 -23.83 8.43
C THR A 118 29.66 -24.56 8.58
N TRP A 119 29.96 -25.02 9.80
CA TRP A 119 31.11 -25.90 10.00
C TRP A 119 30.75 -27.26 9.39
N SER A 120 31.78 -28.06 9.06
CA SER A 120 31.61 -29.46 8.69
C SER A 120 31.11 -30.17 9.99
N PRO A 121 30.50 -31.37 9.92
CA PRO A 121 29.98 -32.00 11.16
C PRO A 121 31.05 -32.51 12.12
N VAL A 122 32.26 -32.71 11.61
CA VAL A 122 33.45 -33.19 12.33
C VAL A 122 34.58 -32.22 11.96
N GLY A 123 35.48 -31.95 12.90
CA GLY A 123 36.62 -31.09 12.65
C GLY A 123 36.30 -29.61 12.58
N HIS A 124 36.87 -28.92 11.59
CA HIS A 124 36.74 -27.47 11.48
C HIS A 124 36.78 -26.92 10.06
N LYS A 125 36.28 -27.67 9.08
CA LYS A 125 36.16 -27.11 7.73
C LYS A 125 34.95 -26.16 7.77
N LEU A 126 34.88 -25.23 6.83
CA LEU A 126 33.76 -24.29 6.72
C LEU A 126 33.28 -24.28 5.30
N ALA A 127 31.97 -24.14 5.11
CA ALA A 127 31.37 -23.92 3.82
C ALA A 127 30.54 -22.66 4.00
N TYR A 128 30.62 -21.73 3.05
CA TYR A 128 29.82 -20.50 3.13
C TYR A 128 29.34 -20.10 1.76
N VAL A 129 28.26 -19.30 1.73
CA VAL A 129 27.67 -18.84 0.49
C VAL A 129 27.78 -17.31 0.52
N TRP A 130 28.29 -16.74 -0.56
CA TRP A 130 28.46 -15.28 -0.68
C TRP A 130 28.19 -14.91 -2.11
N ASN A 131 27.31 -13.91 -2.34
CA ASN A 131 26.88 -13.51 -3.68
C ASN A 131 26.35 -14.73 -4.47
N ASN A 132 25.63 -15.63 -3.75
CA ASN A 132 24.95 -16.80 -4.34
C ASN A 132 25.86 -17.91 -4.82
N ASP A 133 27.15 -17.87 -4.43
CA ASP A 133 28.11 -18.91 -4.80
C ASP A 133 28.68 -19.56 -3.60
N ILE A 134 29.05 -20.85 -3.71
CA ILE A 134 29.60 -21.62 -2.60
C ILE A 134 31.11 -21.55 -2.51
N TYR A 135 31.63 -21.39 -1.29
CA TYR A 135 33.07 -21.40 -0.96
C TYR A 135 33.34 -22.38 0.16
N VAL A 136 34.53 -23.02 0.11
CA VAL A 136 34.96 -23.95 1.15
C VAL A 136 36.30 -23.52 1.73
N LYS A 137 36.43 -23.50 3.06
CA LYS A 137 37.71 -23.24 3.75
C LYS A 137 38.09 -24.51 4.50
N ILE A 138 39.26 -25.08 4.17
CA ILE A 138 39.73 -26.30 4.84
C ILE A 138 40.25 -25.96 6.25
N GLU A 139 40.90 -24.79 6.39
CA GLU A 139 41.43 -24.29 7.64
C GLU A 139 40.99 -22.86 7.75
N PRO A 140 40.63 -22.38 8.95
CA PRO A 140 40.13 -21.00 9.09
C PRO A 140 41.05 -19.88 8.59
N ASN A 141 42.37 -20.07 8.68
CA ASN A 141 43.32 -19.02 8.23
C ASN A 141 43.70 -19.15 6.75
N LEU A 142 43.26 -20.23 6.06
CA LEU A 142 43.62 -20.50 4.66
C LEU A 142 42.66 -19.94 3.61
N PRO A 143 43.14 -19.69 2.35
CA PRO A 143 42.25 -19.15 1.31
C PRO A 143 41.11 -20.11 0.99
N SER A 144 39.93 -19.55 0.69
CA SER A 144 38.76 -20.35 0.32
CA SER A 144 38.77 -20.36 0.34
C SER A 144 38.90 -20.89 -1.09
N TYR A 145 38.26 -22.03 -1.37
CA TYR A 145 38.19 -22.64 -2.69
C TYR A 145 36.80 -22.27 -3.19
N ARG A 146 36.71 -21.61 -4.34
CA ARG A 146 35.41 -21.27 -4.93
C ARG A 146 34.81 -22.52 -5.59
N ILE A 147 33.60 -22.94 -5.14
CA ILE A 147 32.94 -24.14 -5.67
C ILE A 147 32.10 -23.87 -6.89
N THR A 148 31.28 -22.80 -6.87
CA THR A 148 30.39 -22.45 -7.98
C THR A 148 30.71 -21.04 -8.50
N TRP A 149 30.44 -20.81 -9.77
CA TRP A 149 30.74 -19.54 -10.45
C TRP A 149 29.50 -18.96 -11.13
N THR A 150 28.35 -19.63 -10.98
CA THR A 150 27.10 -19.28 -11.66
C THR A 150 26.14 -18.38 -10.85
N GLY A 151 26.43 -18.16 -9.58
CA GLY A 151 25.58 -17.40 -8.66
C GLY A 151 25.19 -16.04 -9.21
N LYS A 152 23.88 -15.73 -9.25
CA LYS A 152 23.43 -14.44 -9.79
C LYS A 152 22.23 -14.00 -8.98
N GLU A 153 22.31 -12.80 -8.32
CA GLU A 153 21.21 -12.26 -7.49
C GLU A 153 19.84 -12.43 -8.17
N ASP A 154 18.85 -13.04 -7.45
CA ASP A 154 17.45 -13.30 -7.85
C ASP A 154 17.30 -14.24 -9.03
N ILE A 155 18.38 -14.94 -9.44
CA ILE A 155 18.30 -15.81 -10.61
CA ILE A 155 18.35 -15.80 -10.63
C ILE A 155 18.87 -17.19 -10.33
N ILE A 156 20.15 -17.29 -9.98
CA ILE A 156 20.82 -18.55 -9.69
C ILE A 156 21.25 -18.56 -8.25
N TYR A 157 20.77 -19.56 -7.50
CA TYR A 157 21.08 -19.68 -6.09
C TYR A 157 21.84 -20.97 -5.88
N ASN A 158 23.11 -20.89 -5.49
CA ASN A 158 23.87 -22.10 -5.19
C ASN A 158 24.03 -22.25 -3.70
N GLY A 159 23.54 -23.35 -3.14
CA GLY A 159 23.76 -23.63 -1.72
C GLY A 159 22.88 -22.86 -0.75
N ILE A 160 22.00 -22.04 -1.31
CA ILE A 160 20.95 -21.27 -0.57
C ILE A 160 19.63 -21.44 -1.30
N THR A 161 18.50 -21.34 -0.57
CA THR A 161 17.19 -21.50 -1.18
C THR A 161 16.69 -20.14 -1.71
N ASP A 162 15.75 -20.20 -2.64
CA ASP A 162 15.07 -19.00 -3.12
C ASP A 162 13.88 -18.78 -2.14
N TRP A 163 13.03 -17.78 -2.40
CA TRP A 163 11.94 -17.47 -1.46
C TRP A 163 11.06 -18.68 -1.15
N VAL A 164 10.52 -19.34 -2.20
CA VAL A 164 9.53 -20.43 -1.99
C VAL A 164 10.13 -21.68 -1.36
N TYR A 165 11.38 -22.04 -1.74
CA TYR A 165 12.02 -23.19 -1.09
C TYR A 165 12.36 -22.90 0.39
N GLU A 166 12.76 -21.67 0.68
CA GLU A 166 13.06 -21.27 2.07
C GLU A 166 11.79 -21.40 2.93
N GLU A 167 10.70 -20.76 2.46
CA GLU A 167 9.47 -20.69 3.21
C GLU A 167 8.69 -22.00 3.32
N GLU A 168 8.55 -22.71 2.18
CA GLU A 168 7.65 -23.83 2.06
C GLU A 168 8.25 -25.23 1.96
N VAL A 169 9.57 -25.35 1.69
CA VAL A 169 10.13 -26.70 1.53
C VAL A 169 11.11 -27.04 2.62
N PHE A 170 12.21 -26.28 2.71
CA PHE A 170 13.26 -26.57 3.69
C PHE A 170 13.14 -25.87 5.04
N SER A 171 12.24 -24.84 5.16
CA SER A 171 12.11 -24.03 6.39
C SER A 171 13.52 -23.57 6.81
N ALA A 172 14.34 -23.19 5.81
CA ALA A 172 15.74 -22.76 6.03
C ALA A 172 16.27 -22.09 4.79
N TYR A 173 17.30 -21.24 4.97
CA TYR A 173 17.98 -20.56 3.85
C TYR A 173 19.05 -21.49 3.27
N SER A 174 19.63 -22.34 4.13
CA SER A 174 20.67 -23.25 3.67
CA SER A 174 20.67 -23.28 3.72
C SER A 174 20.19 -24.31 2.71
N ALA A 175 21.01 -24.57 1.66
CA ALA A 175 20.77 -25.65 0.70
C ALA A 175 22.17 -26.36 0.52
N LEU A 176 22.84 -26.58 1.66
CA LEU A 176 24.14 -27.27 1.82
C LEU A 176 23.97 -28.41 2.79
N TRP A 177 24.57 -29.57 2.46
CA TRP A 177 24.49 -30.77 3.32
C TRP A 177 25.84 -31.48 3.29
N TRP A 178 26.63 -31.30 4.35
CA TRP A 178 27.93 -31.98 4.51
C TRP A 178 27.70 -33.47 4.74
N SER A 179 28.62 -34.33 4.23
CA SER A 179 28.57 -35.75 4.51
C SER A 179 28.93 -35.96 6.00
N PRO A 180 28.63 -37.12 6.64
CA PRO A 180 28.84 -37.25 8.10
C PRO A 180 30.23 -36.91 8.65
N ASN A 181 31.28 -37.25 7.91
CA ASN A 181 32.63 -36.93 8.38
C ASN A 181 33.25 -35.73 7.65
N GLY A 182 32.46 -35.05 6.84
CA GLY A 182 32.88 -33.84 6.15
C GLY A 182 33.64 -34.02 4.86
N THR A 183 33.76 -35.26 4.34
CA THR A 183 34.48 -35.46 3.07
C THR A 183 33.75 -34.77 1.91
N PHE A 184 32.45 -35.02 1.79
CA PHE A 184 31.67 -34.46 0.70
C PHE A 184 30.78 -33.31 1.16
N LEU A 185 30.50 -32.43 0.22
CA LEU A 185 29.57 -31.32 0.42
C LEU A 185 28.53 -31.42 -0.70
N ALA A 186 27.28 -31.76 -0.34
CA ALA A 186 26.18 -31.82 -1.28
C ALA A 186 25.47 -30.47 -1.24
N TYR A 187 24.94 -30.05 -2.39
CA TYR A 187 24.23 -28.77 -2.49
C TYR A 187 23.20 -28.73 -3.58
N ALA A 188 22.18 -27.86 -3.41
CA ALA A 188 21.20 -27.70 -4.45
C ALA A 188 21.46 -26.38 -5.11
N GLN A 189 21.04 -26.28 -6.36
CA GLN A 189 21.09 -25.06 -7.13
C GLN A 189 19.69 -24.78 -7.65
N PHE A 190 19.18 -23.56 -7.36
CA PHE A 190 17.86 -23.15 -7.80
C PHE A 190 17.97 -22.12 -8.89
N ASN A 191 17.09 -22.22 -9.87
CA ASN A 191 17.08 -21.33 -11.02
C ASN A 191 15.72 -20.65 -11.13
N ASP A 192 15.68 -19.35 -10.84
CA ASP A 192 14.44 -18.56 -10.82
C ASP A 192 14.26 -17.69 -12.05
N THR A 193 15.02 -17.95 -13.13
CA THR A 193 14.94 -17.12 -14.36
C THR A 193 13.54 -16.68 -14.80
N GLU A 194 12.63 -17.65 -14.94
CA GLU A 194 11.30 -17.36 -15.46
C GLU A 194 10.21 -17.24 -14.37
N VAL A 195 10.64 -17.16 -13.11
CA VAL A 195 9.70 -17.02 -12.00
C VAL A 195 9.26 -15.53 -11.95
N PRO A 196 7.94 -15.25 -11.94
CA PRO A 196 7.51 -13.83 -11.88
C PRO A 196 7.87 -13.19 -10.55
N LEU A 197 8.00 -11.85 -10.56
CA LEU A 197 8.34 -11.09 -9.37
C LEU A 197 7.12 -10.51 -8.67
N ILE A 198 7.08 -10.63 -7.33
CA ILE A 198 6.09 -9.85 -6.57
C ILE A 198 6.82 -8.50 -6.36
N GLU A 199 6.09 -7.39 -6.57
CA GLU A 199 6.65 -6.05 -6.37
C GLU A 199 5.78 -5.31 -5.38
N TYR A 200 6.42 -4.64 -4.40
CA TYR A 200 5.71 -3.81 -3.42
C TYR A 200 6.60 -2.66 -2.95
N SER A 201 5.96 -1.57 -2.50
CA SER A 201 6.69 -0.39 -2.04
C SER A 201 7.29 -0.60 -0.64
N PHE A 202 8.47 -0.02 -0.41
CA PHE A 202 9.10 0.01 0.92
C PHE A 202 9.41 1.49 1.15
N TYR A 203 8.90 2.04 2.25
CA TYR A 203 8.99 3.48 2.53
C TYR A 203 10.24 3.92 3.21
N SER A 204 10.80 3.05 4.08
CA SER A 204 12.03 3.31 4.81
C SER A 204 11.88 4.47 5.81
N ASP A 205 12.99 4.98 6.35
CA ASP A 205 12.97 6.12 7.25
C ASP A 205 12.40 7.33 6.51
N GLU A 206 11.83 8.25 7.25
CA GLU A 206 11.25 9.50 6.76
C GLU A 206 12.19 10.26 5.78
N SER A 207 13.53 10.11 5.98
CA SER A 207 14.52 10.76 5.13
C SER A 207 14.51 10.29 3.67
N LEU A 208 13.98 9.07 3.39
CA LEU A 208 13.98 8.58 2.02
C LEU A 208 12.92 9.33 1.16
N GLN A 209 13.39 10.12 0.18
CA GLN A 209 12.48 10.96 -0.61
C GLN A 209 11.52 10.19 -1.51
N TYR A 210 12.04 9.15 -2.19
CA TYR A 210 11.26 8.31 -3.08
C TYR A 210 11.20 6.90 -2.49
N PRO A 211 9.98 6.30 -2.38
CA PRO A 211 9.90 4.92 -1.88
C PRO A 211 10.61 3.97 -2.82
N LYS A 212 11.14 2.89 -2.23
CA LYS A 212 11.85 1.86 -2.98
C LYS A 212 10.79 0.80 -3.40
N THR A 213 11.01 0.13 -4.54
CA THR A 213 10.14 -0.97 -4.95
C THR A 213 10.95 -2.25 -4.68
N VAL A 214 10.44 -3.12 -3.81
CA VAL A 214 11.05 -4.41 -3.51
C VAL A 214 10.56 -5.40 -4.57
N ARG A 215 11.45 -6.22 -5.15
CA ARG A 215 11.09 -7.17 -6.20
C ARG A 215 11.63 -8.53 -5.80
N VAL A 216 10.75 -9.51 -5.62
CA VAL A 216 11.12 -10.84 -5.14
C VAL A 216 10.60 -11.90 -6.10
N PRO A 217 11.47 -12.81 -6.62
CA PRO A 217 10.95 -13.92 -7.43
C PRO A 217 10.09 -14.80 -6.51
N TYR A 218 8.80 -14.85 -6.82
CA TYR A 218 7.79 -15.51 -6.00
C TYR A 218 6.76 -16.13 -6.92
N PRO A 219 6.66 -17.47 -6.94
CA PRO A 219 5.67 -18.09 -7.81
C PRO A 219 4.33 -18.16 -7.11
N LYS A 220 3.32 -17.46 -7.66
CA LYS A 220 1.97 -17.60 -7.12
C LYS A 220 1.34 -18.88 -7.69
N ALA A 221 0.21 -19.36 -7.15
CA ALA A 221 -0.40 -20.63 -7.62
C ALA A 221 -0.54 -20.71 -9.16
N GLY A 222 0.01 -21.79 -9.73
CA GLY A 222 -0.05 -22.03 -11.16
C GLY A 222 0.99 -21.32 -12.01
N ALA A 223 1.80 -20.42 -11.40
CA ALA A 223 2.82 -19.66 -12.12
C ALA A 223 4.05 -20.52 -12.41
N VAL A 224 5.01 -19.97 -13.19
CA VAL A 224 6.26 -20.70 -13.46
C VAL A 224 7.05 -20.83 -12.15
N ASN A 225 7.44 -22.09 -11.80
CA ASN A 225 8.21 -22.39 -10.60
C ASN A 225 9.72 -22.35 -10.83
N PRO A 226 10.53 -22.20 -9.75
CA PRO A 226 11.97 -22.38 -9.93
C PRO A 226 12.27 -23.82 -10.33
N THR A 227 13.42 -24.02 -10.99
CA THR A 227 13.88 -25.37 -11.32
C THR A 227 15.03 -25.65 -10.35
N VAL A 228 15.40 -26.92 -10.19
CA VAL A 228 16.41 -27.32 -9.23
C VAL A 228 17.35 -28.37 -9.80
N LYS A 229 18.62 -28.30 -9.40
CA LYS A 229 19.65 -29.29 -9.73
C LYS A 229 20.35 -29.66 -8.42
N PHE A 230 20.92 -30.87 -8.34
CA PHE A 230 21.57 -31.31 -7.11
C PHE A 230 22.99 -31.77 -7.44
N PHE A 231 23.97 -31.39 -6.59
CA PHE A 231 25.39 -31.74 -6.83
C PHE A 231 26.10 -32.19 -5.59
N VAL A 232 27.21 -32.92 -5.78
CA VAL A 232 28.05 -33.35 -4.66
C VAL A 232 29.51 -33.06 -5.04
N VAL A 233 30.25 -32.38 -4.16
CA VAL A 233 31.68 -32.04 -4.35
C VAL A 233 32.54 -32.73 -3.29
N ASN A 234 33.72 -33.26 -3.70
CA ASN A 234 34.64 -33.86 -2.75
C ASN A 234 35.54 -32.75 -2.24
N THR A 235 35.46 -32.44 -0.94
CA THR A 235 36.22 -31.33 -0.37
C THR A 235 37.63 -31.77 0.01
N ASP A 236 37.95 -33.07 -0.12
CA ASP A 236 39.30 -33.56 0.22
C ASP A 236 40.24 -33.51 -0.98
N SER A 237 39.69 -33.29 -2.17
CA SER A 237 40.47 -33.24 -3.40
C SER A 237 40.42 -31.86 -4.08
N LEU A 238 40.30 -30.79 -3.26
CA LEU A 238 40.27 -29.43 -3.80
C LEU A 238 41.68 -28.94 -4.14
N SER A 239 41.79 -28.15 -5.23
CA SER A 239 43.05 -27.59 -5.73
C SER A 239 43.03 -26.07 -5.84
N SER A 240 44.18 -25.43 -5.55
CA SER A 240 44.36 -23.98 -5.68
C SER A 240 44.59 -23.60 -7.16
N VAL A 241 44.97 -24.60 -7.97
CA VAL A 241 45.30 -24.45 -9.41
C VAL A 241 44.10 -24.77 -10.31
N THR A 242 43.29 -25.77 -9.95
CA THR A 242 42.15 -26.22 -10.76
C THR A 242 40.80 -25.85 -10.09
N ASN A 243 39.75 -25.67 -10.90
CA ASN A 243 38.40 -25.41 -10.41
C ASN A 243 37.80 -26.73 -9.93
N ALA A 244 37.05 -26.71 -8.81
CA ALA A 244 36.44 -27.90 -8.22
C ALA A 244 35.44 -28.56 -9.15
N THR A 245 35.42 -29.89 -9.20
CA THR A 245 34.44 -30.57 -10.04
C THR A 245 33.26 -30.99 -9.15
N SER A 246 32.05 -30.57 -9.52
CA SER A 246 30.83 -30.97 -8.80
C SER A 246 30.16 -32.05 -9.61
N ILE A 247 29.78 -33.17 -8.95
CA ILE A 247 29.11 -34.27 -9.66
C ILE A 247 27.61 -34.10 -9.52
N GLN A 248 26.90 -34.05 -10.64
CA GLN A 248 25.46 -33.89 -10.60
C GLN A 248 24.74 -35.20 -10.35
N ILE A 249 23.72 -35.14 -9.49
CA ILE A 249 22.85 -36.27 -9.28
C ILE A 249 21.50 -35.84 -9.88
N THR A 250 21.12 -36.45 -11.00
CA THR A 250 19.89 -36.07 -11.68
C THR A 250 18.68 -36.72 -11.03
N ALA A 251 17.50 -36.05 -11.11
CA ALA A 251 16.24 -36.56 -10.57
C ALA A 251 15.80 -37.81 -11.39
N PRO A 252 15.06 -38.76 -10.80
CA PRO A 252 14.62 -39.93 -11.60
C PRO A 252 13.67 -39.55 -12.73
N ALA A 253 13.58 -40.41 -13.75
CA ALA A 253 12.73 -40.20 -14.94
C ALA A 253 11.26 -39.83 -14.62
N SER A 254 10.67 -40.47 -13.58
CA SER A 254 9.30 -40.22 -13.10
C SER A 254 9.10 -38.77 -12.63
N MET A 255 10.20 -38.06 -12.30
CA MET A 255 10.18 -36.63 -11.90
C MET A 255 10.47 -35.72 -13.11
N LEU A 256 11.49 -36.07 -13.92
CA LEU A 256 11.88 -35.26 -15.09
C LEU A 256 10.79 -35.01 -16.14
N ILE A 257 9.74 -35.85 -16.17
CA ILE A 257 8.60 -35.75 -17.09
C ILE A 257 7.80 -34.44 -16.94
N GLY A 258 7.94 -33.79 -15.79
CA GLY A 258 7.21 -32.55 -15.54
C GLY A 258 7.81 -31.74 -14.41
N ASP A 259 7.07 -30.69 -13.99
CA ASP A 259 7.53 -29.89 -12.87
C ASP A 259 7.65 -30.74 -11.59
N HIS A 260 8.69 -30.45 -10.81
CA HIS A 260 8.99 -31.21 -9.60
C HIS A 260 9.80 -30.38 -8.63
N TYR A 261 9.98 -30.94 -7.42
CA TYR A 261 10.77 -30.30 -6.39
C TYR A 261 11.75 -31.29 -5.79
N LEU A 262 12.82 -30.75 -5.18
CA LEU A 262 13.74 -31.51 -4.35
C LEU A 262 13.14 -31.24 -2.95
N CYS A 263 12.72 -32.29 -2.21
CA CYS A 263 12.08 -32.04 -0.92
C CYS A 263 12.81 -32.52 0.33
N ASP A 264 13.83 -33.40 0.16
CA ASP A 264 14.60 -33.88 1.32
C ASP A 264 15.98 -34.32 0.86
N VAL A 265 16.99 -34.08 1.70
CA VAL A 265 18.36 -34.56 1.49
C VAL A 265 18.78 -35.12 2.84
N THR A 266 19.16 -36.42 2.86
CA THR A 266 19.62 -37.03 4.09
C THR A 266 20.78 -37.98 3.78
N TRP A 267 21.96 -37.69 4.34
CA TRP A 267 23.12 -38.59 4.19
C TRP A 267 22.84 -39.87 4.98
N ALA A 268 23.19 -41.03 4.41
CA ALA A 268 23.02 -42.36 5.07
C ALA A 268 24.34 -42.80 5.69
N THR A 269 25.45 -42.74 4.91
CA THR A 269 26.78 -43.14 5.39
C THR A 269 27.80 -42.13 4.84
N GLN A 270 29.11 -42.43 4.99
CA GLN A 270 30.15 -41.56 4.41
C GLN A 270 30.07 -41.52 2.88
N GLU A 271 29.51 -42.57 2.26
CA GLU A 271 29.46 -42.68 0.80
C GLU A 271 28.08 -42.99 0.23
N ARG A 272 27.02 -42.73 1.02
CA ARG A 272 25.68 -43.00 0.54
C ARG A 272 24.78 -41.83 0.96
N ILE A 273 24.08 -41.26 -0.03
CA ILE A 273 23.15 -40.15 0.19
C ILE A 273 21.74 -40.50 -0.29
N SER A 274 20.71 -40.06 0.46
CA SER A 274 19.35 -40.27 0.01
C SER A 274 18.76 -38.91 -0.34
N LEU A 275 17.95 -38.86 -1.40
CA LEU A 275 17.25 -37.67 -1.86
C LEU A 275 15.81 -37.99 -2.05
N GLN A 276 14.92 -37.08 -1.67
CA GLN A 276 13.51 -37.29 -2.03
C GLN A 276 13.09 -36.16 -2.96
N TRP A 277 12.37 -36.54 -4.02
CA TRP A 277 11.85 -35.64 -5.05
C TRP A 277 10.33 -35.74 -5.00
N LEU A 278 9.67 -34.62 -5.25
CA LEU A 278 8.22 -34.53 -5.19
C LEU A 278 7.68 -33.96 -6.49
N ARG A 279 6.60 -34.55 -7.04
CA ARG A 279 6.02 -33.97 -8.26
C ARG A 279 5.31 -32.66 -7.91
N ARG A 280 5.18 -31.74 -8.87
CA ARG A 280 4.46 -30.48 -8.62
C ARG A 280 3.00 -30.76 -8.15
N ILE A 281 2.42 -31.88 -8.61
CA ILE A 281 1.15 -32.40 -8.10
C ILE A 281 1.66 -33.31 -6.99
N GLN A 282 1.59 -32.79 -5.77
CA GLN A 282 2.24 -33.29 -4.57
C GLN A 282 1.69 -34.56 -3.93
N ASN A 283 1.20 -35.50 -4.74
CA ASN A 283 0.70 -36.76 -4.21
C ASN A 283 1.58 -37.95 -4.67
N TYR A 284 2.77 -37.64 -5.20
CA TYR A 284 3.71 -38.66 -5.67
C TYR A 284 5.13 -38.18 -5.38
N SER A 285 5.90 -38.99 -4.65
CA SER A 285 7.29 -38.67 -4.30
C SER A 285 8.16 -39.89 -4.51
N VAL A 286 9.45 -39.68 -4.77
CA VAL A 286 10.39 -40.78 -4.98
C VAL A 286 11.65 -40.52 -4.21
N MET A 287 12.13 -41.53 -3.48
CA MET A 287 13.41 -41.45 -2.80
C MET A 287 14.43 -42.21 -3.65
N ASP A 288 15.60 -41.55 -3.93
CA ASP A 288 16.72 -42.22 -4.59
C ASP A 288 17.77 -42.45 -3.50
N ILE A 289 18.52 -43.57 -3.57
CA ILE A 289 19.58 -43.86 -2.62
C ILE A 289 20.81 -44.01 -3.50
N CYS A 290 21.76 -43.08 -3.34
CA CYS A 290 22.92 -42.93 -4.20
C CYS A 290 24.24 -43.25 -3.55
N ASP A 291 25.06 -44.12 -4.20
CA ASP A 291 26.36 -44.53 -3.66
C ASP A 291 27.50 -43.96 -4.47
N TYR A 292 28.55 -43.53 -3.77
CA TYR A 292 29.78 -43.03 -4.41
C TYR A 292 30.54 -44.23 -5.04
N ASP A 293 31.01 -44.06 -6.29
CA ASP A 293 31.79 -45.09 -7.01
C ASP A 293 33.24 -44.60 -7.08
N GLU A 294 34.10 -45.12 -6.19
CA GLU A 294 35.51 -44.77 -6.01
C GLU A 294 36.33 -44.85 -7.29
N SER A 295 36.02 -45.82 -8.17
CA SER A 295 36.73 -46.03 -9.43
C SER A 295 36.41 -44.98 -10.49
N SER A 296 35.15 -44.50 -10.52
CA SER A 296 34.72 -43.50 -11.51
C SER A 296 34.53 -42.09 -10.95
N GLY A 297 34.51 -41.95 -9.63
CA GLY A 297 34.27 -40.67 -8.95
C GLY A 297 32.84 -40.18 -9.13
N ARG A 298 31.96 -41.07 -9.61
CA ARG A 298 30.54 -40.79 -9.87
C ARG A 298 29.65 -41.23 -8.70
N TRP A 299 28.41 -40.74 -8.69
CA TRP A 299 27.39 -41.10 -7.70
C TRP A 299 26.30 -41.85 -8.49
N ASN A 300 26.05 -43.13 -8.14
CA ASN A 300 25.07 -43.93 -8.85
C ASN A 300 23.87 -44.23 -7.96
N CYS A 301 22.65 -44.03 -8.49
CA CYS A 301 21.40 -44.26 -7.76
C CYS A 301 20.69 -45.45 -8.43
N LEU A 302 20.87 -46.66 -7.85
CA LEU A 302 20.27 -47.89 -8.41
C LEU A 302 18.76 -47.83 -8.40
N VAL A 303 18.12 -48.18 -9.52
CA VAL A 303 16.66 -48.22 -9.65
C VAL A 303 16.05 -49.19 -8.60
N ALA A 304 16.75 -50.30 -8.27
CA ALA A 304 16.31 -51.26 -7.26
C ALA A 304 16.27 -50.64 -5.85
N ARG A 305 16.90 -49.48 -5.67
CA ARG A 305 16.92 -48.81 -4.38
C ARG A 305 15.95 -47.62 -4.30
N GLN A 306 15.10 -47.46 -5.32
CA GLN A 306 14.10 -46.38 -5.32
C GLN A 306 12.91 -46.73 -4.43
N HIS A 307 12.33 -45.72 -3.75
CA HIS A 307 11.18 -45.95 -2.90
C HIS A 307 10.14 -44.91 -3.23
N ILE A 308 8.97 -45.37 -3.70
CA ILE A 308 7.86 -44.49 -4.08
C ILE A 308 6.95 -44.27 -2.89
N GLU A 309 6.51 -43.02 -2.66
CA GLU A 309 5.54 -42.72 -1.62
C GLU A 309 4.45 -41.92 -2.30
N MET A 310 3.22 -42.42 -2.23
CA MET A 310 2.10 -41.75 -2.89
C MET A 310 0.85 -41.72 -2.03
N SER A 311 -0.09 -40.85 -2.41
CA SER A 311 -1.35 -40.74 -1.68
C SER A 311 -2.47 -40.66 -2.69
N THR A 312 -3.55 -41.40 -2.43
CA THR A 312 -4.75 -41.38 -3.27
C THR A 312 -5.81 -40.42 -2.67
N THR A 313 -5.70 -40.13 -1.35
CA THR A 313 -6.67 -39.25 -0.66
C THR A 313 -6.22 -37.80 -0.53
N GLY A 314 -4.92 -37.56 -0.65
CA GLY A 314 -4.41 -36.21 -0.49
C GLY A 314 -3.00 -36.06 -1.00
N TRP A 315 -2.20 -35.29 -0.28
CA TRP A 315 -0.80 -35.00 -0.61
C TRP A 315 0.09 -35.95 0.17
N VAL A 316 1.42 -35.93 -0.08
CA VAL A 316 2.35 -36.81 0.63
C VAL A 316 2.99 -36.05 1.81
N GLY A 317 2.96 -36.68 2.99
CA GLY A 317 3.54 -36.13 4.22
C GLY A 317 2.67 -35.09 4.87
N ARG A 318 3.04 -34.62 6.07
CA ARG A 318 2.20 -33.59 6.73
C ARG A 318 2.29 -32.28 5.94
N PHE A 319 3.51 -31.79 5.69
CA PHE A 319 3.79 -30.61 4.88
C PHE A 319 4.71 -30.99 3.73
N ARG A 320 5.40 -32.15 3.85
CA ARG A 320 6.31 -32.70 2.82
C ARG A 320 6.63 -34.14 3.21
N PRO A 321 7.10 -34.97 2.28
CA PRO A 321 7.50 -36.35 2.65
C PRO A 321 8.49 -36.34 3.82
N SER A 322 8.33 -37.24 4.78
CA SER A 322 9.18 -37.27 6.00
C SER A 322 10.64 -37.64 5.70
N GLU A 323 11.51 -37.37 6.68
CA GLU A 323 12.93 -37.68 6.58
C GLU A 323 13.20 -39.15 7.00
N PRO A 324 14.09 -39.86 6.27
CA PRO A 324 14.47 -41.22 6.69
C PRO A 324 15.50 -41.17 7.81
N HIS A 325 15.54 -42.20 8.65
CA HIS A 325 16.54 -42.31 9.72
C HIS A 325 17.27 -43.63 9.43
N PHE A 326 18.49 -43.52 8.89
CA PHE A 326 19.26 -44.70 8.50
C PHE A 326 19.99 -45.32 9.68
N THR A 327 20.17 -46.65 9.61
CA THR A 327 20.96 -47.41 10.60
C THR A 327 22.46 -47.09 10.40
N LEU A 328 23.34 -47.53 11.34
CA LEU A 328 24.80 -47.28 11.26
C LEU A 328 25.43 -47.71 9.91
N ASP A 329 25.03 -48.88 9.37
CA ASP A 329 25.56 -49.36 8.08
C ASP A 329 24.86 -48.77 6.86
N GLY A 330 23.76 -48.04 7.07
CA GLY A 330 23.01 -47.45 5.97
C GLY A 330 22.25 -48.42 5.07
N ASN A 331 22.09 -49.70 5.50
CA ASN A 331 21.42 -50.71 4.68
C ASN A 331 19.92 -50.75 4.87
N SER A 332 19.42 -50.00 5.86
CA SER A 332 18.00 -49.95 6.14
C SER A 332 17.69 -48.64 6.83
N PHE A 333 16.42 -48.28 6.88
CA PHE A 333 16.03 -47.01 7.52
C PHE A 333 14.63 -47.06 8.03
N TYR A 334 14.31 -46.09 8.88
CA TYR A 334 12.99 -45.94 9.49
C TYR A 334 12.42 -44.63 9.03
N LYS A 335 11.14 -44.62 8.70
CA LYS A 335 10.54 -43.41 8.15
C LYS A 335 9.07 -43.40 8.52
N ILE A 336 8.56 -42.21 8.88
CA ILE A 336 7.13 -42.09 9.20
C ILE A 336 6.36 -42.00 7.90
N ILE A 337 5.36 -42.87 7.73
CA ILE A 337 4.50 -42.81 6.55
C ILE A 337 3.06 -43.09 6.97
N SER A 338 2.09 -42.67 6.15
CA SER A 338 0.68 -42.93 6.47
C SER A 338 0.35 -44.41 6.20
N ASN A 339 -0.16 -45.11 7.23
CA ASN A 339 -0.47 -46.54 7.10
C ASN A 339 -1.79 -46.75 6.33
N GLU A 340 -2.24 -48.00 6.17
CA GLU A 340 -3.48 -48.30 5.43
C GLU A 340 -4.77 -47.75 6.09
N GLU A 341 -4.70 -47.41 7.39
CA GLU A 341 -5.80 -46.81 8.13
C GLU A 341 -5.74 -45.24 8.09
N GLY A 342 -4.69 -44.69 7.44
CA GLY A 342 -4.50 -43.25 7.33
C GLY A 342 -3.79 -42.64 8.53
N TYR A 343 -3.20 -43.48 9.42
CA TYR A 343 -2.48 -42.99 10.60
C TYR A 343 -0.97 -43.04 10.35
N ARG A 344 -0.26 -41.96 10.70
CA ARG A 344 1.19 -41.87 10.47
C ARG A 344 1.96 -42.65 11.52
N HIS A 345 2.68 -43.66 11.03
CA HIS A 345 3.43 -44.60 11.89
C HIS A 345 4.83 -44.86 11.35
N ILE A 346 5.68 -45.49 12.15
CA ILE A 346 7.05 -45.76 11.69
C ILE A 346 7.12 -47.03 10.87
N CYS A 347 7.64 -46.93 9.64
CA CYS A 347 7.84 -48.07 8.76
C CYS A 347 9.35 -48.34 8.64
N TYR A 348 9.73 -49.63 8.65
CA TYR A 348 11.10 -50.06 8.55
C TYR A 348 11.35 -50.58 7.13
N PHE A 349 12.29 -49.93 6.43
CA PHE A 349 12.64 -50.25 5.04
C PHE A 349 14.00 -50.86 4.90
N GLN A 350 14.19 -51.74 3.90
CA GLN A 350 15.49 -52.25 3.49
C GLN A 350 15.79 -51.43 2.27
N ILE A 351 17.05 -50.97 2.08
CA ILE A 351 17.34 -50.08 0.94
C ILE A 351 16.98 -50.63 -0.43
N ASP A 352 16.99 -51.97 -0.58
CA ASP A 352 16.71 -52.61 -1.87
C ASP A 352 15.41 -53.43 -1.91
N LYS A 353 14.45 -53.17 -1.00
CA LYS A 353 13.17 -53.86 -0.99
C LYS A 353 12.04 -52.86 -1.02
N LYS A 354 11.00 -53.14 -1.85
CA LYS A 354 9.84 -52.25 -1.99
C LYS A 354 8.94 -52.23 -0.74
N ASP A 355 8.67 -53.39 -0.16
CA ASP A 355 7.76 -53.45 0.98
C ASP A 355 8.45 -53.06 2.28
N CYS A 356 7.83 -52.16 3.05
CA CYS A 356 8.35 -51.80 4.37
C CYS A 356 7.47 -52.47 5.43
N THR A 357 7.99 -52.59 6.65
CA THR A 357 7.22 -53.20 7.75
C THR A 357 6.89 -52.12 8.80
N PHE A 358 5.61 -51.96 9.15
CA PHE A 358 5.24 -50.99 10.19
C PHE A 358 5.62 -51.53 11.54
N ILE A 359 6.31 -50.71 12.34
CA ILE A 359 6.75 -51.11 13.66
C ILE A 359 5.85 -50.56 14.76
N THR A 360 5.07 -49.51 14.43
CA THR A 360 4.06 -48.97 15.36
C THR A 360 2.72 -48.98 14.61
N LYS A 361 1.62 -48.98 15.36
CA LYS A 361 0.27 -49.00 14.80
C LYS A 361 -0.71 -48.51 15.86
N GLY A 362 -1.87 -48.10 15.42
CA GLY A 362 -2.93 -47.63 16.31
C GLY A 362 -3.58 -46.35 15.83
N THR A 363 -4.67 -45.94 16.51
CA THR A 363 -5.45 -44.74 16.15
C THR A 363 -4.86 -43.55 16.92
N TRP A 364 -3.63 -43.21 16.56
CA TRP A 364 -2.84 -42.10 17.10
C TRP A 364 -1.69 -42.00 16.13
N GLU A 365 -0.83 -40.98 16.27
CA GLU A 365 0.26 -40.84 15.29
C GLU A 365 1.61 -40.60 15.91
N VAL A 366 2.66 -41.02 15.19
CA VAL A 366 4.04 -40.72 15.55
C VAL A 366 4.27 -39.30 15.03
N ILE A 367 4.77 -38.43 15.88
CA ILE A 367 5.07 -37.03 15.53
C ILE A 367 6.44 -36.94 14.85
N GLY A 368 7.44 -37.56 15.45
CA GLY A 368 8.77 -37.56 14.86
C GLY A 368 9.65 -38.64 15.44
N ILE A 369 10.62 -39.09 14.65
CA ILE A 369 11.65 -40.05 15.09
C ILE A 369 12.77 -39.16 15.64
N GLU A 370 13.22 -39.46 16.86
CA GLU A 370 14.18 -38.61 17.56
C GLU A 370 15.60 -39.13 17.67
N ALA A 371 15.75 -40.45 17.82
CA ALA A 371 17.08 -41.05 17.94
C ALA A 371 16.97 -42.53 17.59
N LEU A 372 18.09 -43.08 17.14
CA LEU A 372 18.14 -44.47 16.75
C LEU A 372 19.45 -45.10 17.19
N THR A 373 19.37 -46.24 17.86
CA THR A 373 20.53 -47.06 18.24
C THR A 373 20.31 -48.46 17.62
N SER A 374 21.28 -49.37 17.80
CA SER A 374 21.11 -50.73 17.29
C SER A 374 19.99 -51.47 18.03
N ASP A 375 19.65 -51.03 19.27
CA ASP A 375 18.63 -51.73 20.06
C ASP A 375 17.28 -51.02 20.13
N TYR A 376 17.27 -49.69 20.07
CA TYR A 376 16.04 -48.93 20.22
C TYR A 376 15.88 -47.80 19.24
N LEU A 377 14.63 -47.48 18.94
CA LEU A 377 14.29 -46.28 18.21
C LEU A 377 13.47 -45.43 19.20
N TYR A 378 13.82 -44.15 19.32
CA TYR A 378 13.14 -43.20 20.21
C TYR A 378 12.29 -42.29 19.36
N TYR A 379 11.02 -42.09 19.76
CA TYR A 379 10.11 -41.23 19.00
C TYR A 379 9.17 -40.49 19.92
N ILE A 380 8.51 -39.45 19.39
CA ILE A 380 7.47 -38.70 20.10
C ILE A 380 6.14 -39.06 19.44
N SER A 381 5.10 -39.30 20.24
CA SER A 381 3.78 -39.61 19.65
C SER A 381 2.70 -39.02 20.56
N ASN A 382 1.47 -39.01 20.09
CA ASN A 382 0.35 -38.53 20.90
C ASN A 382 -0.50 -39.75 21.34
N GLU A 383 0.15 -40.92 21.49
CA GLU A 383 -0.56 -42.12 21.93
C GLU A 383 -1.22 -41.98 23.33
N TYR A 384 -0.49 -41.38 24.29
CA TYR A 384 -0.91 -41.33 25.68
C TYR A 384 -2.32 -40.82 25.92
N LYS A 385 -3.14 -41.67 26.56
CA LYS A 385 -4.54 -41.41 26.91
C LYS A 385 -5.42 -40.98 25.72
N GLY A 386 -5.00 -41.33 24.50
CA GLY A 386 -5.69 -40.96 23.27
C GLY A 386 -5.89 -39.46 23.11
N MET A 387 -4.97 -38.65 23.64
CA MET A 387 -5.06 -37.18 23.55
C MET A 387 -4.20 -36.70 22.37
N PRO A 388 -4.82 -36.32 21.21
CA PRO A 388 -4.00 -35.89 20.05
C PRO A 388 -3.15 -34.64 20.27
N GLY A 389 -3.53 -33.84 21.28
CA GLY A 389 -2.88 -32.59 21.66
C GLY A 389 -1.83 -32.71 22.77
N GLY A 390 -1.48 -33.95 23.14
CA GLY A 390 -0.42 -34.27 24.08
C GLY A 390 0.74 -34.90 23.33
N ARG A 391 1.96 -34.89 23.91
CA ARG A 391 3.15 -35.46 23.24
C ARG A 391 4.03 -36.09 24.29
N ASN A 392 4.48 -37.32 24.02
CA ASN A 392 5.39 -38.01 24.94
C ASN A 392 6.46 -38.73 24.18
N LEU A 393 7.57 -38.98 24.87
CA LEU A 393 8.71 -39.72 24.33
C LEU A 393 8.53 -41.21 24.65
N TYR A 394 8.78 -42.06 23.64
CA TYR A 394 8.69 -43.50 23.78
C TYR A 394 9.94 -44.09 23.17
N LYS A 395 10.25 -45.33 23.56
CA LYS A 395 11.28 -46.11 22.89
C LYS A 395 10.68 -47.47 22.53
N ILE A 396 11.08 -47.99 21.37
CA ILE A 396 10.62 -49.29 20.87
C ILE A 396 11.83 -50.20 20.70
N GLN A 397 11.73 -51.42 21.24
CA GLN A 397 12.80 -52.38 21.12
C GLN A 397 12.78 -52.93 19.71
N LEU A 398 13.87 -52.73 18.98
CA LEU A 398 13.95 -53.12 17.58
C LEU A 398 13.93 -54.64 17.35
N SER A 399 14.31 -55.44 18.35
CA SER A 399 14.26 -56.90 18.24
C SER A 399 12.85 -57.45 18.60
N ASP A 400 11.98 -56.61 19.19
CA ASP A 400 10.63 -57.03 19.58
C ASP A 400 9.73 -55.82 19.66
N TYR A 401 8.99 -55.57 18.56
CA TYR A 401 8.07 -54.42 18.42
C TYR A 401 6.93 -54.37 19.46
N THR A 402 6.64 -55.48 20.15
CA THR A 402 5.60 -55.47 21.19
C THR A 402 6.10 -54.74 22.45
N LYS A 403 7.43 -54.52 22.57
CA LYS A 403 8.02 -53.87 23.73
C LYS A 403 8.23 -52.39 23.48
N VAL A 404 7.19 -51.59 23.77
CA VAL A 404 7.20 -50.13 23.64
C VAL A 404 7.13 -49.58 25.08
N THR A 405 8.07 -48.69 25.45
CA THR A 405 8.11 -48.12 26.79
C THR A 405 7.88 -46.62 26.70
N CYS A 406 6.94 -46.07 27.50
CA CYS A 406 6.83 -44.61 27.51
C CYS A 406 7.86 -44.06 28.47
N LEU A 407 8.66 -43.08 28.02
CA LEU A 407 9.71 -42.55 28.86
C LEU A 407 9.35 -41.27 29.58
N SER A 408 8.32 -40.56 29.12
CA SER A 408 7.99 -39.29 29.75
C SER A 408 6.56 -39.26 30.36
N CYS A 409 5.68 -40.22 30.01
CA CYS A 409 4.26 -40.25 30.39
C CYS A 409 4.03 -40.01 31.88
N GLU A 410 4.74 -40.77 32.72
CA GLU A 410 4.51 -40.75 34.16
C GLU A 410 5.46 -39.92 34.99
N LEU A 411 6.32 -39.11 34.37
CA LEU A 411 7.28 -38.30 35.13
C LEU A 411 6.54 -37.32 36.03
N ASN A 412 5.57 -36.58 35.46
CA ASN A 412 4.75 -35.61 36.19
C ASN A 412 3.44 -35.46 35.39
N PRO A 413 2.51 -36.42 35.53
CA PRO A 413 1.31 -36.41 34.66
C PRO A 413 0.40 -35.18 34.75
N GLU A 414 0.33 -34.56 35.93
CA GLU A 414 -0.51 -33.37 36.11
C GLU A 414 0.14 -32.14 35.47
N ARG A 415 1.48 -32.01 35.58
CA ARG A 415 2.18 -30.84 35.06
C ARG A 415 2.63 -30.98 33.60
N CYS A 416 2.99 -32.20 33.21
CA CYS A 416 3.64 -32.44 31.93
C CYS A 416 2.99 -33.45 31.01
N GLN A 417 2.37 -32.94 29.94
CA GLN A 417 1.68 -33.76 28.94
C GLN A 417 2.15 -33.43 27.53
N TYR A 418 3.12 -32.51 27.37
CA TYR A 418 3.61 -32.11 26.05
C TYR A 418 5.13 -32.00 26.09
N TYR A 419 5.80 -32.97 25.49
CA TYR A 419 7.26 -33.03 25.53
C TYR A 419 7.90 -32.93 24.17
N SER A 420 9.11 -32.41 24.17
CA SER A 420 10.07 -32.50 23.06
C SER A 420 11.37 -33.01 23.70
N VAL A 421 12.33 -33.45 22.87
CA VAL A 421 13.55 -34.07 23.42
C VAL A 421 14.76 -33.70 22.61
N SER A 422 15.94 -33.69 23.26
CA SER A 422 17.21 -33.47 22.59
C SER A 422 18.18 -34.55 23.07
N PHE A 423 18.61 -35.44 22.16
CA PHE A 423 19.56 -36.50 22.53
C PHE A 423 21.01 -36.09 22.31
N SER A 424 21.92 -36.65 23.11
CA SER A 424 23.38 -36.45 22.94
C SER A 424 23.80 -37.20 21.65
N LYS A 425 25.06 -37.04 21.22
CA LYS A 425 25.55 -37.61 19.95
C LYS A 425 25.23 -39.05 19.57
N GLU A 426 25.38 -40.00 20.51
CA GLU A 426 25.08 -41.41 20.26
C GLU A 426 23.95 -41.89 21.18
N ALA A 427 23.05 -40.95 21.55
CA ALA A 427 21.86 -41.20 22.37
C ALA A 427 22.17 -41.73 23.79
N LYS A 428 23.37 -41.42 24.34
CA LYS A 428 23.68 -41.85 25.71
C LYS A 428 22.83 -41.05 26.73
N TYR A 429 22.48 -39.81 26.39
CA TYR A 429 21.69 -38.95 27.28
C TYR A 429 20.62 -38.26 26.53
N TYR A 430 19.59 -37.81 27.24
CA TYR A 430 18.54 -37.02 26.61
C TYR A 430 18.01 -35.96 27.55
N GLN A 431 17.75 -34.80 26.98
CA GLN A 431 17.12 -33.69 27.70
C GLN A 431 15.64 -33.71 27.33
N LEU A 432 14.75 -33.79 28.33
CA LEU A 432 13.32 -33.68 28.08
C LEU A 432 12.90 -32.27 28.36
N ARG A 433 12.02 -31.73 27.49
CA ARG A 433 11.52 -30.36 27.62
C ARG A 433 10.00 -30.46 27.69
N CYS A 434 9.44 -30.28 28.88
CA CYS A 434 7.98 -30.31 29.13
C CYS A 434 7.47 -28.88 28.91
N SER A 435 6.48 -28.68 28.02
CA SER A 435 5.97 -27.32 27.77
C SER A 435 4.54 -27.05 28.26
N GLY A 436 3.95 -28.03 28.95
CA GLY A 436 2.62 -27.84 29.50
C GLY A 436 1.93 -29.12 29.89
N PRO A 437 0.74 -29.06 30.55
CA PRO A 437 -0.08 -27.87 30.86
C PRO A 437 0.44 -26.92 31.95
N GLY A 438 1.36 -27.43 32.76
CA GLY A 438 1.99 -26.61 33.80
C GLY A 438 3.15 -25.80 33.25
N LEU A 439 3.92 -25.16 34.15
CA LEU A 439 5.08 -24.40 33.72
C LEU A 439 6.17 -25.30 33.12
N PRO A 440 6.88 -24.81 32.09
CA PRO A 440 7.90 -25.64 31.45
C PRO A 440 8.94 -26.17 32.42
N LEU A 441 9.32 -27.43 32.20
CA LEU A 441 10.25 -28.18 33.03
C LEU A 441 11.25 -28.88 32.16
N TYR A 442 12.54 -28.66 32.46
CA TYR A 442 13.66 -29.20 31.67
C TYR A 442 14.40 -30.15 32.56
N THR A 443 14.59 -31.38 32.08
CA THR A 443 15.25 -32.44 32.87
C THR A 443 16.26 -33.18 32.01
N LEU A 444 17.25 -33.79 32.66
CA LEU A 444 18.29 -34.55 32.00
C LEU A 444 18.22 -36.01 32.39
N HIS A 445 18.37 -36.91 31.40
CA HIS A 445 18.22 -38.34 31.58
C HIS A 445 19.36 -39.14 30.93
N SER A 446 19.63 -40.34 31.48
CA SER A 446 20.60 -41.27 30.85
C SER A 446 19.82 -42.43 30.23
N SER A 447 20.15 -42.80 28.99
CA SER A 447 19.42 -43.82 28.27
C SER A 447 19.57 -45.26 28.79
N VAL A 448 20.72 -45.60 29.35
CA VAL A 448 20.98 -47.00 29.76
C VAL A 448 19.86 -47.66 30.58
N ASN A 449 19.37 -46.95 31.61
CA ASN A 449 18.29 -47.42 32.48
C ASN A 449 17.21 -46.32 32.63
N ASP A 450 17.20 -45.34 31.72
CA ASP A 450 16.24 -44.21 31.75
C ASP A 450 16.21 -43.50 33.11
N LYS A 451 17.38 -43.32 33.70
CA LYS A 451 17.51 -42.60 34.98
C LYS A 451 17.21 -41.13 34.78
N GLY A 452 16.49 -40.54 35.74
CA GLY A 452 16.21 -39.12 35.74
C GLY A 452 17.32 -38.46 36.52
N LEU A 453 18.39 -38.03 35.83
CA LEU A 453 19.58 -37.48 36.48
C LEU A 453 19.31 -36.26 37.31
N ARG A 454 18.82 -35.18 36.67
CA ARG A 454 18.62 -33.94 37.39
C ARG A 454 17.62 -33.02 36.74
N VAL A 455 17.10 -32.06 37.55
CA VAL A 455 16.23 -31.00 37.08
C VAL A 455 17.13 -29.85 36.61
N LEU A 456 17.00 -29.46 35.34
CA LEU A 456 17.86 -28.40 34.78
C LEU A 456 17.25 -27.01 35.02
N GLU A 457 15.94 -26.89 34.82
CA GLU A 457 15.20 -25.63 35.00
C GLU A 457 13.73 -25.98 35.28
N ASP A 458 13.18 -25.50 36.40
CA ASP A 458 11.79 -25.85 36.77
C ASP A 458 10.85 -24.65 36.83
N ASN A 459 11.35 -23.45 36.48
CA ASN A 459 10.56 -22.22 36.45
C ASN A 459 9.91 -21.92 37.83
N SER A 460 10.62 -22.31 38.92
CA SER A 460 10.07 -22.04 40.25
C SER A 460 10.01 -20.53 40.54
N ALA A 461 10.90 -19.72 39.92
CA ALA A 461 10.89 -18.25 40.08
C ALA A 461 9.59 -17.68 39.48
N LEU A 462 9.20 -18.15 38.29
CA LEU A 462 7.97 -17.68 37.64
C LEU A 462 6.73 -18.17 38.40
N ASP A 463 6.77 -19.43 38.89
CA ASP A 463 5.69 -19.98 39.70
C ASP A 463 5.43 -19.06 40.92
N LYS A 464 6.51 -18.59 41.57
CA LYS A 464 6.40 -17.69 42.75
C LYS A 464 5.73 -16.36 42.34
N MET A 465 6.13 -15.81 41.18
CA MET A 465 5.54 -14.57 40.68
C MET A 465 4.07 -14.71 40.32
N LEU A 466 3.70 -15.82 39.67
CA LEU A 466 2.34 -16.08 39.22
C LEU A 466 1.35 -16.40 40.35
N GLN A 467 1.86 -16.76 41.55
CA GLN A 467 1.02 -17.02 42.73
C GLN A 467 0.21 -15.77 43.12
N ASN A 468 0.77 -14.57 42.87
CA ASN A 468 0.15 -13.27 43.15
C ASN A 468 -0.71 -12.71 42.00
N VAL A 469 -0.99 -13.52 40.96
CA VAL A 469 -1.75 -13.10 39.77
C VAL A 469 -2.99 -14.00 39.58
N GLN A 470 -4.13 -13.39 39.19
CA GLN A 470 -5.36 -14.17 38.94
C GLN A 470 -5.23 -14.71 37.52
N MET A 471 -4.64 -15.88 37.39
CA MET A 471 -4.38 -16.50 36.09
C MET A 471 -5.56 -17.27 35.56
N PRO A 472 -5.73 -17.30 34.22
CA PRO A 472 -6.79 -18.11 33.64
C PRO A 472 -6.44 -19.60 33.68
N SER A 473 -7.43 -20.43 33.45
CA SER A 473 -7.26 -21.88 33.37
C SER A 473 -7.50 -22.30 31.93
N LYS A 474 -7.12 -23.54 31.62
CA LYS A 474 -7.36 -24.07 30.29
C LYS A 474 -8.13 -25.37 30.38
N LYS A 475 -9.24 -25.45 29.67
CA LYS A 475 -10.03 -26.66 29.56
C LYS A 475 -9.78 -27.27 28.18
N LEU A 476 -9.41 -28.55 28.14
CA LEU A 476 -9.21 -29.28 26.88
C LEU A 476 -10.26 -30.39 26.88
N ASP A 477 -11.13 -30.41 25.87
CA ASP A 477 -12.19 -31.40 25.77
C ASP A 477 -12.55 -31.63 24.30
N PHE A 478 -13.66 -32.33 24.04
CA PHE A 478 -14.08 -32.63 22.68
C PHE A 478 -15.60 -32.55 22.50
N ILE A 479 -16.02 -32.43 21.24
CA ILE A 479 -17.40 -32.46 20.77
C ILE A 479 -17.48 -33.55 19.70
N ILE A 480 -18.69 -34.08 19.45
CA ILE A 480 -18.86 -35.13 18.47
C ILE A 480 -19.66 -34.61 17.29
N LEU A 481 -19.09 -34.72 16.07
CA LEU A 481 -19.70 -34.33 14.80
C LEU A 481 -19.64 -35.55 13.90
N ASN A 482 -20.82 -36.07 13.47
CA ASN A 482 -20.93 -37.25 12.58
C ASN A 482 -20.09 -38.45 13.06
N GLU A 483 -20.24 -38.83 14.34
CA GLU A 483 -19.55 -39.95 14.99
C GLU A 483 -18.05 -39.74 15.22
N THR A 484 -17.49 -38.57 14.84
CA THR A 484 -16.05 -38.29 15.04
C THR A 484 -15.84 -37.30 16.19
N LYS A 485 -14.84 -37.56 17.04
CA LYS A 485 -14.56 -36.60 18.10
C LYS A 485 -13.62 -35.53 17.57
N PHE A 486 -13.94 -34.26 17.85
CA PHE A 486 -13.09 -33.13 17.46
C PHE A 486 -12.81 -32.35 18.72
N TRP A 487 -11.53 -32.06 18.95
CA TRP A 487 -11.07 -31.42 20.17
C TRP A 487 -11.11 -29.90 20.14
N TYR A 488 -11.30 -29.30 21.30
CA TYR A 488 -11.28 -27.86 21.48
C TYR A 488 -10.60 -27.51 22.80
N GLN A 489 -10.18 -26.26 22.93
CA GLN A 489 -9.66 -25.75 24.17
C GLN A 489 -10.35 -24.45 24.47
N MET A 490 -10.48 -24.13 25.76
CA MET A 490 -10.99 -22.85 26.20
C MET A 490 -10.06 -22.29 27.25
N ILE A 491 -9.64 -21.05 27.05
CA ILE A 491 -8.86 -20.29 28.02
C ILE A 491 -9.96 -19.63 28.83
N LEU A 492 -10.11 -20.06 30.08
CA LEU A 492 -11.20 -19.61 30.94
C LEU A 492 -10.78 -18.54 31.91
N PRO A 493 -11.58 -17.47 32.09
CA PRO A 493 -11.20 -16.45 33.10
C PRO A 493 -10.99 -17.00 34.52
N PRO A 494 -10.19 -16.31 35.35
CA PRO A 494 -10.01 -16.77 36.75
C PRO A 494 -11.36 -16.78 37.49
N HIS A 495 -11.53 -17.68 38.49
CA HIS A 495 -12.80 -17.82 39.25
C HIS A 495 -13.99 -18.08 38.30
N PHE A 496 -13.77 -18.86 37.21
CA PHE A 496 -14.78 -19.18 36.21
C PHE A 496 -16.05 -19.72 36.87
N ASP A 497 -17.20 -19.16 36.50
CA ASP A 497 -18.47 -19.54 37.09
C ASP A 497 -19.44 -19.95 35.98
N LYS A 498 -19.73 -21.27 35.88
CA LYS A 498 -20.60 -21.85 34.83
C LYS A 498 -22.05 -21.33 34.82
N SER A 499 -22.46 -20.63 35.89
CA SER A 499 -23.80 -20.02 36.03
C SER A 499 -23.84 -18.60 35.41
N LYS A 500 -22.68 -18.06 35.03
CA LYS A 500 -22.55 -16.74 34.39
C LYS A 500 -22.32 -16.89 32.89
N LYS A 501 -22.74 -15.88 32.10
CA LYS A 501 -22.54 -15.88 30.65
C LYS A 501 -21.37 -14.95 30.31
N TYR A 502 -20.37 -15.51 29.64
CA TYR A 502 -19.17 -14.80 29.25
C TYR A 502 -19.15 -14.55 27.75
N PRO A 503 -18.56 -13.42 27.30
CA PRO A 503 -18.39 -13.25 25.84
C PRO A 503 -17.30 -14.26 25.42
N LEU A 504 -17.31 -14.65 24.16
CA LEU A 504 -16.37 -15.67 23.70
C LEU A 504 -15.66 -15.23 22.41
N LEU A 505 -14.32 -15.41 22.38
CA LEU A 505 -13.53 -15.13 21.19
C LEU A 505 -13.00 -16.46 20.64
N LEU A 506 -13.30 -16.76 19.39
CA LEU A 506 -12.82 -17.97 18.72
C LEU A 506 -11.50 -17.59 18.02
N ASP A 507 -10.40 -18.16 18.51
CA ASP A 507 -9.02 -17.92 18.03
C ASP A 507 -8.80 -19.06 17.04
N VAL A 508 -8.62 -18.71 15.75
CA VAL A 508 -8.53 -19.71 14.69
CA VAL A 508 -8.57 -19.65 14.62
C VAL A 508 -7.25 -19.71 13.87
N TYR A 509 -6.84 -20.95 13.47
CA TYR A 509 -5.74 -21.20 12.54
C TYR A 509 -6.52 -22.03 11.48
N ALA A 510 -6.83 -23.33 11.75
CA ALA A 510 -7.67 -24.22 10.93
C ALA A 510 -7.14 -24.57 9.55
N GLY A 511 -5.85 -24.31 9.33
CA GLY A 511 -5.22 -24.74 8.08
C GLY A 511 -4.96 -26.25 8.09
N PRO A 512 -4.62 -26.82 6.92
CA PRO A 512 -4.32 -28.26 6.85
C PRO A 512 -3.15 -28.62 7.76
N CYS A 513 -3.40 -29.64 8.62
CA CYS A 513 -2.47 -30.17 9.64
C CYS A 513 -2.30 -29.22 10.83
N SER A 514 -3.17 -28.23 10.97
CA SER A 514 -3.09 -27.33 12.13
C SER A 514 -3.54 -28.06 13.42
N GLN A 515 -3.08 -27.59 14.58
CA GLN A 515 -3.56 -28.10 15.85
C GLN A 515 -3.56 -26.92 16.83
N LYS A 516 -4.75 -26.45 17.20
CA LYS A 516 -4.93 -25.32 18.13
C LYS A 516 -5.47 -25.75 19.49
N ALA A 517 -5.79 -27.02 19.64
CA ALA A 517 -6.26 -27.56 20.91
C ALA A 517 -5.12 -28.46 21.39
N ASP A 518 -4.39 -28.01 22.41
CA ASP A 518 -3.28 -28.81 22.91
C ASP A 518 -3.03 -28.56 24.39
N THR A 519 -2.03 -29.24 24.95
CA THR A 519 -1.71 -29.10 26.39
C THR A 519 -0.59 -28.10 26.66
N VAL A 520 -0.21 -27.26 25.69
CA VAL A 520 0.90 -26.30 25.89
C VAL A 520 0.50 -25.12 26.80
N PHE A 521 1.41 -24.73 27.72
CA PHE A 521 1.22 -23.55 28.57
C PHE A 521 1.72 -22.32 27.77
N ARG A 522 0.86 -21.29 27.63
CA ARG A 522 1.23 -20.07 26.90
C ARG A 522 0.90 -18.84 27.69
N LEU A 523 1.71 -17.81 27.52
CA LEU A 523 1.47 -16.48 28.09
C LEU A 523 1.34 -15.59 26.86
N ASN A 524 0.10 -15.26 26.49
CA ASN A 524 -0.09 -14.50 25.25
C ASN A 524 -1.27 -13.52 25.36
N TRP A 525 -1.75 -13.02 24.21
CA TRP A 525 -2.89 -12.11 24.19
C TRP A 525 -4.13 -12.73 24.81
N ALA A 526 -4.39 -14.03 24.52
CA ALA A 526 -5.54 -14.75 25.08
C ALA A 526 -5.45 -14.78 26.61
N THR A 527 -4.23 -14.90 27.18
CA THR A 527 -4.07 -14.87 28.65
C THR A 527 -4.64 -13.56 29.22
N TYR A 528 -4.28 -12.42 28.61
CA TYR A 528 -4.77 -11.10 29.04
C TYR A 528 -6.29 -11.01 28.89
N LEU A 529 -6.82 -11.42 27.71
CA LEU A 529 -8.27 -11.33 27.44
C LEU A 529 -9.07 -12.11 28.48
N ALA A 530 -8.60 -13.32 28.83
CA ALA A 530 -9.30 -14.10 29.85
C ALA A 530 -9.08 -13.53 31.26
N SER A 531 -7.84 -13.24 31.61
CA SER A 531 -7.49 -12.80 32.97
C SER A 531 -8.05 -11.43 33.35
N THR A 532 -7.82 -10.43 32.48
CA THR A 532 -8.25 -9.05 32.74
C THR A 532 -9.66 -8.74 32.25
N GLU A 533 -9.98 -9.15 30.99
CA GLU A 533 -11.25 -8.83 30.35
C GLU A 533 -12.39 -9.83 30.56
N ASN A 534 -12.11 -11.00 31.16
CA ASN A 534 -13.12 -12.03 31.41
C ASN A 534 -13.78 -12.55 30.14
N ILE A 535 -12.96 -12.72 29.10
CA ILE A 535 -13.42 -13.28 27.84
C ILE A 535 -12.94 -14.72 27.78
N ILE A 536 -13.80 -15.63 27.33
CA ILE A 536 -13.34 -17.00 27.10
C ILE A 536 -12.69 -16.99 25.71
N VAL A 537 -11.47 -17.56 25.60
CA VAL A 537 -10.80 -17.64 24.28
C VAL A 537 -10.77 -19.10 23.90
N ALA A 538 -11.58 -19.48 22.90
CA ALA A 538 -11.72 -20.87 22.47
C ALA A 538 -11.01 -21.13 21.13
N SER A 539 -10.55 -22.37 20.96
CA SER A 539 -9.97 -22.81 19.69
C SER A 539 -10.47 -24.19 19.43
N PHE A 540 -10.66 -24.52 18.14
CA PHE A 540 -11.26 -25.80 17.75
C PHE A 540 -10.49 -26.40 16.59
N ASP A 541 -10.26 -27.72 16.64
CA ASP A 541 -9.60 -28.47 15.56
C ASP A 541 -10.63 -29.35 14.84
N GLY A 542 -11.09 -28.86 13.70
CA GLY A 542 -12.11 -29.54 12.90
C GLY A 542 -11.54 -30.30 11.72
N ARG A 543 -12.33 -30.44 10.66
CA ARG A 543 -11.83 -31.15 9.48
C ARG A 543 -10.62 -30.42 8.87
N GLY A 544 -9.64 -31.20 8.46
CA GLY A 544 -8.39 -30.69 7.93
C GLY A 544 -7.31 -30.55 9.00
N SER A 545 -7.67 -30.66 10.31
CA SER A 545 -6.67 -30.51 11.39
C SER A 545 -5.70 -31.73 11.43
N GLY A 546 -4.53 -31.59 12.05
CA GLY A 546 -3.55 -32.66 12.00
C GLY A 546 -3.51 -33.61 13.16
N TYR A 547 -2.58 -34.57 13.04
CA TYR A 547 -2.18 -35.52 14.09
C TYR A 547 -3.29 -36.46 14.55
N GLN A 548 -4.35 -36.61 13.71
CA GLN A 548 -5.50 -37.45 14.03
C GLN A 548 -5.83 -38.39 12.88
N GLY A 549 -4.90 -38.55 11.96
CA GLY A 549 -5.10 -39.41 10.79
C GLY A 549 -5.60 -38.68 9.58
N ASP A 550 -5.40 -39.30 8.41
CA ASP A 550 -5.79 -38.71 7.13
C ASP A 550 -7.27 -38.58 6.88
N LYS A 551 -8.13 -39.40 7.54
CA LYS A 551 -9.59 -39.22 7.31
C LYS A 551 -9.97 -37.78 7.69
N ILE A 552 -9.37 -37.25 8.78
CA ILE A 552 -9.61 -35.89 9.21
C ILE A 552 -8.74 -34.94 8.41
N MET A 553 -7.42 -35.22 8.31
CA MET A 553 -6.54 -34.27 7.63
C MET A 553 -6.88 -34.01 6.17
N HIS A 554 -7.11 -35.08 5.42
CA HIS A 554 -7.38 -34.97 3.99
C HIS A 554 -8.81 -34.61 3.65
N ALA A 555 -9.66 -34.33 4.66
CA ALA A 555 -11.06 -33.99 4.41
C ALA A 555 -11.20 -32.75 3.53
N ILE A 556 -10.20 -31.83 3.59
CA ILE A 556 -10.18 -30.58 2.82
C ILE A 556 -9.37 -30.65 1.55
N ASN A 557 -8.96 -31.87 1.15
CA ASN A 557 -8.18 -32.01 -0.09
C ASN A 557 -8.95 -31.42 -1.27
N ARG A 558 -8.28 -30.52 -2.03
CA ARG A 558 -8.80 -29.83 -3.22
C ARG A 558 -9.94 -28.90 -2.91
N ARG A 559 -10.19 -28.68 -1.60
CA ARG A 559 -11.34 -27.93 -1.12
C ARG A 559 -11.06 -27.01 0.07
N LEU A 560 -10.00 -26.19 0.00
CA LEU A 560 -9.77 -25.20 1.07
C LEU A 560 -10.92 -24.21 1.10
N GLY A 561 -11.23 -23.69 2.28
CA GLY A 561 -12.30 -22.72 2.47
C GLY A 561 -13.68 -23.38 2.45
N THR A 562 -13.75 -24.69 2.77
CA THR A 562 -15.04 -25.41 2.86
C THR A 562 -15.25 -25.96 4.27
N PHE A 563 -14.94 -27.25 4.49
CA PHE A 563 -15.18 -27.91 5.77
C PHE A 563 -14.51 -27.31 6.97
N GLU A 564 -13.28 -26.76 6.82
CA GLU A 564 -12.61 -26.19 8.00
C GLU A 564 -13.32 -24.89 8.43
N VAL A 565 -13.93 -24.17 7.47
CA VAL A 565 -14.69 -22.94 7.74
C VAL A 565 -16.03 -23.33 8.40
N GLU A 566 -16.75 -24.28 7.80
CA GLU A 566 -18.03 -24.78 8.34
C GLU A 566 -17.84 -25.32 9.76
N ASP A 567 -16.72 -26.05 10.01
CA ASP A 567 -16.48 -26.62 11.33
C ASP A 567 -16.24 -25.60 12.44
N GLN A 568 -15.60 -24.46 12.12
CA GLN A 568 -15.41 -23.39 13.11
C GLN A 568 -16.79 -22.80 13.43
N ILE A 569 -17.64 -22.64 12.41
CA ILE A 569 -19.01 -22.11 12.63
C ILE A 569 -19.79 -23.08 13.55
N GLU A 570 -19.73 -24.40 13.23
CA GLU A 570 -20.40 -25.44 14.01
C GLU A 570 -19.92 -25.47 15.46
N ALA A 571 -18.58 -25.35 15.70
CA ALA A 571 -18.05 -25.31 17.07
C ALA A 571 -18.60 -24.11 17.83
N ALA A 572 -18.63 -22.91 17.20
CA ALA A 572 -19.14 -21.72 17.89
C ALA A 572 -20.62 -21.85 18.16
N ARG A 573 -21.37 -22.43 17.22
CA ARG A 573 -22.82 -22.69 17.35
C ARG A 573 -23.03 -23.58 18.57
N GLN A 574 -22.21 -24.65 18.71
CA GLN A 574 -22.24 -25.54 19.87
C GLN A 574 -21.81 -24.83 21.15
N PHE A 575 -20.72 -24.02 21.11
CA PHE A 575 -20.31 -23.25 22.30
C PHE A 575 -21.42 -22.23 22.68
N SER A 576 -22.09 -21.60 21.69
CA SER A 576 -23.14 -20.59 21.91
C SER A 576 -24.33 -21.15 22.67
N LYS A 577 -24.52 -22.48 22.59
CA LYS A 577 -25.61 -23.20 23.24
C LYS A 577 -25.24 -23.60 24.65
N MET A 578 -23.95 -23.45 25.01
CA MET A 578 -23.50 -23.75 26.38
C MET A 578 -24.01 -22.62 27.29
N GLY A 579 -24.41 -22.97 28.49
CA GLY A 579 -24.97 -22.03 29.46
C GLY A 579 -24.05 -20.92 29.91
N PHE A 580 -22.73 -21.11 29.78
CA PHE A 580 -21.78 -20.10 30.22
C PHE A 580 -21.29 -19.16 29.09
N VAL A 581 -21.89 -19.26 27.89
CA VAL A 581 -21.50 -18.42 26.77
C VAL A 581 -22.62 -17.45 26.42
N ASP A 582 -22.30 -16.15 26.33
CA ASP A 582 -23.24 -15.12 25.88
C ASP A 582 -23.31 -15.20 24.34
N ASN A 583 -24.43 -15.73 23.79
CA ASN A 583 -24.59 -15.85 22.35
C ASN A 583 -24.66 -14.51 21.60
N LYS A 584 -24.85 -13.39 22.32
CA LYS A 584 -24.90 -12.05 21.70
C LYS A 584 -23.48 -11.49 21.53
N ARG A 585 -22.49 -12.17 22.12
CA ARG A 585 -21.13 -11.67 22.13
C ARG A 585 -20.12 -12.77 21.77
N ILE A 586 -20.15 -13.20 20.53
CA ILE A 586 -19.20 -14.20 20.04
C ILE A 586 -18.38 -13.54 18.94
N ALA A 587 -17.06 -13.57 19.07
CA ALA A 587 -16.19 -12.95 18.08
C ALA A 587 -15.24 -14.01 17.52
N ILE A 588 -14.55 -13.65 16.43
CA ILE A 588 -13.61 -14.59 15.84
C ILE A 588 -12.36 -13.83 15.38
N TRP A 589 -11.17 -14.44 15.48
CA TRP A 589 -9.98 -13.77 14.96
C TRP A 589 -8.92 -14.77 14.53
N GLY A 590 -8.05 -14.33 13.63
CA GLY A 590 -6.95 -15.18 13.19
C GLY A 590 -5.97 -14.39 12.37
N TRP A 591 -4.76 -14.96 12.24
CA TRP A 591 -3.66 -14.37 11.50
C TRP A 591 -3.32 -15.37 10.38
N SER A 592 -2.90 -14.89 9.19
CA SER A 592 -2.49 -15.76 8.08
CA SER A 592 -2.49 -15.78 8.07
C SER A 592 -3.66 -16.69 7.63
N TYR A 593 -3.48 -18.04 7.66
CA TYR A 593 -4.58 -18.95 7.27
C TYR A 593 -5.79 -18.68 8.19
N GLY A 594 -5.52 -18.43 9.47
CA GLY A 594 -6.57 -18.09 10.43
C GLY A 594 -7.31 -16.80 10.06
N GLY A 595 -6.61 -15.87 9.42
CA GLY A 595 -7.22 -14.61 8.92
C GLY A 595 -8.15 -14.90 7.74
N TYR A 596 -7.73 -15.81 6.84
CA TYR A 596 -8.58 -16.28 5.72
C TYR A 596 -9.85 -16.94 6.32
N VAL A 597 -9.70 -17.90 7.23
CA VAL A 597 -10.85 -18.61 7.82
C VAL A 597 -11.78 -17.64 8.56
N THR A 598 -11.21 -16.72 9.37
CA THR A 598 -12.00 -15.69 10.05
C THR A 598 -12.84 -14.92 9.01
N SER A 599 -12.21 -14.50 7.91
CA SER A 599 -12.89 -13.72 6.86
C SER A 599 -13.98 -14.54 6.15
N MET A 600 -13.68 -15.82 5.85
CA MET A 600 -14.65 -16.74 5.24
C MET A 600 -15.84 -16.96 6.17
N VAL A 601 -15.58 -17.07 7.49
CA VAL A 601 -16.61 -17.24 8.53
C VAL A 601 -17.49 -15.99 8.60
N LEU A 602 -16.84 -14.81 8.66
CA LEU A 602 -17.55 -13.54 8.73
C LEU A 602 -18.40 -13.24 7.51
N GLY A 603 -18.05 -13.82 6.37
CA GLY A 603 -18.81 -13.65 5.13
C GLY A 603 -19.73 -14.83 4.84
N SER A 604 -19.88 -15.76 5.80
CA SER A 604 -20.69 -16.97 5.55
C SER A 604 -22.19 -16.71 5.69
N GLY A 605 -22.55 -15.61 6.34
CA GLY A 605 -23.95 -15.27 6.62
C GLY A 605 -24.53 -16.12 7.74
N SER A 606 -23.66 -16.76 8.56
CA SER A 606 -24.14 -17.64 9.67
C SER A 606 -24.94 -16.93 10.77
N GLY A 607 -24.66 -15.64 10.99
CA GLY A 607 -25.30 -14.86 12.05
C GLY A 607 -24.82 -15.18 13.47
N VAL A 608 -23.87 -16.11 13.61
CA VAL A 608 -23.34 -16.55 14.91
C VAL A 608 -22.39 -15.49 15.54
N PHE A 609 -21.62 -14.79 14.69
CA PHE A 609 -20.55 -13.89 15.11
C PHE A 609 -20.92 -12.44 15.02
N LYS A 610 -20.64 -11.71 16.07
CA LYS A 610 -20.93 -10.28 16.13
C LYS A 610 -19.84 -9.50 15.39
N CYS A 611 -18.59 -9.95 15.55
CA CYS A 611 -17.44 -9.23 15.05
C CYS A 611 -16.26 -10.15 14.85
N GLY A 612 -15.23 -9.63 14.20
CA GLY A 612 -14.01 -10.42 14.02
C GLY A 612 -12.86 -9.63 13.48
N ILE A 613 -11.63 -10.19 13.61
CA ILE A 613 -10.43 -9.49 13.16
C ILE A 613 -9.62 -10.44 12.28
N ALA A 614 -9.22 -9.97 11.10
CA ALA A 614 -8.34 -10.76 10.22
C ALA A 614 -7.03 -10.00 10.14
N VAL A 615 -5.92 -10.69 10.41
CA VAL A 615 -4.58 -10.09 10.33
C VAL A 615 -3.84 -10.81 9.22
N ALA A 616 -3.31 -10.04 8.24
CA ALA A 616 -2.55 -10.57 7.08
C ALA A 616 -3.24 -11.83 6.49
N PRO A 617 -4.56 -11.75 6.17
CA PRO A 617 -5.24 -12.93 5.66
C PRO A 617 -4.94 -13.25 4.22
N VAL A 618 -5.01 -14.54 3.86
CA VAL A 618 -5.11 -14.92 2.47
C VAL A 618 -6.56 -14.55 2.07
N SER A 619 -6.78 -14.09 0.84
CA SER A 619 -8.14 -13.77 0.40
C SER A 619 -8.56 -14.54 -0.85
N ARG A 620 -7.58 -15.03 -1.64
CA ARG A 620 -7.82 -15.73 -2.91
C ARG A 620 -6.59 -16.58 -3.15
N TRP A 621 -6.79 -17.89 -3.32
CA TRP A 621 -5.67 -18.84 -3.43
C TRP A 621 -4.71 -18.60 -4.57
N GLU A 622 -5.19 -17.99 -5.67
CA GLU A 622 -4.32 -17.62 -6.77
C GLU A 622 -3.26 -16.57 -6.39
N TYR A 623 -3.46 -15.85 -5.25
CA TYR A 623 -2.49 -14.87 -4.78
C TYR A 623 -1.38 -15.49 -3.92
N TYR A 624 -1.59 -16.72 -3.40
CA TYR A 624 -0.62 -17.33 -2.49
C TYR A 624 0.42 -18.17 -3.25
N ASP A 625 1.52 -18.58 -2.57
CA ASP A 625 2.59 -19.26 -3.27
C ASP A 625 2.21 -20.65 -3.79
N SER A 626 2.89 -21.08 -4.83
CA SER A 626 2.61 -22.34 -5.50
C SER A 626 2.77 -23.56 -4.58
N VAL A 627 3.94 -23.67 -3.88
CA VAL A 627 4.25 -24.85 -3.07
C VAL A 627 3.20 -25.16 -2.01
N TYR A 628 2.83 -24.15 -1.21
CA TYR A 628 1.81 -24.41 -0.20
C TYR A 628 0.44 -24.59 -0.85
N THR A 629 0.00 -23.62 -1.67
CA THR A 629 -1.37 -23.64 -2.23
C THR A 629 -1.68 -24.91 -3.01
N GLU A 630 -0.82 -25.26 -3.97
CA GLU A 630 -1.04 -26.41 -4.86
C GLU A 630 -0.99 -27.73 -4.14
N ARG A 631 -0.29 -27.78 -2.99
CA ARG A 631 -0.21 -29.01 -2.22
C ARG A 631 -1.67 -29.49 -1.90
N TYR A 632 -2.54 -28.54 -1.57
CA TYR A 632 -3.92 -28.80 -1.19
C TYR A 632 -4.91 -28.56 -2.31
N MET A 633 -4.63 -27.64 -3.22
CA MET A 633 -5.57 -27.17 -4.22
C MET A 633 -5.35 -27.68 -5.63
N GLY A 634 -4.21 -28.29 -5.89
CA GLY A 634 -3.84 -28.63 -7.25
C GLY A 634 -3.61 -27.35 -8.03
N LEU A 635 -3.77 -27.41 -9.36
CA LEU A 635 -3.52 -26.27 -10.25
C LEU A 635 -4.76 -25.46 -10.59
N PRO A 636 -4.63 -24.11 -10.69
CA PRO A 636 -5.80 -23.26 -11.03
C PRO A 636 -6.05 -23.22 -12.55
N THR A 637 -6.31 -24.38 -13.12
CA THR A 637 -6.57 -24.51 -14.57
C THR A 637 -7.95 -25.11 -14.76
N PRO A 638 -8.64 -24.85 -15.91
CA PRO A 638 -9.97 -25.43 -16.10
C PRO A 638 -9.96 -26.96 -16.01
N GLU A 639 -8.89 -27.60 -16.51
CA GLU A 639 -8.73 -29.06 -16.50
C GLU A 639 -8.44 -29.62 -15.10
N ASP A 640 -7.99 -28.77 -14.17
CA ASP A 640 -7.72 -29.23 -12.82
C ASP A 640 -8.70 -28.70 -11.77
N ASN A 641 -8.36 -27.61 -11.07
CA ASN A 641 -9.22 -27.16 -9.96
C ASN A 641 -9.59 -25.68 -9.99
N LEU A 642 -9.51 -25.04 -11.16
CA LEU A 642 -9.86 -23.61 -11.26
C LEU A 642 -11.22 -23.24 -10.65
N ASP A 643 -12.31 -24.04 -10.89
CA ASP A 643 -13.62 -23.66 -10.33
C ASP A 643 -13.57 -23.48 -8.81
N HIS A 644 -12.90 -24.40 -8.10
CA HIS A 644 -12.78 -24.25 -6.66
C HIS A 644 -11.87 -23.09 -6.22
N TYR A 645 -10.81 -22.79 -6.99
CA TYR A 645 -9.99 -21.61 -6.69
C TYR A 645 -10.87 -20.36 -6.75
N ARG A 646 -11.78 -20.35 -7.74
CA ARG A 646 -12.67 -19.22 -7.95
C ARG A 646 -13.82 -19.10 -6.96
N ASN A 647 -14.29 -20.22 -6.41
CA ASN A 647 -15.41 -20.24 -5.47
C ASN A 647 -15.01 -20.04 -4.01
N SER A 648 -13.69 -20.09 -3.71
CA SER A 648 -13.17 -20.05 -2.33
C SER A 648 -12.55 -18.73 -1.92
N THR A 649 -12.97 -17.63 -2.57
CA THR A 649 -12.39 -16.32 -2.24
C THR A 649 -13.19 -15.62 -1.16
N VAL A 650 -12.52 -14.74 -0.42
CA VAL A 650 -13.23 -13.92 0.57
C VAL A 650 -14.09 -12.88 -0.19
N MET A 651 -13.53 -12.29 -1.27
CA MET A 651 -14.19 -11.20 -2.04
C MET A 651 -15.63 -11.54 -2.49
N SER A 652 -15.89 -12.80 -2.88
CA SER A 652 -17.23 -13.22 -3.34
C SER A 652 -18.27 -13.16 -2.22
N ARG A 653 -17.82 -13.15 -0.96
CA ARG A 653 -18.72 -13.11 0.21
C ARG A 653 -18.95 -11.71 0.77
N ALA A 654 -18.41 -10.66 0.11
CA ALA A 654 -18.45 -9.29 0.62
C ALA A 654 -19.82 -8.82 1.13
N GLU A 655 -20.91 -9.09 0.38
CA GLU A 655 -22.26 -8.68 0.77
C GLU A 655 -22.67 -9.19 2.17
N ASN A 656 -22.23 -10.40 2.53
CA ASN A 656 -22.54 -11.00 3.84
C ASN A 656 -21.87 -10.31 5.04
N PHE A 657 -20.90 -9.40 4.79
CA PHE A 657 -20.24 -8.69 5.90
C PHE A 657 -21.13 -7.56 6.43
N LYS A 658 -22.28 -7.31 5.79
CA LYS A 658 -23.19 -6.24 6.21
C LYS A 658 -23.67 -6.39 7.65
N GLN A 659 -23.79 -7.63 8.13
CA GLN A 659 -24.30 -7.93 9.46
C GLN A 659 -23.23 -8.13 10.54
N VAL A 660 -21.93 -7.84 10.23
CA VAL A 660 -20.83 -8.00 11.19
C VAL A 660 -19.93 -6.78 11.27
N GLU A 661 -19.19 -6.66 12.38
CA GLU A 661 -18.16 -5.64 12.54
C GLU A 661 -16.84 -6.34 12.24
N TYR A 662 -16.09 -5.81 11.29
CA TYR A 662 -14.86 -6.45 10.82
C TYR A 662 -13.70 -5.48 10.92
N LEU A 663 -12.55 -6.00 11.39
CA LEU A 663 -11.32 -5.22 11.48
C LEU A 663 -10.31 -6.01 10.61
N LEU A 664 -9.74 -5.35 9.59
CA LEU A 664 -8.80 -5.92 8.62
C LEU A 664 -7.46 -5.22 8.80
N ILE A 665 -6.39 -6.01 9.02
CA ILE A 665 -5.06 -5.45 9.34
C ILE A 665 -4.01 -6.14 8.47
N HIS A 666 -3.03 -5.38 7.94
CA HIS A 666 -2.00 -6.01 7.09
C HIS A 666 -0.76 -5.12 7.04
N GLY A 667 0.41 -5.75 7.08
CA GLY A 667 1.67 -5.03 6.94
C GLY A 667 1.94 -4.76 5.48
N THR A 668 2.36 -3.54 5.13
CA THR A 668 2.57 -3.16 3.74
C THR A 668 3.75 -3.85 3.07
N ALA A 669 4.75 -4.29 3.87
CA ALA A 669 5.93 -4.99 3.34
C ALA A 669 5.85 -6.52 3.60
N ASP A 670 4.63 -7.09 3.61
CA ASP A 670 4.49 -8.53 3.80
C ASP A 670 4.90 -9.23 2.49
N ASP A 671 6.04 -9.93 2.51
CA ASP A 671 6.59 -10.65 1.35
C ASP A 671 5.92 -12.03 1.23
N ASN A 672 5.17 -12.44 2.25
CA ASN A 672 4.59 -13.78 2.35
C ASN A 672 3.13 -13.78 1.88
N VAL A 673 2.23 -13.18 2.68
CA VAL A 673 0.83 -12.98 2.28
C VAL A 673 0.83 -11.52 1.82
N HIS A 674 0.89 -11.30 0.52
CA HIS A 674 1.06 -9.92 0.03
C HIS A 674 -0.06 -8.98 0.45
N PHE A 675 0.29 -7.72 0.69
CA PHE A 675 -0.72 -6.69 1.07
C PHE A 675 -1.90 -6.70 0.06
N GLN A 676 -1.59 -6.97 -1.24
CA GLN A 676 -2.57 -7.18 -2.30
C GLN A 676 -3.80 -7.99 -1.79
N GLN A 677 -3.57 -9.07 -1.02
CA GLN A 677 -4.68 -9.93 -0.55
C GLN A 677 -5.73 -9.11 0.26
N SER A 678 -5.27 -8.28 1.20
CA SER A 678 -6.19 -7.42 1.98
C SER A 678 -6.67 -6.25 1.12
N ALA A 679 -5.82 -5.75 0.17
CA ALA A 679 -6.23 -4.65 -0.73
C ALA A 679 -7.45 -5.10 -1.58
N GLN A 680 -7.48 -6.40 -1.93
CA GLN A 680 -8.64 -6.90 -2.70
C GLN A 680 -9.89 -7.10 -1.82
N ILE A 681 -9.70 -7.52 -0.56
CA ILE A 681 -10.85 -7.64 0.37
C ILE A 681 -11.49 -6.23 0.56
N SER A 682 -10.69 -5.20 0.91
CA SER A 682 -11.23 -3.87 1.18
C SER A 682 -11.98 -3.33 -0.04
N LYS A 683 -11.38 -3.48 -1.23
CA LYS A 683 -12.04 -3.02 -2.48
C LYS A 683 -13.40 -3.74 -2.69
N ALA A 684 -13.48 -5.06 -2.42
CA ALA A 684 -14.75 -5.80 -2.55
C ALA A 684 -15.80 -5.28 -1.54
N LEU A 685 -15.39 -4.96 -0.30
CA LEU A 685 -16.28 -4.42 0.75
C LEU A 685 -16.78 -3.02 0.37
N VAL A 686 -15.87 -2.19 -0.14
CA VAL A 686 -16.24 -0.85 -0.60
C VAL A 686 -17.26 -0.99 -1.76
N ASP A 687 -17.01 -1.94 -2.69
CA ASP A 687 -17.87 -2.15 -3.87
C ASP A 687 -19.33 -2.52 -3.53
N VAL A 688 -19.57 -3.14 -2.37
CA VAL A 688 -20.92 -3.53 -1.92
C VAL A 688 -21.48 -2.61 -0.83
N GLY A 689 -20.74 -1.55 -0.48
CA GLY A 689 -21.16 -0.58 0.52
C GLY A 689 -21.20 -1.11 1.93
N VAL A 690 -20.18 -1.90 2.33
CA VAL A 690 -20.11 -2.44 3.68
C VAL A 690 -19.06 -1.62 4.44
N ASP A 691 -19.40 -1.06 5.61
CA ASP A 691 -18.42 -0.33 6.39
C ASP A 691 -17.63 -1.36 7.23
N PHE A 692 -16.36 -1.05 7.50
CA PHE A 692 -15.48 -1.93 8.27
C PHE A 692 -14.33 -1.07 8.79
N GLN A 693 -13.48 -1.64 9.64
CA GLN A 693 -12.33 -0.94 10.25
C GLN A 693 -11.09 -1.52 9.61
N ALA A 694 -10.09 -0.67 9.42
CA ALA A 694 -8.84 -1.12 8.79
C ALA A 694 -7.64 -0.55 9.48
N MET A 695 -6.49 -1.22 9.29
CA MET A 695 -5.24 -0.68 9.77
C MET A 695 -4.12 -1.25 8.90
N TRP A 696 -3.31 -0.38 8.29
CA TRP A 696 -2.14 -0.86 7.57
C TRP A 696 -0.95 -0.61 8.51
N TYR A 697 0.14 -1.42 8.41
CA TYR A 697 1.35 -1.20 9.18
C TYR A 697 2.48 -0.95 8.20
N THR A 698 2.89 0.31 8.11
CA THR A 698 3.93 0.68 7.17
C THR A 698 5.21 -0.09 7.42
N ASP A 699 5.70 -0.74 6.34
CA ASP A 699 6.99 -1.46 6.29
C ASP A 699 7.06 -2.68 7.20
N GLU A 700 5.93 -3.12 7.76
CA GLU A 700 5.93 -4.34 8.58
C GLU A 700 5.70 -5.52 7.66
N ASP A 701 6.26 -6.67 8.02
CA ASP A 701 6.07 -7.86 7.20
C ASP A 701 4.98 -8.78 7.80
N HIS A 702 5.02 -10.08 7.50
CA HIS A 702 4.00 -11.03 7.98
C HIS A 702 3.94 -11.14 9.50
N GLY A 703 5.05 -10.87 10.16
CA GLY A 703 5.12 -10.97 11.61
C GLY A 703 4.57 -9.78 12.37
N ILE A 704 4.49 -8.57 11.74
CA ILE A 704 4.14 -7.27 12.38
C ILE A 704 4.85 -7.29 13.75
N ALA A 705 6.14 -7.58 13.68
CA ALA A 705 6.94 -7.95 14.85
C ALA A 705 7.91 -6.94 15.40
N SER A 706 8.02 -5.77 14.77
CA SER A 706 8.89 -4.75 15.38
C SER A 706 8.28 -4.41 16.76
N SER A 707 9.14 -4.02 17.72
CA SER A 707 8.68 -3.70 19.07
C SER A 707 7.46 -2.75 19.08
N THR A 708 7.55 -1.65 18.34
CA THR A 708 6.45 -0.66 18.33
C THR A 708 5.20 -1.16 17.59
N ALA A 709 5.36 -1.81 16.41
CA ALA A 709 4.16 -2.32 15.71
C ALA A 709 3.44 -3.44 16.50
N HIS A 710 4.21 -4.33 17.17
CA HIS A 710 3.63 -5.41 17.99
C HIS A 710 2.74 -4.81 19.10
N GLN A 711 3.27 -3.79 19.79
CA GLN A 711 2.51 -3.15 20.86
C GLN A 711 1.26 -2.43 20.28
N HIS A 712 1.41 -1.79 19.09
CA HIS A 712 0.32 -1.02 18.48
C HIS A 712 -0.81 -1.92 18.00
N ILE A 713 -0.45 -3.02 17.34
CA ILE A 713 -1.49 -3.94 16.83
C ILE A 713 -2.34 -4.55 17.95
N TYR A 714 -1.68 -5.06 18.99
CA TYR A 714 -2.44 -5.65 20.10
C TYR A 714 -3.27 -4.62 20.86
N THR A 715 -2.76 -3.39 20.94
CA THR A 715 -3.50 -2.29 21.54
C THR A 715 -4.75 -1.99 20.72
N HIS A 716 -4.60 -1.89 19.38
CA HIS A 716 -5.72 -1.60 18.48
C HIS A 716 -6.79 -2.72 18.48
N MET A 717 -6.35 -4.00 18.45
CA MET A 717 -7.25 -5.15 18.47
C MET A 717 -7.99 -5.25 19.81
N SER A 718 -7.29 -4.92 20.91
CA SER A 718 -7.89 -4.95 22.25
C SER A 718 -9.02 -3.91 22.34
N HIS A 719 -8.78 -2.69 21.81
CA HIS A 719 -9.84 -1.66 21.82
C HIS A 719 -11.03 -2.18 21.02
N PHE A 720 -10.77 -2.80 19.85
CA PHE A 720 -11.83 -3.33 18.99
C PHE A 720 -12.68 -4.41 19.64
N ILE A 721 -12.04 -5.43 20.26
CA ILE A 721 -12.77 -6.51 20.92
C ILE A 721 -13.58 -5.94 22.11
N LYS A 722 -12.96 -5.07 22.91
CA LYS A 722 -13.64 -4.47 24.08
C LYS A 722 -14.90 -3.69 23.65
N GLN A 723 -14.80 -2.89 22.57
CA GLN A 723 -15.94 -2.13 22.00
C GLN A 723 -17.04 -3.12 21.55
N CYS A 724 -16.66 -4.19 20.83
CA CYS A 724 -17.57 -5.22 20.35
C CYS A 724 -18.33 -5.87 21.51
N PHE A 725 -17.64 -6.08 22.65
CA PHE A 725 -18.25 -6.78 23.78
C PHE A 725 -18.83 -5.87 24.86
N SER A 726 -18.86 -4.54 24.58
CA SER A 726 -19.35 -3.49 25.50
C SER A 726 -18.58 -3.53 26.84
N LEU A 727 -17.25 -3.69 26.76
CA LEU A 727 -16.38 -3.76 27.93
C LEU A 727 -15.65 -2.42 28.15
N PRO A 728 -15.73 -1.83 29.36
CA PRO A 728 -15.08 -0.53 29.61
C PRO A 728 -13.56 -0.60 29.62
N THR B 1 -43.74 17.16 10.31
CA THR B 1 -42.43 17.80 10.41
C THR B 1 -41.58 17.54 9.15
N ARG B 2 -40.98 18.61 8.58
CA ARG B 2 -40.13 18.52 7.40
C ARG B 2 -38.90 17.66 7.67
N LYS B 3 -38.52 16.85 6.69
CA LYS B 3 -37.33 16.00 6.71
C LYS B 3 -36.07 16.89 6.71
N THR B 4 -34.91 16.31 7.04
CA THR B 4 -33.65 17.07 7.02
C THR B 4 -32.90 16.64 5.75
N TYR B 5 -31.75 17.27 5.46
CA TYR B 5 -30.91 16.88 4.31
C TYR B 5 -30.00 15.81 4.92
N THR B 6 -30.24 14.57 4.56
CA THR B 6 -29.56 13.39 5.12
C THR B 6 -28.27 13.03 4.37
N LEU B 7 -27.51 12.09 4.95
CA LEU B 7 -26.28 11.64 4.30
C LEU B 7 -26.64 10.93 3.00
N THR B 8 -27.75 10.14 2.97
CA THR B 8 -28.22 9.45 1.77
C THR B 8 -28.63 10.45 0.65
N ASP B 9 -29.20 11.61 1.04
CA ASP B 9 -29.55 12.67 0.09
C ASP B 9 -28.27 13.15 -0.62
N TYR B 10 -27.21 13.37 0.15
CA TYR B 10 -25.94 13.83 -0.41
C TYR B 10 -25.34 12.73 -1.30
N LEU B 11 -25.22 11.52 -0.75
CA LEU B 11 -24.62 10.39 -1.46
C LEU B 11 -25.35 9.90 -2.68
N LYS B 12 -26.69 9.98 -2.68
CA LYS B 12 -27.51 9.56 -3.84
C LYS B 12 -27.89 10.71 -4.75
N ASN B 13 -27.45 11.94 -4.43
CA ASN B 13 -27.71 13.14 -5.22
C ASN B 13 -29.22 13.30 -5.50
N THR B 14 -30.06 13.19 -4.45
CA THR B 14 -31.51 13.32 -4.59
CA THR B 14 -31.51 13.33 -4.65
C THR B 14 -31.93 14.75 -5.02
N TYR B 15 -31.27 15.77 -4.44
CA TYR B 15 -31.54 17.19 -4.72
C TYR B 15 -30.44 17.68 -5.65
N ARG B 16 -30.76 17.73 -6.95
CA ARG B 16 -29.83 18.04 -8.04
C ARG B 16 -29.86 19.49 -8.50
N LEU B 17 -28.67 20.11 -8.58
CA LEU B 17 -28.54 21.46 -9.12
C LEU B 17 -28.58 21.33 -10.63
N LYS B 18 -29.44 22.11 -11.30
CA LYS B 18 -29.50 22.09 -12.75
C LYS B 18 -28.49 23.13 -13.25
N LEU B 19 -27.84 22.81 -14.35
CA LEU B 19 -26.82 23.63 -15.00
C LEU B 19 -27.37 24.09 -16.35
N TYR B 20 -26.61 24.94 -17.05
CA TYR B 20 -26.96 25.35 -18.41
C TYR B 20 -25.64 25.50 -19.15
N SER B 21 -25.09 24.36 -19.60
CA SER B 21 -23.81 24.30 -20.27
C SER B 21 -23.98 24.48 -21.75
N LEU B 22 -23.61 25.67 -22.24
CA LEU B 22 -23.72 25.92 -23.64
C LEU B 22 -22.34 25.97 -24.25
N ARG B 23 -22.26 25.81 -25.56
CA ARG B 23 -21.00 25.93 -26.30
C ARG B 23 -21.22 26.92 -27.41
N TRP B 24 -20.60 28.11 -27.32
CA TRP B 24 -20.68 29.13 -28.39
C TRP B 24 -20.01 28.61 -29.67
N ILE B 25 -20.71 28.68 -30.82
CA ILE B 25 -20.16 28.25 -32.13
C ILE B 25 -19.89 29.42 -33.06
N SER B 26 -20.35 30.61 -32.67
CA SER B 26 -20.21 31.83 -33.46
C SER B 26 -20.48 33.02 -32.54
N ASP B 27 -20.64 34.20 -33.12
CA ASP B 27 -20.95 35.40 -32.34
C ASP B 27 -22.44 35.46 -31.95
N HIS B 28 -23.29 34.57 -32.50
CA HIS B 28 -24.71 34.64 -32.18
C HIS B 28 -25.43 33.31 -31.95
N GLU B 29 -24.69 32.20 -32.01
CA GLU B 29 -25.29 30.89 -31.78
C GLU B 29 -24.50 30.04 -30.84
N TYR B 30 -25.22 29.20 -30.08
CA TYR B 30 -24.65 28.23 -29.17
C TYR B 30 -25.30 26.86 -29.29
N LEU B 31 -24.54 25.82 -28.92
CA LEU B 31 -25.04 24.46 -28.88
C LEU B 31 -25.42 24.13 -27.46
N TYR B 32 -26.51 23.40 -27.29
CA TYR B 32 -27.01 22.99 -25.99
C TYR B 32 -27.66 21.61 -26.12
N LYS B 33 -27.40 20.73 -25.14
CA LYS B 33 -27.93 19.37 -25.13
C LYS B 33 -29.24 19.27 -24.33
N GLN B 34 -30.32 18.84 -25.00
CA GLN B 34 -31.63 18.64 -24.39
C GLN B 34 -32.17 17.26 -24.77
N GLU B 35 -32.33 16.37 -23.77
CA GLU B 35 -32.80 14.98 -23.92
C GLU B 35 -31.90 14.22 -24.94
N ASN B 36 -30.56 14.33 -24.73
CA ASN B 36 -29.51 13.74 -25.60
C ASN B 36 -29.42 14.29 -27.04
N ASN B 37 -30.30 15.23 -27.40
CA ASN B 37 -30.28 15.89 -28.70
C ASN B 37 -29.39 17.13 -28.56
N ILE B 38 -28.57 17.42 -29.58
CA ILE B 38 -27.77 18.64 -29.58
C ILE B 38 -28.61 19.66 -30.32
N LEU B 39 -29.02 20.73 -29.63
CA LEU B 39 -29.80 21.80 -30.25
C LEU B 39 -28.90 23.01 -30.52
N VAL B 40 -29.22 23.78 -31.57
CA VAL B 40 -28.52 25.03 -31.91
C VAL B 40 -29.48 26.20 -31.60
N PHE B 41 -29.05 27.13 -30.72
CA PHE B 41 -29.87 28.28 -30.33
C PHE B 41 -29.41 29.57 -30.93
N ASN B 42 -30.37 30.41 -31.32
CA ASN B 42 -30.10 31.76 -31.77
C ASN B 42 -30.13 32.57 -30.47
N ALA B 43 -29.01 33.24 -30.12
CA ALA B 43 -28.95 33.99 -28.85
C ALA B 43 -29.92 35.19 -28.82
N GLU B 44 -30.03 35.92 -29.96
CA GLU B 44 -30.88 37.10 -30.02
C GLU B 44 -32.37 36.80 -29.73
N TYR B 45 -32.89 35.71 -30.31
CA TYR B 45 -34.32 35.40 -30.18
C TYR B 45 -34.72 34.23 -29.28
N GLY B 46 -33.78 33.34 -28.98
CA GLY B 46 -34.05 32.20 -28.11
C GLY B 46 -34.61 30.99 -28.83
N ASN B 47 -34.88 31.11 -30.15
CA ASN B 47 -35.40 30.03 -30.97
C ASN B 47 -34.29 29.02 -31.26
N SER B 48 -34.66 27.75 -31.39
CA SER B 48 -33.73 26.66 -31.66
C SER B 48 -34.13 25.71 -32.81
N SER B 49 -33.17 24.86 -33.22
CA SER B 49 -33.30 23.81 -34.22
C SER B 49 -32.43 22.64 -33.75
N VAL B 50 -32.76 21.42 -34.20
CA VAL B 50 -32.01 20.21 -33.85
C VAL B 50 -30.74 20.24 -34.69
N PHE B 51 -29.58 20.34 -34.02
CA PHE B 51 -28.32 20.35 -34.73
C PHE B 51 -27.95 18.91 -35.09
N LEU B 52 -28.07 18.01 -34.13
CA LEU B 52 -27.77 16.59 -34.31
C LEU B 52 -28.70 15.78 -33.43
N GLU B 53 -29.62 15.00 -34.05
CA GLU B 53 -30.61 14.18 -33.38
C GLU B 53 -29.94 13.10 -32.53
N ASN B 54 -30.51 12.80 -31.34
CA ASN B 54 -30.00 11.79 -30.41
C ASN B 54 -29.93 10.36 -31.00
N SER B 55 -30.66 10.10 -32.10
CA SER B 55 -30.70 8.80 -32.78
C SER B 55 -29.52 8.58 -33.75
N THR B 56 -28.87 9.68 -34.24
CA THR B 56 -27.76 9.66 -35.20
C THR B 56 -26.73 8.54 -34.97
N PHE B 57 -26.26 8.37 -33.71
CA PHE B 57 -25.25 7.37 -33.36
C PHE B 57 -25.73 6.18 -32.52
N ASP B 58 -26.98 5.71 -32.77
CA ASP B 58 -27.56 4.56 -32.10
C ASP B 58 -26.88 3.26 -32.56
N GLU B 59 -26.48 3.21 -33.86
CA GLU B 59 -25.81 2.06 -34.47
C GLU B 59 -24.28 2.24 -34.56
N PHE B 60 -23.73 3.16 -33.72
CA PHE B 60 -22.29 3.44 -33.67
C PHE B 60 -21.47 2.27 -33.12
N GLY B 61 -22.02 1.60 -32.10
CA GLY B 61 -21.39 0.41 -31.51
C GLY B 61 -20.54 0.70 -30.29
N HIS B 62 -20.44 1.99 -29.92
CA HIS B 62 -19.68 2.44 -28.75
C HIS B 62 -20.42 3.58 -28.08
N SER B 63 -20.30 3.68 -26.75
CA SER B 63 -20.87 4.77 -25.98
C SER B 63 -20.00 6.01 -26.27
N ILE B 64 -20.60 7.10 -26.78
CA ILE B 64 -19.87 8.31 -27.12
C ILE B 64 -19.69 9.18 -25.85
N ASN B 65 -18.41 9.35 -25.42
CA ASN B 65 -18.06 10.09 -24.21
C ASN B 65 -18.25 11.60 -24.36
N ASP B 66 -17.87 12.14 -25.52
CA ASP B 66 -17.95 13.58 -25.80
C ASP B 66 -17.85 13.81 -27.31
N TYR B 67 -18.04 15.06 -27.71
CA TYR B 67 -17.99 15.44 -29.10
C TYR B 67 -17.35 16.80 -29.21
N SER B 68 -16.87 17.15 -30.41
CA SER B 68 -16.28 18.46 -30.66
C SER B 68 -16.62 18.83 -32.10
N ILE B 69 -17.38 19.92 -32.32
CA ILE B 69 -17.67 20.29 -33.70
C ILE B 69 -16.57 21.20 -34.23
N SER B 70 -16.11 20.99 -35.48
CA SER B 70 -15.07 21.83 -36.07
C SER B 70 -15.56 23.29 -36.12
N PRO B 71 -14.68 24.31 -35.99
CA PRO B 71 -15.15 25.70 -35.98
C PRO B 71 -16.01 26.11 -37.18
N ASP B 72 -15.77 25.48 -38.34
CA ASP B 72 -16.52 25.80 -39.56
C ASP B 72 -17.85 25.06 -39.66
N GLY B 73 -18.13 24.21 -38.68
CA GLY B 73 -19.34 23.42 -38.57
C GLY B 73 -19.48 22.32 -39.60
N GLN B 74 -18.37 21.93 -40.27
CA GLN B 74 -18.42 20.91 -41.31
C GLN B 74 -18.27 19.49 -40.79
N PHE B 75 -17.61 19.31 -39.64
CA PHE B 75 -17.34 17.99 -39.10
C PHE B 75 -17.56 17.92 -37.60
N ILE B 76 -17.76 16.69 -37.13
CA ILE B 76 -17.88 16.44 -35.70
C ILE B 76 -16.91 15.36 -35.29
N LEU B 77 -16.13 15.63 -34.24
CA LEU B 77 -15.17 14.70 -33.69
C LEU B 77 -15.85 13.96 -32.57
N LEU B 78 -15.93 12.63 -32.68
CA LEU B 78 -16.57 11.80 -31.67
C LEU B 78 -15.56 11.09 -30.81
N GLU B 79 -15.62 11.36 -29.51
CA GLU B 79 -14.72 10.76 -28.54
C GLU B 79 -15.36 9.52 -27.87
N TYR B 80 -14.64 8.39 -27.90
CA TYR B 80 -15.08 7.15 -27.26
C TYR B 80 -13.87 6.36 -26.74
N ASN B 81 -14.09 5.23 -26.04
CA ASN B 81 -13.02 4.42 -25.44
C ASN B 81 -12.18 5.30 -24.50
N TYR B 82 -12.85 6.22 -23.77
CA TYR B 82 -12.24 7.16 -22.84
C TYR B 82 -11.62 6.38 -21.70
N VAL B 83 -10.31 6.58 -21.48
CA VAL B 83 -9.55 5.98 -20.36
C VAL B 83 -8.83 7.13 -19.64
N LYS B 84 -9.31 7.49 -18.45
CA LYS B 84 -8.73 8.54 -17.63
C LYS B 84 -7.26 8.27 -17.23
N GLN B 85 -6.44 9.34 -17.22
CA GLN B 85 -5.09 9.27 -16.72
C GLN B 85 -4.99 10.14 -15.45
N TRP B 86 -4.42 11.38 -15.50
CA TRP B 86 -4.30 12.20 -14.31
C TRP B 86 -5.49 13.16 -14.15
N ARG B 87 -5.29 14.35 -13.60
CA ARG B 87 -6.41 15.28 -13.38
C ARG B 87 -7.09 15.72 -14.70
N HIS B 88 -6.28 15.93 -15.75
CA HIS B 88 -6.75 16.42 -17.05
C HIS B 88 -6.52 15.44 -18.20
N SER B 89 -5.41 14.68 -18.14
CA SER B 89 -5.05 13.74 -19.20
C SER B 89 -5.93 12.53 -19.24
N TYR B 90 -6.00 11.93 -20.44
CA TYR B 90 -6.72 10.69 -20.76
C TYR B 90 -6.37 10.24 -22.17
N THR B 91 -6.69 8.98 -22.56
CA THR B 91 -6.50 8.57 -23.97
C THR B 91 -7.89 8.18 -24.48
N ALA B 92 -8.09 8.18 -25.81
CA ALA B 92 -9.39 7.84 -26.38
C ALA B 92 -9.27 7.48 -27.81
N SER B 93 -10.36 6.89 -28.36
CA SER B 93 -10.49 6.61 -29.77
C SER B 93 -11.33 7.73 -30.31
N TYR B 94 -11.18 8.01 -31.60
CA TYR B 94 -11.88 9.09 -32.27
C TYR B 94 -12.32 8.71 -33.66
N ASP B 95 -13.51 9.16 -34.01
CA ASP B 95 -14.03 9.06 -35.35
C ASP B 95 -14.50 10.43 -35.73
N ILE B 96 -14.39 10.76 -37.01
CA ILE B 96 -14.84 12.04 -37.52
C ILE B 96 -16.09 11.79 -38.35
N TYR B 97 -17.11 12.61 -38.14
CA TYR B 97 -18.37 12.51 -38.87
C TYR B 97 -18.53 13.75 -39.75
N ASP B 98 -18.70 13.54 -41.06
CA ASP B 98 -18.91 14.60 -42.03
C ASP B 98 -20.38 15.02 -41.90
N LEU B 99 -20.62 16.23 -41.39
CA LEU B 99 -21.95 16.77 -41.15
C LEU B 99 -22.78 17.02 -42.41
N ASN B 100 -22.11 17.39 -43.52
CA ASN B 100 -22.80 17.67 -44.79
C ASN B 100 -23.23 16.37 -45.47
N LYS B 101 -22.28 15.45 -45.70
CA LYS B 101 -22.50 14.13 -46.29
C LYS B 101 -23.33 13.22 -45.37
N ARG B 102 -23.43 13.58 -44.06
CA ARG B 102 -24.11 12.82 -42.99
C ARG B 102 -23.57 11.38 -43.01
N GLN B 103 -22.23 11.29 -42.97
CA GLN B 103 -21.49 10.04 -43.06
C GLN B 103 -20.23 10.08 -42.21
N LEU B 104 -19.92 8.94 -41.59
CA LEU B 104 -18.76 8.71 -40.75
C LEU B 104 -17.52 8.52 -41.67
N ILE B 105 -16.38 9.11 -41.30
CA ILE B 105 -15.17 8.97 -42.10
C ILE B 105 -14.45 7.67 -41.74
N THR B 106 -14.29 6.78 -42.73
CA THR B 106 -13.70 5.45 -42.54
C THR B 106 -12.22 5.34 -42.90
N GLU B 107 -11.68 6.30 -43.64
CA GLU B 107 -10.26 6.25 -44.03
C GLU B 107 -9.41 7.21 -43.24
N GLU B 108 -8.12 6.86 -43.11
CA GLU B 108 -7.07 7.63 -42.43
C GLU B 108 -7.57 8.08 -41.06
N ARG B 109 -8.14 7.12 -40.31
CA ARG B 109 -8.70 7.38 -39.00
C ARG B 109 -7.64 7.82 -38.00
N ILE B 110 -8.06 8.64 -37.02
CA ILE B 110 -7.21 9.05 -35.92
C ILE B 110 -6.91 7.74 -35.18
N PRO B 111 -5.64 7.43 -34.86
CA PRO B 111 -5.33 6.12 -34.27
C PRO B 111 -5.93 5.92 -32.88
N ASN B 112 -6.03 4.65 -32.48
CA ASN B 112 -6.48 4.30 -31.15
C ASN B 112 -5.39 4.74 -30.17
N ASN B 113 -5.75 4.99 -28.90
CA ASN B 113 -4.80 5.43 -27.87
C ASN B 113 -4.22 6.82 -28.17
N THR B 114 -5.01 7.69 -28.84
CA THR B 114 -4.59 9.06 -29.09
C THR B 114 -4.64 9.79 -27.74
N GLN B 115 -3.61 10.57 -27.47
CA GLN B 115 -3.44 11.30 -26.19
C GLN B 115 -4.14 12.63 -26.14
N TRP B 116 -4.19 13.35 -27.26
CA TRP B 116 -4.81 14.67 -27.31
C TRP B 116 -5.19 14.98 -28.75
N VAL B 117 -6.32 15.67 -28.95
CA VAL B 117 -6.76 16.09 -30.27
C VAL B 117 -7.39 17.46 -30.20
N THR B 118 -7.07 18.32 -31.17
CA THR B 118 -7.70 19.63 -31.25
C THR B 118 -7.90 20.08 -32.68
N TRP B 119 -9.07 20.69 -32.95
CA TRP B 119 -9.30 21.32 -34.22
C TRP B 119 -8.44 22.59 -34.23
N SER B 120 -8.16 23.11 -35.43
CA SER B 120 -7.57 24.43 -35.61
C SER B 120 -8.70 25.45 -35.15
N PRO B 121 -8.37 26.71 -34.82
CA PRO B 121 -9.41 27.65 -34.33
C PRO B 121 -10.38 28.13 -35.40
N VAL B 122 -10.00 27.96 -36.68
CA VAL B 122 -10.75 28.33 -37.87
C VAL B 122 -10.66 27.11 -38.77
N GLY B 123 -11.74 26.84 -39.52
CA GLY B 123 -11.78 25.75 -40.47
C GLY B 123 -11.91 24.38 -39.85
N HIS B 124 -11.11 23.41 -40.35
CA HIS B 124 -11.22 22.01 -39.88
C HIS B 124 -9.91 21.22 -39.93
N LYS B 125 -8.74 21.87 -39.71
CA LYS B 125 -7.48 21.12 -39.60
C LYS B 125 -7.51 20.46 -38.23
N LEU B 126 -6.73 19.38 -38.04
CA LEU B 126 -6.65 18.72 -36.74
C LEU B 126 -5.21 18.55 -36.37
N ALA B 127 -4.89 18.70 -35.08
CA ALA B 127 -3.56 18.37 -34.57
C ALA B 127 -3.83 17.33 -33.52
N TYR B 128 -3.04 16.25 -33.46
CA TYR B 128 -3.24 15.23 -32.43
C TYR B 128 -1.90 14.68 -31.99
N VAL B 129 -1.88 14.11 -30.78
CA VAL B 129 -0.68 13.52 -30.19
C VAL B 129 -0.93 12.03 -30.02
N TRP B 130 -0.03 11.21 -30.58
CA TRP B 130 -0.13 9.75 -30.51
C TRP B 130 1.25 9.20 -30.30
N ASN B 131 1.44 8.38 -29.24
CA ASN B 131 2.74 7.84 -28.85
C ASN B 131 3.79 8.96 -28.64
N ASN B 132 3.34 10.08 -28.05
CA ASN B 132 4.15 11.23 -27.64
C ASN B 132 4.71 12.06 -28.79
N ASP B 133 4.17 11.88 -30.00
CA ASP B 133 4.55 12.68 -31.17
C ASP B 133 3.33 13.41 -31.72
N ILE B 134 3.58 14.55 -32.39
CA ILE B 134 2.54 15.39 -33.00
C ILE B 134 2.32 15.02 -34.44
N TYR B 135 1.03 15.02 -34.81
CA TYR B 135 0.55 14.78 -36.16
C TYR B 135 -0.46 15.85 -36.52
N VAL B 136 -0.50 16.22 -37.81
CA VAL B 136 -1.48 17.19 -38.31
C VAL B 136 -2.21 16.62 -39.53
N LYS B 137 -3.55 16.75 -39.55
CA LYS B 137 -4.38 16.36 -40.70
C LYS B 137 -4.97 17.64 -41.25
N ILE B 138 -4.66 17.96 -42.50
CA ILE B 138 -5.20 19.15 -43.16
C ILE B 138 -6.70 18.95 -43.46
N GLU B 139 -7.05 17.71 -43.85
CA GLU B 139 -8.43 17.30 -44.15
C GLU B 139 -8.73 16.02 -43.39
N PRO B 140 -9.96 15.88 -42.82
CA PRO B 140 -10.28 14.70 -41.99
C PRO B 140 -10.09 13.32 -42.62
N ASN B 141 -10.28 13.19 -43.95
CA ASN B 141 -10.15 11.90 -44.66
C ASN B 141 -8.76 11.70 -45.28
N LEU B 142 -7.86 12.69 -45.13
CA LEU B 142 -6.53 12.61 -45.75
C LEU B 142 -5.40 12.14 -44.80
N PRO B 143 -4.27 11.61 -45.32
CA PRO B 143 -3.20 11.15 -44.41
C PRO B 143 -2.67 12.27 -43.49
N SER B 144 -2.21 11.88 -42.31
CA SER B 144 -1.58 12.82 -41.37
C SER B 144 -0.17 13.12 -41.80
N TYR B 145 0.35 14.28 -41.37
CA TYR B 145 1.76 14.65 -41.53
C TYR B 145 2.34 14.52 -40.15
N ARG B 146 3.41 13.77 -40.02
CA ARG B 146 4.11 13.62 -38.75
C ARG B 146 4.96 14.87 -38.54
N ILE B 147 4.91 15.45 -37.32
CA ILE B 147 5.64 16.68 -36.98
C ILE B 147 6.90 16.39 -36.17
N THR B 148 6.83 15.40 -35.27
CA THR B 148 7.98 15.05 -34.41
C THR B 148 8.26 13.56 -34.49
N TRP B 149 9.55 13.16 -34.32
CA TRP B 149 9.96 11.75 -34.34
C TRP B 149 10.67 11.34 -33.04
N THR B 150 10.73 12.25 -32.06
CA THR B 150 11.46 12.06 -30.80
C THR B 150 10.63 11.50 -29.64
N GLY B 151 9.31 11.45 -29.79
CA GLY B 151 8.42 10.96 -28.73
C GLY B 151 8.87 9.63 -28.16
N LYS B 152 8.91 9.53 -26.82
CA LYS B 152 9.33 8.29 -26.16
C LYS B 152 8.57 8.22 -24.84
N GLU B 153 7.83 7.12 -24.60
CA GLU B 153 7.04 6.94 -23.38
C GLU B 153 7.85 7.26 -22.12
N ASP B 154 7.31 8.14 -21.24
CA ASP B 154 7.91 8.58 -19.96
C ASP B 154 9.21 9.34 -20.11
N ILE B 155 9.57 9.73 -21.34
CA ILE B 155 10.85 10.38 -21.55
C ILE B 155 10.70 11.68 -22.32
N ILE B 156 10.22 11.59 -23.58
CA ILE B 156 10.06 12.77 -24.43
C ILE B 156 8.59 12.96 -24.74
N TYR B 157 8.06 14.14 -24.37
CA TYR B 157 6.65 14.47 -24.57
C TYR B 157 6.57 15.62 -25.57
N ASN B 158 6.00 15.39 -26.76
CA ASN B 158 5.82 16.48 -27.75
C ASN B 158 4.35 16.85 -27.81
N GLY B 159 4.02 18.11 -27.53
CA GLY B 159 2.63 18.53 -27.68
C GLY B 159 1.70 18.14 -26.55
N ILE B 160 2.24 17.44 -25.55
CA ILE B 160 1.52 17.06 -24.33
C ILE B 160 2.44 17.30 -23.17
N THR B 161 1.85 17.53 -21.99
CA THR B 161 2.64 17.81 -20.79
C THR B 161 3.08 16.54 -20.07
N ASP B 162 4.12 16.64 -19.24
CA ASP B 162 4.46 15.53 -18.37
C ASP B 162 3.58 15.69 -17.09
N TRP B 163 3.78 14.84 -16.07
CA TRP B 163 2.92 14.90 -14.88
C TRP B 163 2.90 16.27 -14.24
N VAL B 164 4.09 16.80 -13.94
CA VAL B 164 4.18 18.08 -13.21
C VAL B 164 3.68 19.30 -14.00
N TYR B 165 3.95 19.33 -15.30
CA TYR B 165 3.44 20.46 -16.09
C TYR B 165 1.91 20.38 -16.21
N GLU B 166 1.35 19.16 -16.31
CA GLU B 166 -0.11 18.99 -16.40
C GLU B 166 -0.76 19.52 -15.10
N GLU B 167 -0.26 19.03 -13.97
CA GLU B 167 -0.86 19.34 -12.68
C GLU B 167 -0.64 20.76 -12.18
N GLU B 168 0.62 21.27 -12.31
CA GLU B 168 1.05 22.50 -11.64
C GLU B 168 1.31 23.72 -12.49
N VAL B 169 1.42 23.56 -13.80
CA VAL B 169 1.75 24.69 -14.67
C VAL B 169 0.61 25.04 -15.61
N PHE B 170 0.26 24.12 -16.52
CA PHE B 170 -0.77 24.41 -17.51
C PHE B 170 -2.19 24.03 -17.12
N SER B 171 -2.38 23.19 -16.07
CA SER B 171 -3.72 22.68 -15.66
C SER B 171 -4.42 22.06 -16.90
N ALA B 172 -3.63 21.38 -17.74
CA ALA B 172 -4.07 20.79 -19.00
C ALA B 172 -3.04 19.80 -19.46
N TYR B 173 -3.48 18.81 -20.23
CA TYR B 173 -2.61 17.80 -20.83
C TYR B 173 -2.05 18.39 -22.09
N SER B 174 -2.81 19.23 -22.79
CA SER B 174 -2.35 19.81 -24.06
C SER B 174 -1.12 20.73 -23.89
N ALA B 175 -0.16 20.61 -24.84
CA ALA B 175 0.99 21.50 -24.94
C ALA B 175 1.16 21.89 -26.42
N LEU B 176 0.00 22.21 -27.05
CA LEU B 176 0.01 22.76 -28.39
CA LEU B 176 -0.19 22.62 -28.47
C LEU B 176 -0.94 23.95 -28.52
N TRP B 177 -0.54 24.90 -29.34
CA TRP B 177 -1.26 26.16 -29.47
C TRP B 177 -1.29 26.60 -30.93
N TRP B 178 -2.46 26.48 -31.58
CA TRP B 178 -2.63 26.91 -32.96
C TRP B 178 -2.62 28.44 -32.98
N SER B 179 -2.06 29.02 -34.05
CA SER B 179 -2.09 30.46 -34.28
C SER B 179 -3.56 30.82 -34.58
N PRO B 180 -3.97 32.11 -34.46
CA PRO B 180 -5.40 32.44 -34.58
C PRO B 180 -6.14 31.93 -35.81
N ASN B 181 -5.52 31.98 -36.99
CA ASN B 181 -6.16 31.50 -38.20
C ASN B 181 -5.71 30.09 -38.63
N GLY B 182 -4.93 29.43 -37.77
CA GLY B 182 -4.47 28.05 -37.99
C GLY B 182 -3.26 27.84 -38.90
N THR B 183 -2.57 28.92 -39.32
CA THR B 183 -1.39 28.73 -40.18
C THR B 183 -0.27 28.03 -39.42
N PHE B 184 0.00 28.51 -38.18
CA PHE B 184 1.09 27.94 -37.41
C PHE B 184 0.59 27.05 -36.27
N LEU B 185 1.40 26.04 -35.94
CA LEU B 185 1.16 25.22 -34.76
C LEU B 185 2.37 25.34 -33.86
N ALA B 186 2.18 25.94 -32.67
CA ALA B 186 3.27 26.09 -31.70
C ALA B 186 3.13 24.91 -30.73
N TYR B 187 4.24 24.43 -30.18
CA TYR B 187 4.16 23.33 -29.21
C TYR B 187 5.36 23.31 -28.31
N ALA B 188 5.21 22.68 -27.14
CA ALA B 188 6.32 22.51 -26.22
C ALA B 188 6.73 21.05 -26.26
N GLN B 189 7.99 20.82 -25.95
CA GLN B 189 8.58 19.47 -25.82
C GLN B 189 9.18 19.37 -24.44
N PHE B 190 8.79 18.35 -23.68
CA PHE B 190 9.33 18.12 -22.32
C PHE B 190 10.24 16.93 -22.34
N ASN B 191 11.36 17.07 -21.64
CA ASN B 191 12.35 15.99 -21.56
C ASN B 191 12.47 15.55 -20.10
N ASP B 192 11.96 14.33 -19.78
CA ASP B 192 11.99 13.81 -18.41
C ASP B 192 13.09 12.76 -18.17
N THR B 193 14.12 12.70 -19.06
CA THR B 193 15.19 11.68 -18.94
C THR B 193 15.70 11.42 -17.53
N GLU B 194 16.08 12.48 -16.82
CA GLU B 194 16.69 12.34 -15.50
C GLU B 194 15.74 12.66 -14.33
N VAL B 195 14.45 12.76 -14.64
CA VAL B 195 13.46 13.01 -13.58
C VAL B 195 13.23 11.66 -12.85
N PRO B 196 13.32 11.61 -11.51
CA PRO B 196 13.08 10.33 -10.82
C PRO B 196 11.64 9.88 -10.91
N LEU B 197 11.42 8.56 -10.76
CA LEU B 197 10.07 7.98 -10.84
C LEU B 197 9.44 7.72 -9.48
N ILE B 198 8.17 8.09 -9.34
CA ILE B 198 7.40 7.64 -8.18
C ILE B 198 6.91 6.25 -8.61
N GLU B 199 7.00 5.27 -7.71
CA GLU B 199 6.54 3.92 -8.02
C GLU B 199 5.55 3.50 -6.96
N TYR B 200 4.41 2.92 -7.38
CA TYR B 200 3.42 2.39 -6.43
C TYR B 200 2.68 1.22 -7.05
N SER B 201 2.12 0.33 -6.21
CA SER B 201 1.40 -0.83 -6.71
C SER B 201 0.00 -0.45 -7.15
N PHE B 202 -0.48 -1.11 -8.21
CA PHE B 202 -1.87 -0.96 -8.68
C PHE B 202 -2.39 -2.40 -8.71
N TYR B 203 -3.44 -2.68 -7.93
CA TYR B 203 -3.97 -4.03 -7.72
C TYR B 203 -4.88 -4.52 -8.81
N SER B 204 -5.65 -3.59 -9.42
CA SER B 204 -6.59 -3.87 -10.51
C SER B 204 -7.74 -4.80 -10.07
N ASP B 205 -8.47 -5.36 -11.04
CA ASP B 205 -9.54 -6.33 -10.79
C ASP B 205 -8.95 -7.54 -10.05
N GLU B 206 -9.78 -8.22 -9.27
CA GLU B 206 -9.30 -9.37 -8.51
C GLU B 206 -8.69 -10.50 -9.35
N SER B 207 -9.04 -10.56 -10.67
CA SER B 207 -8.48 -11.53 -11.61
C SER B 207 -6.96 -11.34 -11.83
N LEU B 208 -6.42 -10.13 -11.59
CA LEU B 208 -4.99 -9.88 -11.80
C LEU B 208 -4.15 -10.58 -10.72
N GLN B 209 -3.39 -11.60 -11.13
CA GLN B 209 -2.62 -12.41 -10.16
C GLN B 209 -1.48 -11.66 -9.47
N TYR B 210 -0.68 -10.89 -10.23
CA TYR B 210 0.43 -10.09 -9.68
C TYR B 210 0.09 -8.62 -9.79
N PRO B 211 0.20 -7.81 -8.72
CA PRO B 211 -0.05 -6.36 -8.85
C PRO B 211 0.93 -5.74 -9.84
N LYS B 212 0.47 -4.68 -10.51
CA LYS B 212 1.27 -3.92 -11.46
C LYS B 212 1.99 -2.82 -10.69
N THR B 213 3.19 -2.43 -11.11
CA THR B 213 3.87 -1.29 -10.47
C THR B 213 3.74 -0.13 -11.45
N VAL B 214 3.07 0.93 -11.01
CA VAL B 214 2.90 2.15 -11.80
C VAL B 214 4.15 2.99 -11.58
N ARG B 215 4.77 3.50 -12.65
CA ARG B 215 6.01 4.28 -12.57
C ARG B 215 5.82 5.58 -13.32
N VAL B 216 5.91 6.71 -12.63
CA VAL B 216 5.63 8.02 -13.24
C VAL B 216 6.79 8.97 -13.00
N PRO B 217 7.32 9.63 -14.05
CA PRO B 217 8.36 10.66 -13.82
C PRO B 217 7.71 11.83 -13.03
N TYR B 218 8.18 12.04 -11.81
CA TYR B 218 7.56 12.99 -10.88
C TYR B 218 8.68 13.60 -10.08
N PRO B 219 8.95 14.91 -10.27
CA PRO B 219 10.01 15.55 -9.48
C PRO B 219 9.49 15.97 -8.11
N LYS B 220 10.02 15.38 -7.06
CA LYS B 220 9.70 15.81 -5.70
C LYS B 220 10.56 17.06 -5.40
N ALA B 221 10.27 17.80 -4.30
CA ALA B 221 10.99 19.04 -3.99
C ALA B 221 12.52 18.89 -4.02
N GLY B 222 13.15 19.75 -4.83
CA GLY B 222 14.60 19.79 -4.99
C GLY B 222 15.19 18.73 -5.92
N ALA B 223 14.34 17.85 -6.50
CA ALA B 223 14.86 16.79 -7.39
C ALA B 223 15.09 17.34 -8.81
N VAL B 224 15.64 16.51 -9.72
CA VAL B 224 15.86 16.94 -11.11
C VAL B 224 14.50 17.15 -11.78
N ASN B 225 14.32 18.33 -12.36
CA ASN B 225 13.09 18.70 -13.05
C ASN B 225 13.14 18.35 -14.54
N PRO B 226 11.96 18.25 -15.22
CA PRO B 226 11.98 18.13 -16.67
C PRO B 226 12.58 19.40 -17.29
N THR B 227 13.13 19.29 -18.50
CA THR B 227 13.60 20.44 -19.26
C THR B 227 12.58 20.66 -20.34
N VAL B 228 12.57 21.84 -20.96
CA VAL B 228 11.54 22.18 -21.93
C VAL B 228 12.12 22.94 -23.10
N LYS B 229 11.56 22.70 -24.29
CA LYS B 229 11.90 23.44 -25.52
C LYS B 229 10.58 23.85 -26.16
N PHE B 230 10.61 24.92 -26.94
CA PHE B 230 9.42 25.46 -27.60
C PHE B 230 9.67 25.56 -29.10
N PHE B 231 8.69 25.12 -29.92
CA PHE B 231 8.83 25.11 -31.39
C PHE B 231 7.57 25.66 -32.07
N VAL B 232 7.72 26.14 -33.30
CA VAL B 232 6.60 26.60 -34.10
C VAL B 232 6.79 26.00 -35.50
N VAL B 233 5.73 25.37 -36.03
CA VAL B 233 5.76 24.79 -37.38
C VAL B 233 4.70 25.46 -38.25
N ASN B 234 5.03 25.68 -39.53
CA ASN B 234 4.11 26.26 -40.50
C ASN B 234 3.28 25.11 -41.12
N THR B 235 2.03 24.95 -40.67
CA THR B 235 1.14 23.86 -41.17
C THR B 235 0.71 24.04 -42.63
N ASP B 236 0.73 25.28 -43.14
CA ASP B 236 0.40 25.55 -44.54
C ASP B 236 1.48 25.06 -45.49
N SER B 237 2.69 24.75 -44.98
CA SER B 237 3.81 24.27 -45.82
C SER B 237 3.83 22.73 -45.92
N LEU B 238 3.02 22.05 -45.10
CA LEU B 238 3.05 20.58 -45.01
C LEU B 238 2.86 19.83 -46.31
N SER B 239 1.87 20.22 -47.12
CA SER B 239 1.58 19.53 -48.37
C SER B 239 2.58 19.88 -49.48
N SER B 240 3.55 20.82 -49.22
CA SER B 240 4.55 21.32 -50.19
C SER B 240 5.98 20.83 -49.94
N VAL B 241 6.28 20.46 -48.68
CA VAL B 241 7.64 20.02 -48.34
C VAL B 241 7.59 18.64 -47.71
N THR B 242 8.65 17.85 -47.88
CA THR B 242 8.61 16.48 -47.33
C THR B 242 8.61 16.42 -45.81
N ASN B 243 9.32 17.35 -45.19
CA ASN B 243 9.47 17.36 -43.75
C ASN B 243 9.59 18.81 -43.27
N ALA B 244 8.45 19.46 -43.02
CA ALA B 244 8.40 20.86 -42.57
C ALA B 244 9.20 21.08 -41.29
N THR B 245 9.98 22.15 -41.26
CA THR B 245 10.86 22.42 -40.11
C THR B 245 10.11 23.02 -38.94
N SER B 246 10.41 22.50 -37.74
CA SER B 246 9.87 23.05 -36.50
C SER B 246 10.94 24.03 -36.04
N ILE B 247 10.60 25.32 -36.04
CA ILE B 247 11.54 26.39 -35.67
C ILE B 247 11.52 26.55 -34.17
N GLN B 248 12.69 26.42 -33.54
CA GLN B 248 12.77 26.58 -32.10
C GLN B 248 12.82 28.05 -31.69
N ILE B 249 12.12 28.37 -30.60
CA ILE B 249 12.21 29.67 -29.95
C ILE B 249 12.88 29.39 -28.62
N THR B 250 14.10 29.89 -28.47
CA THR B 250 14.83 29.62 -27.24
C THR B 250 14.45 30.59 -26.15
N ALA B 251 14.57 30.12 -24.91
CA ALA B 251 14.31 30.90 -23.71
C ALA B 251 15.35 32.04 -23.65
N PRO B 252 15.04 33.18 -22.99
CA PRO B 252 16.07 34.25 -22.88
C PRO B 252 17.25 33.83 -22.00
N ALA B 253 18.42 34.51 -22.15
CA ALA B 253 19.62 34.23 -21.35
C ALA B 253 19.40 34.26 -19.84
N SER B 254 18.53 35.18 -19.37
CA SER B 254 18.20 35.33 -17.93
C SER B 254 17.54 34.04 -17.38
N MET B 255 16.97 33.20 -18.28
CA MET B 255 16.35 31.93 -17.90
C MET B 255 17.33 30.77 -18.09
N LEU B 256 18.09 30.77 -19.20
CA LEU B 256 19.05 29.71 -19.54
C LEU B 256 20.19 29.52 -18.52
N ILE B 257 20.42 30.53 -17.66
CA ILE B 257 21.44 30.49 -16.59
C ILE B 257 21.17 29.38 -15.56
N GLY B 258 19.92 28.94 -15.45
CA GLY B 258 19.58 27.91 -14.49
C GLY B 258 18.32 27.20 -14.85
N ASP B 259 17.81 26.39 -13.92
CA ASP B 259 16.56 25.67 -14.15
C ASP B 259 15.45 26.70 -14.33
N HIS B 260 14.48 26.37 -15.21
CA HIS B 260 13.37 27.29 -15.49
C HIS B 260 12.18 26.48 -16.00
N TYR B 261 11.07 27.16 -16.23
CA TYR B 261 9.83 26.60 -16.76
C TYR B 261 9.31 27.48 -17.86
N LEU B 262 8.56 26.89 -18.79
CA LEU B 262 7.76 27.62 -19.74
C LEU B 262 6.39 27.72 -19.01
N CYS B 263 5.89 28.94 -18.71
CA CYS B 263 4.63 29.05 -17.92
C CYS B 263 3.41 29.59 -18.63
N ASP B 264 3.54 30.19 -19.85
CA ASP B 264 2.37 30.70 -20.58
C ASP B 264 2.73 30.79 -22.05
N VAL B 265 1.75 30.51 -22.89
CA VAL B 265 1.88 30.66 -24.35
C VAL B 265 0.61 31.34 -24.78
N THR B 266 0.74 32.53 -25.37
CA THR B 266 -0.41 33.28 -25.87
C THR B 266 -0.11 33.89 -27.23
N TRP B 267 -0.90 33.51 -28.27
CA TRP B 267 -0.73 34.12 -29.59
C TRP B 267 -1.29 35.56 -29.54
N ALA B 268 -0.58 36.52 -30.15
CA ALA B 268 -1.02 37.92 -30.18
C ALA B 268 -1.70 38.21 -31.50
N THR B 269 -1.08 37.80 -32.62
CA THR B 269 -1.62 38.03 -33.97
C THR B 269 -1.33 36.76 -34.77
N GLN B 270 -1.57 36.80 -36.10
CA GLN B 270 -1.23 35.68 -37.00
C GLN B 270 0.26 35.41 -37.04
N GLU B 271 1.10 36.44 -36.75
CA GLU B 271 2.55 36.32 -36.87
C GLU B 271 3.31 36.79 -35.64
N ARG B 272 2.64 36.83 -34.48
CA ARG B 272 3.29 37.28 -33.25
C ARG B 272 2.82 36.39 -32.11
N ILE B 273 3.77 35.82 -31.37
CA ILE B 273 3.45 34.96 -30.24
C ILE B 273 4.14 35.47 -28.97
N SER B 274 3.47 35.36 -27.83
CA SER B 274 4.09 35.73 -26.56
C SER B 274 4.29 34.48 -25.74
N LEU B 275 5.44 34.41 -25.07
CA LEU B 275 5.83 33.31 -24.18
C LEU B 275 6.23 33.89 -22.85
N GLN B 276 5.81 33.25 -21.75
CA GLN B 276 6.29 33.63 -20.43
C GLN B 276 7.11 32.48 -19.87
N TRP B 277 8.30 32.82 -19.37
CA TRP B 277 9.22 31.87 -18.76
C TRP B 277 9.36 32.20 -17.28
N LEU B 278 9.55 31.19 -16.43
CA LEU B 278 9.63 31.39 -14.98
C LEU B 278 10.86 30.68 -14.45
N ARG B 279 11.66 31.35 -13.58
CA ARG B 279 12.84 30.70 -13.02
C ARG B 279 12.39 29.64 -12.03
N ARG B 280 13.21 28.60 -11.82
CA ARG B 280 12.85 27.58 -10.81
C ARG B 280 12.60 28.22 -9.41
N ILE B 281 13.30 29.32 -9.08
CA ILE B 281 13.04 30.17 -7.91
C ILE B 281 12.02 31.12 -8.52
N GLN B 282 10.76 30.84 -8.24
CA GLN B 282 9.58 31.42 -8.89
C GLN B 282 9.19 32.86 -8.55
N ASN B 283 10.18 33.72 -8.31
CA ASN B 283 9.90 35.14 -8.04
C ASN B 283 10.42 36.03 -9.17
N TYR B 284 10.72 35.44 -10.34
CA TYR B 284 11.26 36.15 -11.50
C TYR B 284 10.74 35.48 -12.77
N SER B 285 10.01 36.26 -13.57
CA SER B 285 9.48 35.76 -14.83
CA SER B 285 9.42 35.80 -14.81
C SER B 285 9.75 36.76 -15.95
N VAL B 286 9.84 36.24 -17.17
CA VAL B 286 10.16 37.05 -18.36
C VAL B 286 9.16 36.70 -19.47
N MET B 287 8.58 37.73 -20.09
CA MET B 287 7.71 37.54 -21.26
C MET B 287 8.51 37.95 -22.49
N ASP B 288 8.56 37.07 -23.49
CA ASP B 288 9.18 37.40 -24.77
C ASP B 288 8.02 37.55 -25.76
N ILE B 289 8.16 38.48 -26.72
CA ILE B 289 7.16 38.73 -27.75
C ILE B 289 7.89 38.53 -29.07
N CYS B 290 7.53 37.46 -29.78
CA CYS B 290 8.26 36.96 -30.93
C CYS B 290 7.50 37.10 -32.22
N ASP B 291 8.17 37.63 -33.24
CA ASP B 291 7.61 37.89 -34.54
C ASP B 291 8.18 36.97 -35.62
N TYR B 292 7.30 36.54 -36.53
CA TYR B 292 7.70 35.72 -37.65
C TYR B 292 8.43 36.62 -38.67
N ASP B 293 9.62 36.20 -39.11
CA ASP B 293 10.44 36.92 -40.09
C ASP B 293 10.31 36.15 -41.40
N GLU B 294 9.45 36.65 -42.30
CA GLU B 294 9.10 36.07 -43.59
C GLU B 294 10.29 35.76 -44.51
N SER B 295 11.37 36.56 -44.42
CA SER B 295 12.57 36.40 -45.26
C SER B 295 13.46 35.25 -44.81
N SER B 296 13.65 35.07 -43.49
CA SER B 296 14.50 34.04 -42.90
C SER B 296 13.74 32.79 -42.47
N GLY B 297 12.41 32.91 -42.36
CA GLY B 297 11.53 31.84 -41.87
C GLY B 297 11.69 31.59 -40.39
N ARG B 298 12.39 32.49 -39.68
CA ARG B 298 12.67 32.36 -38.24
C ARG B 298 11.69 33.23 -37.40
N TRP B 299 11.71 33.01 -36.09
CA TRP B 299 10.94 33.77 -35.10
C TRP B 299 11.94 34.54 -34.26
N ASN B 300 11.80 35.87 -34.22
CA ASN B 300 12.75 36.68 -33.47
C ASN B 300 12.03 37.41 -32.33
N CYS B 301 12.64 37.41 -31.14
CA CYS B 301 12.08 38.06 -29.95
C CYS B 301 12.95 39.27 -29.58
N LEU B 302 12.49 40.47 -29.95
CA LEU B 302 13.20 41.72 -29.69
C LEU B 302 13.34 41.96 -28.19
N VAL B 303 14.58 42.25 -27.73
CA VAL B 303 14.80 42.55 -26.32
C VAL B 303 13.98 43.78 -25.89
N ALA B 304 13.74 44.75 -26.82
CA ALA B 304 12.91 45.92 -26.52
C ALA B 304 11.43 45.52 -26.20
N ARG B 305 11.02 44.28 -26.57
CA ARG B 305 9.64 43.81 -26.35
C ARG B 305 9.55 42.81 -25.22
N GLN B 306 10.64 42.66 -24.45
CA GLN B 306 10.74 41.73 -23.32
C GLN B 306 10.21 42.39 -22.07
N HIS B 307 9.36 41.69 -21.30
CA HIS B 307 8.77 42.23 -20.08
C HIS B 307 9.11 41.39 -18.87
N ILE B 308 9.64 42.04 -17.82
CA ILE B 308 10.04 41.34 -16.59
C ILE B 308 8.95 41.51 -15.53
N GLU B 309 8.65 40.41 -14.81
CA GLU B 309 7.70 40.43 -13.72
C GLU B 309 8.37 39.73 -12.55
N MET B 310 8.53 40.44 -11.44
CA MET B 310 9.20 39.89 -10.28
C MET B 310 8.51 40.23 -8.97
N SER B 311 8.86 39.49 -7.91
CA SER B 311 8.29 39.71 -6.60
C SER B 311 9.40 39.69 -5.58
N THR B 312 9.41 40.70 -4.69
CA THR B 312 10.36 40.80 -3.59
C THR B 312 9.80 40.13 -2.32
N THR B 313 8.47 40.01 -2.22
CA THR B 313 7.82 39.45 -1.02
C THR B 313 7.36 37.99 -1.14
N GLY B 314 7.26 37.48 -2.37
CA GLY B 314 6.79 36.12 -2.58
C GLY B 314 7.13 35.62 -3.96
N TRP B 315 6.18 34.88 -4.54
CA TRP B 315 6.31 34.30 -5.87
C TRP B 315 5.61 35.20 -6.89
N VAL B 316 5.70 34.85 -8.19
CA VAL B 316 5.01 35.63 -9.23
C VAL B 316 3.65 34.99 -9.56
N GLY B 317 2.59 35.78 -9.48
CA GLY B 317 1.22 35.40 -9.80
C GLY B 317 0.50 34.72 -8.67
N ARG B 318 -0.77 34.38 -8.86
CA ARG B 318 -1.47 33.66 -7.78
C ARG B 318 -0.90 32.24 -7.68
N PHE B 319 -0.87 31.53 -8.81
CA PHE B 319 -0.29 30.18 -8.90
C PHE B 319 0.76 30.16 -10.00
N ARG B 320 0.75 31.22 -10.86
CA ARG B 320 1.68 31.39 -11.99
CA ARG B 320 1.71 31.41 -11.95
C ARG B 320 1.49 32.79 -12.58
N PRO B 321 2.48 33.33 -13.34
CA PRO B 321 2.23 34.66 -13.96
C PRO B 321 0.94 34.62 -14.79
N SER B 322 0.20 35.73 -14.78
CA SER B 322 -1.09 35.81 -15.48
C SER B 322 -0.93 35.87 -17.00
N GLU B 323 -2.00 35.56 -17.73
CA GLU B 323 -1.93 35.58 -19.17
C GLU B 323 -2.16 37.00 -19.72
N PRO B 324 -1.52 37.36 -20.84
CA PRO B 324 -1.81 38.67 -21.43
C PRO B 324 -3.03 38.62 -22.34
N HIS B 325 -3.75 39.75 -22.47
CA HIS B 325 -4.87 39.84 -23.41
C HIS B 325 -4.52 40.94 -24.41
N PHE B 326 -4.19 40.53 -25.64
CA PHE B 326 -3.74 41.49 -26.66
C PHE B 326 -4.86 42.21 -27.35
N THR B 327 -4.61 43.50 -27.68
CA THR B 327 -5.48 44.30 -28.53
C THR B 327 -5.40 43.66 -29.94
N LEU B 328 -6.43 43.87 -30.79
CA LEU B 328 -6.48 43.28 -32.13
C LEU B 328 -5.17 43.39 -32.95
N ASP B 329 -4.57 44.59 -32.99
CA ASP B 329 -3.33 44.83 -33.76
C ASP B 329 -2.07 44.19 -33.14
N GLY B 330 -2.21 43.62 -31.93
CA GLY B 330 -1.11 42.98 -31.20
C GLY B 330 -0.02 43.92 -30.72
N ASN B 331 -0.28 45.25 -30.72
CA ASN B 331 0.72 46.24 -30.31
C ASN B 331 0.65 46.63 -28.84
N SER B 332 -0.37 46.14 -28.15
CA SER B 332 -0.52 46.42 -26.74
C SER B 332 -1.31 45.28 -26.10
N PHE B 333 -1.23 45.18 -24.75
CA PHE B 333 -1.93 44.11 -24.06
C PHE B 333 -2.28 44.51 -22.65
N TYR B 334 -3.24 43.79 -22.07
CA TYR B 334 -3.69 43.98 -20.70
C TYR B 334 -3.31 42.75 -19.93
N LYS B 335 -2.92 42.93 -18.67
CA LYS B 335 -2.49 41.80 -17.87
C LYS B 335 -2.71 42.13 -16.38
N ILE B 336 -3.13 41.13 -15.59
CA ILE B 336 -3.31 41.30 -14.14
C ILE B 336 -1.96 41.17 -13.48
N ILE B 337 -1.55 42.18 -12.73
CA ILE B 337 -0.27 42.16 -12.02
C ILE B 337 -0.47 42.78 -10.64
N SER B 338 0.42 42.45 -9.70
CA SER B 338 0.34 43.02 -8.36
C SER B 338 0.83 44.47 -8.40
N ASN B 339 -0.01 45.38 -7.90
CA ASN B 339 0.36 46.81 -7.89
C ASN B 339 1.32 47.13 -6.73
N GLU B 340 1.69 48.42 -6.55
CA GLU B 340 2.62 48.82 -5.48
C GLU B 340 2.11 48.55 -4.07
N GLU B 341 0.78 48.52 -3.88
CA GLU B 341 0.12 48.23 -2.60
C GLU B 341 -0.10 46.71 -2.40
N GLY B 342 0.31 45.90 -3.38
CA GLY B 342 0.15 44.44 -3.30
C GLY B 342 -1.21 43.90 -3.74
N TYR B 343 -2.04 44.75 -4.40
CA TYR B 343 -3.35 44.30 -4.93
C TYR B 343 -3.29 44.05 -6.43
N ARG B 344 -3.84 42.91 -6.86
CA ARG B 344 -3.83 42.50 -8.26
C ARG B 344 -4.84 43.30 -9.06
N HIS B 345 -4.33 44.04 -10.06
CA HIS B 345 -5.09 44.95 -10.88
C HIS B 345 -4.70 44.84 -12.34
N ILE B 346 -5.52 45.38 -13.23
CA ILE B 346 -5.24 45.32 -14.67
C ILE B 346 -4.25 46.42 -15.08
N CYS B 347 -3.13 46.02 -15.68
CA CYS B 347 -2.12 46.95 -16.18
C CYS B 347 -2.15 46.88 -17.68
N TYR B 348 -1.97 48.04 -18.32
CA TYR B 348 -1.98 48.18 -19.76
C TYR B 348 -0.57 48.47 -20.26
N PHE B 349 -0.08 47.62 -21.18
CA PHE B 349 1.28 47.68 -21.72
C PHE B 349 1.31 47.98 -23.19
N GLN B 350 2.34 48.73 -23.65
CA GLN B 350 2.66 48.80 -25.08
C GLN B 350 3.71 47.72 -25.21
N ILE B 351 3.72 46.96 -26.32
CA ILE B 351 4.66 45.84 -26.45
C ILE B 351 6.12 46.21 -26.32
N ASP B 352 6.49 47.45 -26.72
CA ASP B 352 7.89 47.86 -26.67
C ASP B 352 8.21 48.94 -25.62
N LYS B 353 7.36 49.10 -24.61
CA LYS B 353 7.62 50.03 -23.52
C LYS B 353 7.58 49.24 -22.23
N LYS B 354 8.57 49.45 -21.35
CA LYS B 354 8.63 48.68 -20.10
C LYS B 354 7.67 49.12 -18.99
N ASP B 355 7.29 50.38 -18.97
CA ASP B 355 6.38 50.83 -17.91
C ASP B 355 4.93 50.70 -18.34
N CYS B 356 4.10 50.02 -17.52
CA CYS B 356 2.67 49.84 -17.81
C CYS B 356 1.80 50.83 -17.04
N THR B 357 0.54 50.97 -17.45
CA THR B 357 -0.40 51.88 -16.81
C THR B 357 -1.52 51.09 -16.15
N PHE B 358 -1.71 51.25 -14.83
CA PHE B 358 -2.82 50.56 -14.17
C PHE B 358 -4.13 51.21 -14.56
N ILE B 359 -5.09 50.38 -14.95
CA ILE B 359 -6.41 50.86 -15.36
C ILE B 359 -7.45 50.65 -14.27
N THR B 360 -7.12 49.79 -13.26
CA THR B 360 -7.98 49.57 -12.09
C THR B 360 -7.09 49.75 -10.87
N LYS B 361 -7.70 50.08 -9.71
CA LYS B 361 -6.96 50.23 -8.46
C LYS B 361 -7.95 50.13 -7.30
N GLY B 362 -7.43 49.87 -6.13
CA GLY B 362 -8.28 49.79 -4.95
C GLY B 362 -7.89 48.64 -4.07
N THR B 363 -8.45 48.61 -2.85
CA THR B 363 -8.16 47.54 -1.87
C THR B 363 -9.13 46.39 -2.13
N TRP B 364 -8.98 45.76 -3.31
CA TRP B 364 -9.78 44.63 -3.78
C TRP B 364 -9.00 44.10 -4.98
N GLU B 365 -9.41 43.00 -5.57
CA GLU B 365 -8.60 42.44 -6.66
C GLU B 365 -9.37 42.05 -7.89
N VAL B 366 -8.70 42.16 -9.03
CA VAL B 366 -9.27 41.68 -10.29
C VAL B 366 -8.97 40.15 -10.29
N ILE B 367 -9.99 39.34 -10.57
CA ILE B 367 -9.88 37.88 -10.58
C ILE B 367 -9.44 37.41 -11.98
N GLY B 368 -10.07 37.93 -13.01
CA GLY B 368 -9.71 37.56 -14.37
C GLY B 368 -10.22 38.54 -15.39
N ILE B 369 -9.50 38.61 -16.53
CA ILE B 369 -9.91 39.38 -17.71
C ILE B 369 -10.72 38.40 -18.57
N GLU B 370 -11.98 38.75 -18.88
CA GLU B 370 -12.93 37.84 -19.55
C GLU B 370 -13.09 38.03 -21.04
N ALA B 371 -13.05 39.30 -21.50
CA ALA B 371 -13.20 39.64 -22.90
C ALA B 371 -12.63 41.03 -23.16
N LEU B 372 -12.21 41.25 -24.38
CA LEU B 372 -11.64 42.53 -24.81
C LEU B 372 -12.15 42.82 -26.21
N THR B 373 -12.78 43.99 -26.39
CA THR B 373 -13.28 44.50 -27.67
C THR B 373 -12.50 45.79 -27.96
N SER B 374 -12.74 46.41 -29.13
CA SER B 374 -12.05 47.67 -29.44
C SER B 374 -12.48 48.80 -28.49
N ASP B 375 -13.63 48.66 -27.82
CA ASP B 375 -14.13 49.72 -26.94
C ASP B 375 -14.15 49.42 -25.46
N TYR B 376 -14.25 48.13 -25.09
CA TYR B 376 -14.38 47.76 -23.69
C TYR B 376 -13.56 46.56 -23.31
N LEU B 377 -13.17 46.52 -22.04
CA LEU B 377 -12.53 45.34 -21.45
C LEU B 377 -13.52 44.85 -20.37
N TYR B 378 -13.78 43.54 -20.31
CA TYR B 378 -14.71 42.96 -19.33
C TYR B 378 -13.90 42.14 -18.36
N TYR B 379 -14.15 42.30 -17.06
CA TYR B 379 -13.38 41.56 -16.07
C TYR B 379 -14.26 41.17 -14.89
N ILE B 380 -13.79 40.16 -14.12
CA ILE B 380 -14.46 39.75 -12.88
C ILE B 380 -13.60 40.26 -11.72
N SER B 381 -14.24 40.79 -10.67
CA SER B 381 -13.50 41.24 -9.49
C SER B 381 -14.34 41.01 -8.24
N ASN B 382 -13.72 41.18 -7.08
CA ASN B 382 -14.40 41.06 -5.79
C ASN B 382 -14.56 42.48 -5.18
N GLU B 383 -14.66 43.51 -6.05
CA GLU B 383 -14.79 44.89 -5.54
C GLU B 383 -16.10 45.08 -4.77
N TYR B 384 -17.21 44.55 -5.30
CA TYR B 384 -18.54 44.82 -4.74
C TYR B 384 -18.67 44.62 -3.24
N LYS B 385 -19.10 45.70 -2.53
CA LYS B 385 -19.32 45.70 -1.06
C LYS B 385 -18.08 45.28 -0.22
N GLY B 386 -16.89 45.37 -0.83
CA GLY B 386 -15.63 45.00 -0.19
C GLY B 386 -15.64 43.56 0.31
N MET B 387 -16.33 42.66 -0.40
CA MET B 387 -16.47 41.25 -0.04
C MET B 387 -15.49 40.40 -0.88
N PRO B 388 -14.35 39.95 -0.30
CA PRO B 388 -13.38 39.20 -1.13
C PRO B 388 -13.88 37.86 -1.65
N GLY B 389 -14.91 37.32 -1.00
CA GLY B 389 -15.57 36.07 -1.36
C GLY B 389 -16.71 36.19 -2.33
N GLY B 390 -16.93 37.39 -2.88
CA GLY B 390 -17.94 37.61 -3.90
C GLY B 390 -17.30 37.85 -5.26
N ARG B 391 -18.05 37.65 -6.34
CA ARG B 391 -17.53 37.83 -7.72
C ARG B 391 -18.59 38.51 -8.59
N ASN B 392 -18.20 39.60 -9.30
CA ASN B 392 -19.09 40.31 -10.21
C ASN B 392 -18.40 40.68 -11.51
N LEU B 393 -19.18 40.82 -12.60
CA LEU B 393 -18.67 41.21 -13.90
C LEU B 393 -18.74 42.73 -14.05
N TYR B 394 -17.61 43.32 -14.50
CA TYR B 394 -17.47 44.77 -14.75
C TYR B 394 -17.04 45.00 -16.19
N LYS B 395 -17.36 46.20 -16.69
CA LYS B 395 -17.07 46.65 -18.04
C LYS B 395 -16.35 48.00 -17.90
N ILE B 396 -15.12 48.13 -18.43
CA ILE B 396 -14.37 49.39 -18.36
C ILE B 396 -14.22 49.98 -19.76
N GLN B 397 -14.51 51.30 -19.92
CA GLN B 397 -14.40 51.97 -21.23
C GLN B 397 -12.92 52.25 -21.49
N LEU B 398 -12.39 51.72 -22.60
CA LEU B 398 -10.96 51.87 -22.92
C LEU B 398 -10.55 53.30 -23.26
N SER B 399 -11.50 54.13 -23.72
CA SER B 399 -11.20 55.53 -24.05
C SER B 399 -11.38 56.45 -22.82
N ASP B 400 -11.86 55.89 -21.68
CA ASP B 400 -12.08 56.64 -20.44
C ASP B 400 -12.20 55.67 -19.27
N TYR B 401 -11.07 55.45 -18.55
CA TYR B 401 -11.01 54.53 -17.40
C TYR B 401 -11.89 54.90 -16.21
N THR B 402 -12.42 56.14 -16.18
CA THR B 402 -13.30 56.55 -15.06
C THR B 402 -14.68 55.92 -15.26
N LYS B 403 -14.95 55.39 -16.46
CA LYS B 403 -16.25 54.82 -16.81
C LYS B 403 -16.22 53.29 -16.64
N VAL B 404 -16.57 52.84 -15.43
CA VAL B 404 -16.59 51.42 -15.05
C VAL B 404 -18.00 51.08 -14.63
N THR B 405 -18.62 50.13 -15.33
CA THR B 405 -19.99 49.71 -15.01
C THR B 405 -20.00 48.31 -14.41
N CYS B 406 -20.74 48.11 -13.31
CA CYS B 406 -20.89 46.76 -12.84
C CYS B 406 -22.07 46.14 -13.55
N LEU B 407 -21.81 45.09 -14.32
CA LEU B 407 -22.87 44.46 -15.12
C LEU B 407 -23.74 43.49 -14.35
N SER B 408 -23.23 42.92 -13.25
CA SER B 408 -24.00 41.89 -12.55
C SER B 408 -24.40 42.23 -11.12
N CYS B 409 -23.71 43.21 -10.47
CA CYS B 409 -23.85 43.57 -9.05
C CYS B 409 -25.31 43.63 -8.58
N GLU B 410 -26.14 44.35 -9.35
CA GLU B 410 -27.54 44.63 -9.00
C GLU B 410 -28.61 43.80 -9.69
N LEU B 411 -28.23 42.77 -10.46
CA LEU B 411 -29.23 41.93 -11.14
C LEU B 411 -30.21 41.25 -10.16
N ASN B 412 -29.66 40.63 -9.10
CA ASN B 412 -30.43 40.01 -8.00
C ASN B 412 -29.47 39.97 -6.82
N PRO B 413 -29.35 41.10 -6.10
CA PRO B 413 -28.32 41.20 -5.06
C PRO B 413 -28.45 40.27 -3.87
N GLU B 414 -29.69 39.83 -3.56
CA GLU B 414 -29.88 38.92 -2.44
C GLU B 414 -29.52 37.49 -2.85
N ARG B 415 -29.90 37.10 -4.06
CA ARG B 415 -29.68 35.75 -4.54
C ARG B 415 -28.30 35.54 -5.17
N CYS B 416 -27.75 36.58 -5.81
CA CYS B 416 -26.55 36.44 -6.63
C CYS B 416 -25.42 37.38 -6.30
N GLN B 417 -24.32 36.83 -5.77
CA GLN B 417 -23.13 37.57 -5.36
C GLN B 417 -21.84 36.90 -5.89
N TYR B 418 -21.98 35.80 -6.65
CA TYR B 418 -20.82 35.07 -7.19
C TYR B 418 -21.11 34.72 -8.63
N TYR B 419 -20.47 35.45 -9.56
CA TYR B 419 -20.72 35.22 -10.96
C TYR B 419 -19.48 34.78 -11.71
N SER B 420 -19.72 34.01 -12.77
CA SER B 420 -18.76 33.71 -13.83
C SER B 420 -19.48 34.05 -15.13
N VAL B 421 -18.75 34.12 -16.23
CA VAL B 421 -19.34 34.54 -17.50
C VAL B 421 -18.79 33.78 -18.69
N SER B 422 -19.62 33.64 -19.72
CA SER B 422 -19.22 33.01 -20.99
C SER B 422 -19.67 33.91 -22.14
N PHE B 423 -18.71 34.55 -22.82
CA PHE B 423 -19.00 35.44 -23.94
C PHE B 423 -19.06 34.66 -25.24
N SER B 424 -19.87 35.14 -26.20
CA SER B 424 -19.95 34.58 -27.55
C SER B 424 -18.60 34.94 -28.26
N LYS B 425 -18.34 34.37 -29.44
CA LYS B 425 -17.08 34.53 -30.18
C LYS B 425 -16.47 35.90 -30.30
N GLU B 426 -17.27 36.93 -30.61
CA GLU B 426 -16.74 38.31 -30.68
C GLU B 426 -17.42 39.19 -29.60
N ALA B 427 -17.76 38.57 -28.45
CA ALA B 427 -18.40 39.19 -27.29
C ALA B 427 -19.73 39.92 -27.58
N LYS B 428 -20.53 39.44 -28.56
CA LYS B 428 -21.83 40.09 -28.85
C LYS B 428 -22.88 39.74 -27.80
N TYR B 429 -22.73 38.56 -27.19
CA TYR B 429 -23.62 38.07 -26.14
C TYR B 429 -22.83 37.51 -25.00
N TYR B 430 -23.43 37.47 -23.82
CA TYR B 430 -22.79 36.83 -22.69
C TYR B 430 -23.78 36.10 -21.82
N GLN B 431 -23.37 34.91 -21.34
CA GLN B 431 -24.15 34.15 -20.39
C GLN B 431 -23.56 34.42 -19.01
N LEU B 432 -24.40 34.85 -18.06
CA LEU B 432 -23.98 35.01 -16.67
C LEU B 432 -24.39 33.76 -15.91
N ARG B 433 -23.50 33.29 -15.05
CA ARG B 433 -23.72 32.11 -14.25
C ARG B 433 -23.55 32.51 -12.80
N CYS B 434 -24.68 32.64 -12.08
CA CYS B 434 -24.71 33.02 -10.66
C CYS B 434 -24.62 31.71 -9.86
N SER B 435 -23.64 31.58 -8.94
CA SER B 435 -23.52 30.31 -8.19
C SER B 435 -23.87 30.41 -6.71
N GLY B 436 -24.35 31.58 -6.27
CA GLY B 436 -24.74 31.76 -4.88
C GLY B 436 -24.87 33.21 -4.48
N PRO B 437 -25.31 33.52 -3.22
CA PRO B 437 -25.67 32.58 -2.12
C PRO B 437 -26.98 31.80 -2.27
N GLY B 438 -27.85 32.25 -3.17
CA GLY B 438 -29.09 31.56 -3.48
C GLY B 438 -28.84 30.45 -4.48
N LEU B 439 -29.92 29.87 -5.02
CA LEU B 439 -29.78 28.79 -5.99
C LEU B 439 -29.16 29.31 -7.30
N PRO B 440 -28.28 28.51 -7.98
CA PRO B 440 -27.67 29.00 -9.23
C PRO B 440 -28.69 29.50 -10.24
N LEU B 441 -28.33 30.56 -10.94
CA LEU B 441 -29.22 31.19 -11.91
C LEU B 441 -28.40 31.52 -13.16
N TYR B 442 -28.88 31.05 -14.33
CA TYR B 442 -28.17 31.22 -15.61
C TYR B 442 -29.00 32.13 -16.48
N THR B 443 -28.39 33.22 -16.93
CA THR B 443 -29.10 34.24 -17.74
C THR B 443 -28.32 34.61 -18.98
N LEU B 444 -29.02 35.07 -20.03
CA LEU B 444 -28.39 35.48 -21.29
C LEU B 444 -28.58 36.98 -21.50
N HIS B 445 -27.55 37.63 -22.02
CA HIS B 445 -27.53 39.09 -22.16
C HIS B 445 -26.93 39.52 -23.48
N SER B 446 -27.34 40.69 -23.99
CA SER B 446 -26.79 41.26 -25.23
C SER B 446 -25.78 42.35 -24.85
N SER B 447 -24.56 42.28 -25.39
CA SER B 447 -23.49 43.25 -25.12
C SER B 447 -23.76 44.64 -25.70
N VAL B 448 -24.51 44.73 -26.83
CA VAL B 448 -24.79 46.02 -27.50
C VAL B 448 -25.46 47.02 -26.55
N ASN B 449 -26.27 46.51 -25.61
CA ASN B 449 -27.04 47.36 -24.70
C ASN B 449 -27.07 46.86 -23.27
N ASP B 450 -26.34 45.75 -22.97
CA ASP B 450 -26.33 45.15 -21.62
C ASP B 450 -27.71 44.78 -21.10
N LYS B 451 -28.62 44.42 -22.01
CA LYS B 451 -29.96 44.04 -21.58
C LYS B 451 -30.07 42.55 -21.36
N GLY B 452 -30.90 42.19 -20.39
CA GLY B 452 -31.19 40.79 -20.09
C GLY B 452 -32.14 40.26 -21.15
N LEU B 453 -31.71 39.23 -21.88
CA LEU B 453 -32.52 38.64 -22.94
C LEU B 453 -33.55 37.67 -22.38
N ARG B 454 -33.09 36.75 -21.52
CA ARG B 454 -33.94 35.72 -20.91
C ARG B 454 -33.20 34.95 -19.84
N VAL B 455 -33.98 34.24 -19.01
CA VAL B 455 -33.48 33.37 -17.96
C VAL B 455 -33.34 32.02 -18.65
N LEU B 456 -32.17 31.40 -18.55
CA LEU B 456 -31.92 30.12 -19.20
C LEU B 456 -32.25 28.96 -18.27
N GLU B 457 -31.94 29.11 -16.98
CA GLU B 457 -32.17 28.10 -15.95
C GLU B 457 -32.19 28.79 -14.60
N ASP B 458 -33.31 28.65 -13.86
CA ASP B 458 -33.47 29.28 -12.56
C ASP B 458 -33.54 28.31 -11.39
N ASN B 459 -33.44 26.99 -11.67
CA ASN B 459 -33.48 25.95 -10.62
C ASN B 459 -34.80 25.96 -9.82
N SER B 460 -35.91 26.37 -10.48
CA SER B 460 -37.22 26.41 -9.81
C SER B 460 -37.68 25.02 -9.34
N ALA B 461 -37.37 23.95 -10.12
CA ALA B 461 -37.69 22.55 -9.73
C ALA B 461 -37.02 22.19 -8.41
N LEU B 462 -35.71 22.53 -8.25
CA LEU B 462 -34.98 22.27 -7.01
C LEU B 462 -35.53 23.14 -5.86
N ASP B 463 -35.85 24.41 -6.15
CA ASP B 463 -36.40 25.31 -5.14
C ASP B 463 -37.67 24.71 -4.51
N LYS B 464 -38.55 24.14 -5.35
CA LYS B 464 -39.81 23.51 -4.94
C LYS B 464 -39.52 22.32 -4.01
N MET B 465 -38.52 21.48 -4.39
CA MET B 465 -38.10 20.31 -3.60
C MET B 465 -37.53 20.73 -2.25
N LEU B 466 -36.65 21.75 -2.23
CA LEU B 466 -36.04 22.22 -0.98
C LEU B 466 -36.98 22.85 0.02
N GLN B 467 -38.17 23.32 -0.43
CA GLN B 467 -39.18 23.93 0.44
C GLN B 467 -39.64 22.95 1.53
N ASN B 468 -39.65 21.64 1.22
CA ASN B 468 -40.03 20.54 2.11
C ASN B 468 -38.85 19.99 2.94
N VAL B 469 -37.68 20.66 2.89
CA VAL B 469 -36.48 20.21 3.62
C VAL B 469 -36.05 21.27 4.64
N GLN B 470 -35.59 20.83 5.82
CA GLN B 470 -35.05 21.72 6.85
C GLN B 470 -33.58 21.99 6.50
N MET B 471 -33.38 22.95 5.58
CA MET B 471 -32.05 23.32 5.08
C MET B 471 -31.23 24.13 6.05
N PRO B 472 -29.89 23.98 6.04
CA PRO B 472 -29.08 24.85 6.91
C PRO B 472 -28.97 26.24 6.30
N SER B 473 -28.45 27.20 7.06
CA SER B 473 -28.23 28.53 6.54
C SER B 473 -26.72 28.75 6.49
N LYS B 474 -26.30 29.84 5.86
CA LYS B 474 -24.90 30.14 5.77
C LYS B 474 -24.65 31.57 6.23
N LYS B 475 -23.68 31.73 7.13
CA LYS B 475 -23.26 33.04 7.61
C LYS B 475 -21.88 33.32 7.01
N LEU B 476 -21.70 34.50 6.41
CA LEU B 476 -20.42 34.93 5.88
C LEU B 476 -20.10 36.26 6.55
N ASP B 477 -19.00 36.29 7.28
CA ASP B 477 -18.63 37.48 8.04
C ASP B 477 -17.13 37.52 8.28
N PHE B 478 -16.68 38.46 9.12
CA PHE B 478 -15.26 38.59 9.40
C PHE B 478 -15.00 38.87 10.86
N ILE B 479 -13.77 38.58 11.28
CA ILE B 479 -13.24 38.88 12.60
C ILE B 479 -12.03 39.77 12.38
N ILE B 480 -11.76 40.68 13.32
CA ILE B 480 -10.60 41.58 13.19
C ILE B 480 -9.44 41.03 14.03
N LEU B 481 -8.31 40.75 13.39
CA LEU B 481 -7.09 40.26 14.09
C LEU B 481 -5.93 41.16 13.67
N ASN B 482 -5.26 41.79 14.67
CA ASN B 482 -4.13 42.71 14.45
C ASN B 482 -4.48 43.79 13.41
N GLU B 483 -5.69 44.37 13.55
CA GLU B 483 -6.23 45.42 12.67
C GLU B 483 -6.48 44.96 11.20
N THR B 484 -6.50 43.63 10.97
CA THR B 484 -6.78 43.06 9.65
C THR B 484 -8.08 42.27 9.72
N LYS B 485 -8.96 42.44 8.70
CA LYS B 485 -10.21 41.68 8.61
C LYS B 485 -9.87 40.28 8.06
N PHE B 486 -10.33 39.23 8.74
CA PHE B 486 -10.18 37.84 8.28
C PHE B 486 -11.56 37.24 8.17
N TRP B 487 -11.90 36.77 6.97
CA TRP B 487 -13.22 36.25 6.70
C TRP B 487 -13.43 34.79 7.07
N TYR B 488 -14.66 34.47 7.47
CA TYR B 488 -15.08 33.13 7.81
C TYR B 488 -16.48 32.89 7.33
N GLN B 489 -16.84 31.62 7.22
CA GLN B 489 -18.20 31.21 6.92
C GLN B 489 -18.59 30.10 7.87
N MET B 490 -19.88 30.02 8.15
CA MET B 490 -20.44 28.95 8.98
C MET B 490 -21.68 28.43 8.32
N ILE B 491 -21.77 27.11 8.21
CA ILE B 491 -22.96 26.41 7.77
C ILE B 491 -23.66 26.14 9.10
N LEU B 492 -24.82 26.76 9.28
CA LEU B 492 -25.55 26.72 10.53
C LEU B 492 -26.74 25.80 10.50
N PRO B 493 -26.92 24.98 11.54
CA PRO B 493 -28.09 24.07 11.56
C PRO B 493 -29.43 24.82 11.42
N PRO B 494 -30.47 24.20 10.84
CA PRO B 494 -31.79 24.86 10.76
C PRO B 494 -32.29 25.25 12.16
N HIS B 495 -33.00 26.40 12.28
CA HIS B 495 -33.50 26.91 13.56
C HIS B 495 -32.35 27.18 14.53
N PHE B 496 -31.23 27.72 13.99
CA PHE B 496 -30.04 28.03 14.78
C PHE B 496 -30.38 28.97 15.93
N ASP B 497 -30.07 28.52 17.14
CA ASP B 497 -30.34 29.28 18.35
C ASP B 497 -29.03 29.59 19.08
N LYS B 498 -28.62 30.88 19.06
CA LYS B 498 -27.38 31.37 19.68
C LYS B 498 -27.26 31.21 21.21
N SER B 499 -28.35 30.79 21.87
CA SER B 499 -28.39 30.50 23.32
C SER B 499 -28.03 29.00 23.58
N LYS B 500 -27.84 28.21 22.52
CA LYS B 500 -27.46 26.80 22.60
C LYS B 500 -25.98 26.64 22.24
N LYS B 501 -25.34 25.57 22.75
CA LYS B 501 -23.92 25.29 22.47
C LYS B 501 -23.92 24.14 21.48
N TYR B 502 -23.36 24.38 20.28
CA TYR B 502 -23.34 23.40 19.21
C TYR B 502 -21.94 22.79 19.04
N PRO B 503 -21.85 21.50 18.62
CA PRO B 503 -20.51 20.98 18.26
C PRO B 503 -20.08 21.71 16.98
N LEU B 504 -18.77 21.89 16.78
CA LEU B 504 -18.29 22.61 15.61
C LEU B 504 -17.25 21.77 14.87
N LEU B 505 -17.36 21.74 13.53
CA LEU B 505 -16.36 21.10 12.67
C LEU B 505 -15.70 22.20 11.82
N LEU B 506 -14.37 22.34 11.92
CA LEU B 506 -13.61 23.31 11.13
C LEU B 506 -13.16 22.60 9.83
N ASP B 507 -13.70 23.05 8.68
CA ASP B 507 -13.46 22.51 7.35
C ASP B 507 -12.31 23.35 6.79
N VAL B 508 -11.13 22.74 6.59
CA VAL B 508 -9.91 23.46 6.25
C VAL B 508 -9.33 23.17 4.89
N TYR B 509 -8.83 24.22 4.22
CA TYR B 509 -7.97 24.09 3.02
C TYR B 509 -6.72 24.84 3.48
N ALA B 510 -6.77 26.19 3.53
CA ALA B 510 -5.71 27.05 4.09
C ALA B 510 -4.37 27.06 3.38
N GLY B 511 -4.34 26.55 2.15
CA GLY B 511 -3.14 26.64 1.33
C GLY B 511 -2.95 28.05 0.78
N PRO B 512 -1.76 28.35 0.25
CA PRO B 512 -1.53 29.69 -0.33
C PRO B 512 -2.53 30.00 -1.45
N CYS B 513 -3.14 31.17 -1.34
CA CYS B 513 -4.17 31.65 -2.26
C CYS B 513 -5.51 30.92 -2.14
N SER B 514 -5.69 30.16 -1.04
CA SER B 514 -6.96 29.48 -0.83
C SER B 514 -8.06 30.50 -0.46
N GLN B 515 -9.30 30.11 -0.68
CA GLN B 515 -10.47 30.88 -0.24
C GLN B 515 -11.58 29.91 0.11
N LYS B 516 -11.82 29.75 1.42
CA LYS B 516 -12.88 28.88 1.92
C LYS B 516 -14.10 29.64 2.48
N ALA B 517 -14.03 30.97 2.52
CA ALA B 517 -15.14 31.81 2.95
C ALA B 517 -15.64 32.55 1.71
N ASP B 518 -16.79 32.13 1.16
CA ASP B 518 -17.32 32.73 -0.07
C ASP B 518 -18.83 32.75 -0.11
N THR B 519 -19.41 33.25 -1.22
CA THR B 519 -20.86 33.34 -1.36
C THR B 519 -21.44 32.23 -2.20
N VAL B 520 -20.70 31.12 -2.43
CA VAL B 520 -21.24 30.04 -3.25
C VAL B 520 -22.24 29.15 -2.50
N PHE B 521 -23.33 28.76 -3.17
CA PHE B 521 -24.32 27.82 -2.64
C PHE B 521 -23.83 26.40 -2.93
N ARG B 522 -23.74 25.56 -1.90
CA ARG B 522 -23.28 24.17 -2.09
C ARG B 522 -24.22 23.20 -1.39
N LEU B 523 -24.36 21.99 -1.97
CA LEU B 523 -25.10 20.86 -1.41
C LEU B 523 -23.99 19.81 -1.23
N ASN B 524 -23.50 19.65 -0.01
CA ASN B 524 -22.34 18.76 0.20
C ASN B 524 -22.41 18.08 1.56
N TRP B 525 -21.31 17.45 2.00
CA TRP B 525 -21.26 16.77 3.30
C TRP B 525 -21.63 17.72 4.45
N ALA B 526 -21.10 18.97 4.42
CA ALA B 526 -21.41 19.98 5.44
C ALA B 526 -22.92 20.25 5.51
N THR B 527 -23.64 20.25 4.37
CA THR B 527 -25.12 20.45 4.32
C THR B 527 -25.77 19.39 5.22
N TYR B 528 -25.34 18.12 5.06
CA TYR B 528 -25.85 17.03 5.87
C TYR B 528 -25.49 17.19 7.37
N LEU B 529 -24.21 17.48 7.67
CA LEU B 529 -23.75 17.62 9.05
C LEU B 529 -24.54 18.68 9.79
N ALA B 530 -24.81 19.83 9.14
CA ALA B 530 -25.57 20.89 9.78
C ALA B 530 -27.06 20.58 9.86
N SER B 531 -27.65 20.11 8.74
CA SER B 531 -29.09 19.82 8.65
C SER B 531 -29.58 18.66 9.52
N THR B 532 -28.92 17.50 9.42
CA THR B 532 -29.31 16.28 10.15
C THR B 532 -28.62 16.17 11.51
N GLU B 533 -27.32 16.45 11.58
CA GLU B 533 -26.55 16.26 12.81
C GLU B 533 -26.42 17.47 13.73
N ASN B 534 -26.91 18.65 13.32
CA ASN B 534 -26.84 19.87 14.14
C ASN B 534 -25.41 20.28 14.54
N ILE B 535 -24.47 20.11 13.57
CA ILE B 535 -23.08 20.51 13.73
C ILE B 535 -22.88 21.82 12.95
N ILE B 536 -22.20 22.78 13.52
CA ILE B 536 -21.84 24.01 12.78
C ILE B 536 -20.58 23.63 11.96
N VAL B 537 -20.58 23.87 10.64
CA VAL B 537 -19.37 23.59 9.82
C VAL B 537 -18.79 24.95 9.43
N ALA B 538 -17.66 25.29 10.03
CA ALA B 538 -16.99 26.59 9.84
C ALA B 538 -15.73 26.49 9.00
N SER B 539 -15.43 27.57 8.24
CA SER B 539 -14.17 27.67 7.49
C SER B 539 -13.64 29.07 7.66
N PHE B 540 -12.32 29.22 7.66
CA PHE B 540 -11.67 30.48 7.92
C PHE B 540 -10.52 30.73 6.95
N ASP B 541 -10.46 31.96 6.44
CA ASP B 541 -9.38 32.38 5.56
C ASP B 541 -8.39 33.28 6.32
N GLY B 542 -7.29 32.68 6.79
CA GLY B 542 -6.26 33.37 7.56
C GLY B 542 -5.10 33.81 6.71
N ARG B 543 -3.94 33.97 7.34
CA ARG B 543 -2.73 34.38 6.63
C ARG B 543 -2.41 33.32 5.56
N GLY B 544 -2.01 33.80 4.39
CA GLY B 544 -1.74 32.97 3.21
C GLY B 544 -2.93 32.84 2.26
N SER B 545 -4.15 33.23 2.71
CA SER B 545 -5.35 33.11 1.87
C SER B 545 -5.30 34.11 0.70
N GLY B 546 -6.10 33.87 -0.33
CA GLY B 546 -6.06 34.67 -1.54
C GLY B 546 -7.09 35.75 -1.71
N TYR B 547 -6.92 36.51 -2.80
CA TYR B 547 -7.89 37.53 -3.28
C TYR B 547 -8.02 38.76 -2.36
N GLN B 548 -7.03 38.96 -1.44
CA GLN B 548 -7.06 40.05 -0.45
C GLN B 548 -5.78 40.86 -0.43
N GLY B 549 -4.96 40.71 -1.45
CA GLY B 549 -3.68 41.40 -1.49
C GLY B 549 -2.55 40.52 -1.01
N ASP B 550 -1.34 40.89 -1.41
CA ASP B 550 -0.11 40.17 -1.10
C ASP B 550 0.31 40.23 0.35
N LYS B 551 -0.08 41.28 1.09
CA LYS B 551 0.33 41.31 2.52
C LYS B 551 -0.23 40.08 3.22
N ILE B 552 -1.48 39.69 2.89
CA ILE B 552 -2.10 38.47 3.41
C ILE B 552 -1.55 37.23 2.69
N MET B 553 -1.61 37.20 1.35
CA MET B 553 -1.18 36.01 0.61
C MET B 553 0.29 35.60 0.82
N HIS B 554 1.20 36.57 0.79
CA HIS B 554 2.64 36.27 0.95
C HIS B 554 3.09 36.11 2.42
N ALA B 555 2.16 36.20 3.40
CA ALA B 555 2.51 36.07 4.82
C ALA B 555 3.19 34.73 5.14
N ILE B 556 2.86 33.64 4.37
CA ILE B 556 3.45 32.30 4.58
C ILE B 556 4.63 32.00 3.64
N ASN B 557 5.11 33.01 2.87
CA ASN B 557 6.27 32.83 1.97
C ASN B 557 7.42 32.18 2.73
N ARG B 558 7.97 31.06 2.20
CA ARG B 558 9.08 30.26 2.77
C ARG B 558 8.77 29.61 4.13
N ARG B 559 7.52 29.66 4.56
CA ARG B 559 7.08 29.25 5.89
C ARG B 559 5.74 28.51 5.88
N LEU B 560 5.59 27.52 4.99
CA LEU B 560 4.37 26.70 5.03
C LEU B 560 4.34 25.93 6.36
N GLY B 561 3.13 25.67 6.86
CA GLY B 561 2.95 24.96 8.12
C GLY B 561 3.18 25.85 9.35
N THR B 562 3.06 27.18 9.17
CA THR B 562 3.25 28.15 10.28
C THR B 562 1.99 28.95 10.52
N PHE B 563 1.91 30.21 10.04
CA PHE B 563 0.78 31.11 10.29
C PHE B 563 -0.56 30.60 9.86
N GLU B 564 -0.63 29.90 8.70
CA GLU B 564 -1.92 29.39 8.25
C GLU B 564 -2.45 28.30 9.22
N VAL B 565 -1.54 27.56 9.89
CA VAL B 565 -1.91 26.51 10.85
C VAL B 565 -2.37 27.23 12.13
N GLU B 566 -1.53 28.15 12.64
CA GLU B 566 -1.83 28.95 13.83
C GLU B 566 -3.18 29.68 13.69
N ASP B 567 -3.45 30.24 12.50
CA ASP B 567 -4.70 30.97 12.27
C ASP B 567 -5.96 30.12 12.34
N GLN B 568 -5.88 28.82 11.96
CA GLN B 568 -7.01 27.90 12.07
C GLN B 568 -7.31 27.62 13.56
N ILE B 569 -6.24 27.50 14.39
CA ILE B 569 -6.36 27.27 15.83
C ILE B 569 -7.03 28.51 16.45
N GLU B 570 -6.51 29.70 16.10
CA GLU B 570 -7.07 30.98 16.59
C GLU B 570 -8.53 31.14 16.17
N ALA B 571 -8.88 30.78 14.92
CA ALA B 571 -10.26 30.86 14.44
C ALA B 571 -11.19 30.03 15.35
N ALA B 572 -10.79 28.78 15.68
CA ALA B 572 -11.62 27.94 16.56
C ALA B 572 -11.78 28.60 17.95
N ARG B 573 -10.72 29.26 18.47
CA ARG B 573 -10.77 29.97 19.76
C ARG B 573 -11.75 31.14 19.67
N GLN B 574 -11.71 31.87 18.54
CA GLN B 574 -12.59 33.02 18.26
C GLN B 574 -14.03 32.58 18.11
N PHE B 575 -14.27 31.39 17.49
CA PHE B 575 -15.61 30.85 17.34
C PHE B 575 -16.20 30.43 18.70
N SER B 576 -15.35 29.89 19.60
CA SER B 576 -15.75 29.54 20.97
C SER B 576 -16.16 30.83 21.73
N LYS B 577 -15.37 31.92 21.57
CA LYS B 577 -15.66 33.24 22.16
C LYS B 577 -17.03 33.81 21.77
N MET B 578 -17.64 33.31 20.67
CA MET B 578 -18.97 33.74 20.17
C MET B 578 -20.17 33.24 21.00
N GLY B 579 -19.94 32.28 21.89
CA GLY B 579 -20.95 31.76 22.82
C GLY B 579 -21.86 30.63 22.42
N PHE B 580 -21.89 30.26 21.12
CA PHE B 580 -22.78 29.17 20.68
C PHE B 580 -22.02 27.87 20.31
N VAL B 581 -20.79 27.72 20.79
CA VAL B 581 -19.98 26.54 20.48
C VAL B 581 -19.67 25.75 21.75
N ASP B 582 -19.91 24.43 21.71
CA ASP B 582 -19.53 23.54 22.80
C ASP B 582 -18.02 23.31 22.62
N ASN B 583 -17.20 23.93 23.50
CA ASN B 583 -15.74 23.88 23.51
C ASN B 583 -15.18 22.45 23.67
N LYS B 584 -15.99 21.54 24.20
CA LYS B 584 -15.58 20.14 24.41
C LYS B 584 -15.84 19.32 23.15
N ARG B 585 -16.44 19.95 22.11
CA ARG B 585 -16.77 19.24 20.88
C ARG B 585 -16.41 20.06 19.63
N ILE B 586 -15.10 20.32 19.48
CA ILE B 586 -14.54 21.02 18.30
C ILE B 586 -13.68 20.00 17.54
N ALA B 587 -14.02 19.78 16.27
CA ALA B 587 -13.29 18.86 15.39
C ALA B 587 -12.71 19.67 14.22
N ILE B 588 -11.80 19.04 13.44
CA ILE B 588 -11.16 19.70 12.30
C ILE B 588 -10.95 18.66 11.20
N TRP B 589 -11.15 19.02 9.94
CA TRP B 589 -10.92 18.06 8.86
C TRP B 589 -10.48 18.77 7.60
N GLY B 590 -9.80 18.04 6.73
CA GLY B 590 -9.34 18.60 5.48
C GLY B 590 -8.81 17.53 4.57
N TRP B 591 -8.80 17.84 3.29
CA TRP B 591 -8.30 16.96 2.24
C TRP B 591 -7.10 17.65 1.60
N SER B 592 -6.03 16.90 1.24
CA SER B 592 -4.88 17.48 0.52
C SER B 592 -4.13 18.50 1.38
N TYR B 593 -4.00 19.78 0.96
CA TYR B 593 -3.33 20.78 1.82
C TYR B 593 -4.09 20.90 3.15
N GLY B 594 -5.43 20.81 3.10
CA GLY B 594 -6.31 20.84 4.27
C GLY B 594 -6.01 19.69 5.22
N GLY B 595 -5.64 18.54 4.64
CA GLY B 595 -5.25 17.36 5.40
C GLY B 595 -3.94 17.58 6.12
N TYR B 596 -2.97 18.28 5.46
CA TYR B 596 -1.70 18.63 6.09
C TYR B 596 -1.97 19.61 7.25
N VAL B 597 -2.80 20.65 7.01
CA VAL B 597 -3.11 21.64 8.07
C VAL B 597 -3.86 20.98 9.23
N THR B 598 -4.82 20.10 8.91
CA THR B 598 -5.57 19.38 9.96
C THR B 598 -4.55 18.62 10.84
N SER B 599 -3.62 17.88 10.19
CA SER B 599 -2.64 17.06 10.92
C SER B 599 -1.70 17.92 11.74
N MET B 600 -1.27 19.08 11.18
CA MET B 600 -0.39 19.99 11.92
C MET B 600 -1.12 20.57 13.15
N VAL B 601 -2.41 20.93 12.99
CA VAL B 601 -3.25 21.43 14.09
C VAL B 601 -3.41 20.32 15.18
N LEU B 602 -3.76 19.10 14.77
CA LEU B 602 -3.93 18.00 15.73
C LEU B 602 -2.65 17.66 16.47
N GLY B 603 -1.49 17.91 15.86
CA GLY B 603 -0.19 17.68 16.47
C GLY B 603 0.40 18.91 17.17
N SER B 604 -0.37 20.02 17.28
CA SER B 604 0.18 21.26 17.85
C SER B 604 0.22 21.28 19.41
N GLY B 605 -0.59 20.44 20.05
CA GLY B 605 -0.70 20.42 21.51
C GLY B 605 -1.55 21.56 22.03
N SER B 606 -2.37 22.19 21.15
CA SER B 606 -3.24 23.33 21.49
C SER B 606 -4.36 23.03 22.52
N GLY B 607 -4.84 21.79 22.54
CA GLY B 607 -5.93 21.35 23.42
C GLY B 607 -7.31 21.78 22.96
N VAL B 608 -7.39 22.55 21.86
CA VAL B 608 -8.62 23.11 21.31
C VAL B 608 -9.51 22.06 20.66
N PHE B 609 -8.89 21.10 19.95
CA PHE B 609 -9.65 20.13 19.18
C PHE B 609 -9.71 18.76 19.82
N LYS B 610 -10.90 18.16 19.82
CA LYS B 610 -11.10 16.83 20.37
C LYS B 610 -10.62 15.74 19.38
N CYS B 611 -10.89 15.96 18.08
CA CYS B 611 -10.65 14.99 17.02
C CYS B 611 -10.46 15.66 15.66
N GLY B 612 -10.02 14.88 14.68
CA GLY B 612 -9.90 15.39 13.33
C GLY B 612 -9.69 14.28 12.32
N ILE B 613 -9.90 14.61 11.05
CA ILE B 613 -9.79 13.68 9.92
C ILE B 613 -8.89 14.32 8.87
N ALA B 614 -7.84 13.60 8.47
CA ALA B 614 -6.97 14.08 7.38
C ALA B 614 -7.15 13.11 6.21
N VAL B 615 -7.54 13.63 5.04
CA VAL B 615 -7.70 12.79 3.84
C VAL B 615 -6.60 13.16 2.83
N ALA B 616 -5.83 12.13 2.36
CA ALA B 616 -4.72 12.30 1.41
C ALA B 616 -3.83 13.54 1.78
N PRO B 617 -3.37 13.64 3.05
CA PRO B 617 -2.56 14.80 3.42
C PRO B 617 -1.13 14.77 2.93
N VAL B 618 -0.57 15.98 2.75
CA VAL B 618 0.88 16.11 2.63
C VAL B 618 1.37 15.95 4.11
N SER B 619 2.51 15.30 4.32
CA SER B 619 3.10 15.14 5.65
C SER B 619 4.52 15.74 5.75
N ARG B 620 5.20 15.90 4.62
CA ARG B 620 6.59 16.40 4.58
C ARG B 620 6.78 17.01 3.20
N TRP B 621 7.17 18.29 3.15
CA TRP B 621 7.30 19.00 1.87
C TRP B 621 8.25 18.39 0.85
N GLU B 622 9.31 17.71 1.32
CA GLU B 622 10.20 16.98 0.43
C GLU B 622 9.51 15.85 -0.35
N TYR B 623 8.30 15.42 0.09
CA TYR B 623 7.58 14.39 -0.65
C TYR B 623 6.68 14.93 -1.75
N TYR B 624 6.36 16.24 -1.71
CA TYR B 624 5.45 16.81 -2.69
C TYR B 624 6.19 17.30 -3.94
N ASP B 625 5.46 17.63 -5.03
CA ASP B 625 6.13 17.99 -6.27
C ASP B 625 6.93 19.31 -6.21
N SER B 626 7.93 19.43 -7.09
CA SER B 626 8.80 20.59 -7.14
C SER B 626 8.08 21.89 -7.44
N VAL B 627 7.24 21.93 -8.49
CA VAL B 627 6.64 23.18 -8.94
C VAL B 627 5.78 23.86 -7.86
N TYR B 628 4.88 23.08 -7.26
CA TYR B 628 4.04 23.66 -6.20
C TYR B 628 4.87 23.97 -4.97
N THR B 629 5.57 22.94 -4.44
CA THR B 629 6.29 23.12 -3.17
C THR B 629 7.31 24.26 -3.20
N GLU B 630 8.19 24.28 -4.21
CA GLU B 630 9.26 25.26 -4.29
C GLU B 630 8.75 26.68 -4.50
N ARG B 631 7.53 26.81 -5.07
CA ARG B 631 6.95 28.14 -5.30
C ARG B 631 6.90 28.93 -3.99
N TYR B 632 6.55 28.24 -2.89
CA TYR B 632 6.38 28.83 -1.57
C TYR B 632 7.56 28.54 -0.67
N MET B 633 8.23 27.40 -0.87
CA MET B 633 9.29 26.95 0.04
C MET B 633 10.74 27.17 -0.38
N GLY B 634 10.97 27.51 -1.65
CA GLY B 634 12.32 27.57 -2.18
C GLY B 634 12.86 26.15 -2.26
N LEU B 635 14.20 25.98 -2.28
CA LEU B 635 14.79 24.64 -2.39
C LEU B 635 15.15 24.01 -1.03
N PRO B 636 15.03 22.66 -0.90
CA PRO B 636 15.38 21.99 0.37
C PRO B 636 16.89 21.74 0.49
N THR B 637 17.66 22.81 0.47
CA THR B 637 19.13 22.73 0.56
C THR B 637 19.60 23.54 1.77
N PRO B 638 20.76 23.19 2.38
CA PRO B 638 21.24 23.97 3.54
C PRO B 638 21.38 25.47 3.27
N GLU B 639 21.79 25.85 2.04
CA GLU B 639 21.99 27.23 1.58
C GLU B 639 20.66 27.96 1.40
N ASP B 640 19.57 27.21 1.14
CA ASP B 640 18.29 27.84 0.92
C ASP B 640 17.31 27.66 2.08
N ASN B 641 16.40 26.66 2.01
CA ASN B 641 15.37 26.57 3.06
C ASN B 641 15.22 25.21 3.71
N LEU B 642 16.26 24.36 3.66
CA LEU B 642 16.18 23.02 4.26
C LEU B 642 15.70 22.99 5.72
N ASP B 643 16.20 23.91 6.56
CA ASP B 643 15.80 23.90 7.97
C ASP B 643 14.28 23.97 8.14
N HIS B 644 13.62 24.85 7.36
CA HIS B 644 12.18 24.95 7.46
C HIS B 644 11.43 23.73 6.88
N TYR B 645 11.96 23.13 5.79
CA TYR B 645 11.38 21.90 5.22
C TYR B 645 11.40 20.83 6.32
N ARG B 646 12.50 20.77 7.10
CA ARG B 646 12.64 19.74 8.14
C ARG B 646 11.84 20.02 9.39
N ASN B 647 11.56 21.28 9.66
CA ASN B 647 10.81 21.74 10.83
C ASN B 647 9.28 21.70 10.67
N SER B 648 8.77 21.56 9.44
CA SER B 648 7.34 21.65 9.13
C SER B 648 6.69 20.31 8.74
N THR B 649 7.21 19.18 9.28
CA THR B 649 6.61 17.89 8.97
C THR B 649 5.56 17.53 10.02
N VAL B 650 4.61 16.70 9.62
CA VAL B 650 3.59 16.18 10.54
C VAL B 650 4.28 15.19 11.50
N MET B 651 5.19 14.36 10.97
CA MET B 651 5.86 13.30 11.73
C MET B 651 6.53 13.79 13.01
N SER B 652 7.12 15.00 12.98
CA SER B 652 7.82 15.55 14.14
C SER B 652 6.89 15.87 15.32
N ARG B 653 5.58 15.95 15.05
CA ARG B 653 4.53 16.27 16.04
C ARG B 653 3.82 15.04 16.58
N ALA B 654 4.28 13.80 16.20
CA ALA B 654 3.60 12.54 16.58
C ALA B 654 3.19 12.41 18.05
N GLU B 655 4.08 12.74 18.97
CA GLU B 655 3.82 12.65 20.42
C GLU B 655 2.55 13.42 20.82
N ASN B 656 2.31 14.61 20.21
CA ASN B 656 1.11 15.39 20.56
C ASN B 656 -0.21 14.76 20.14
N PHE B 657 -0.16 13.75 19.24
CA PHE B 657 -1.38 13.06 18.82
C PHE B 657 -1.97 12.20 19.93
N LYS B 658 -1.22 11.99 21.04
CA LYS B 658 -1.75 11.26 22.20
C LYS B 658 -2.95 12.02 22.82
N GLN B 659 -3.07 13.35 22.54
CA GLN B 659 -4.12 14.22 23.07
C GLN B 659 -5.41 14.26 22.22
N VAL B 660 -5.43 13.63 21.03
CA VAL B 660 -6.60 13.69 20.13
C VAL B 660 -7.01 12.32 19.54
N GLU B 661 -8.19 12.28 18.92
CA GLU B 661 -8.71 11.15 18.15
C GLU B 661 -8.48 11.55 16.70
N TYR B 662 -7.70 10.75 15.98
CA TYR B 662 -7.32 11.02 14.59
C TYR B 662 -7.77 9.92 13.68
N LEU B 663 -8.29 10.30 12.51
CA LEU B 663 -8.66 9.37 11.45
C LEU B 663 -7.82 9.78 10.24
N LEU B 664 -7.02 8.85 9.71
CA LEU B 664 -6.15 9.07 8.55
C LEU B 664 -6.59 8.22 7.37
N ILE B 665 -6.83 8.88 6.21
CA ILE B 665 -7.37 8.18 5.06
C ILE B 665 -6.55 8.50 3.81
N HIS B 666 -6.32 7.50 2.96
CA HIS B 666 -5.54 7.79 1.74
C HIS B 666 -5.82 6.71 0.69
N GLY B 667 -5.91 7.14 -0.59
CA GLY B 667 -6.07 6.22 -1.71
C GLY B 667 -4.70 5.64 -2.07
N THR B 668 -4.63 4.34 -2.31
CA THR B 668 -3.31 3.69 -2.56
C THR B 668 -2.67 4.09 -3.90
N ALA B 669 -3.52 4.49 -4.87
CA ALA B 669 -3.07 4.84 -6.22
C ALA B 669 -3.05 6.37 -6.44
N ASP B 670 -2.82 7.12 -5.35
CA ASP B 670 -2.75 8.57 -5.41
C ASP B 670 -1.40 8.98 -6.05
N ASP B 671 -1.46 9.45 -7.32
CA ASP B 671 -0.29 9.87 -8.10
C ASP B 671 0.15 11.27 -7.70
N ASN B 672 -0.70 12.00 -6.96
CA ASN B 672 -0.48 13.41 -6.65
C ASN B 672 0.16 13.57 -5.26
N VAL B 673 -0.59 13.30 -4.21
CA VAL B 673 -0.08 13.24 -2.84
C VAL B 673 0.13 11.74 -2.63
N HIS B 674 1.37 11.28 -2.72
CA HIS B 674 1.63 9.84 -2.69
C HIS B 674 1.21 9.17 -1.40
N PHE B 675 0.71 7.94 -1.47
CA PHE B 675 0.30 7.16 -0.28
C PHE B 675 1.45 7.17 0.75
N GLN B 676 2.71 7.21 0.26
CA GLN B 676 3.93 7.38 1.07
C GLN B 676 3.72 8.43 2.19
N GLN B 677 3.08 9.57 1.85
CA GLN B 677 2.89 10.66 2.81
C GLN B 677 2.14 10.20 4.06
N SER B 678 1.05 9.45 3.88
CA SER B 678 0.29 8.92 5.03
C SER B 678 1.01 7.70 5.62
N ALA B 679 1.72 6.91 4.79
CA ALA B 679 2.48 5.75 5.31
C ALA B 679 3.55 6.24 6.30
N GLN B 680 4.11 7.45 6.06
CA GLN B 680 5.09 8.01 7.00
C GLN B 680 4.44 8.58 8.26
N ILE B 681 3.21 9.11 8.13
CA ILE B 681 2.49 9.59 9.31
C ILE B 681 2.19 8.39 10.22
N SER B 682 1.58 7.33 9.66
CA SER B 682 1.18 6.16 10.45
C SER B 682 2.41 5.55 11.15
N LYS B 683 3.54 5.43 10.42
CA LYS B 683 4.73 4.85 11.03
C LYS B 683 5.22 5.70 12.22
N ALA B 684 5.18 7.04 12.08
CA ALA B 684 5.61 7.91 13.19
C ALA B 684 4.68 7.77 14.41
N LEU B 685 3.37 7.60 14.16
CA LEU B 685 2.40 7.45 15.24
C LEU B 685 2.62 6.11 15.95
N VAL B 686 2.84 5.04 15.17
CA VAL B 686 3.11 3.71 15.74
C VAL B 686 4.39 3.80 16.60
N ASP B 687 5.41 4.51 16.09
CA ASP B 687 6.70 4.63 16.78
C ASP B 687 6.63 5.28 18.16
N VAL B 688 5.64 6.13 18.42
CA VAL B 688 5.49 6.80 19.73
C VAL B 688 4.35 6.21 20.53
N GLY B 689 3.73 5.15 20.02
CA GLY B 689 2.63 4.46 20.69
C GLY B 689 1.32 5.25 20.75
N VAL B 690 0.94 5.92 19.65
CA VAL B 690 -0.32 6.66 19.57
C VAL B 690 -1.34 5.80 18.85
N ASP B 691 -2.51 5.56 19.47
CA ASP B 691 -3.58 4.84 18.79
C ASP B 691 -4.35 5.86 17.93
N PHE B 692 -4.77 5.43 16.76
CA PHE B 692 -5.51 6.25 15.79
C PHE B 692 -6.32 5.33 14.89
N GLN B 693 -7.20 5.91 14.06
CA GLN B 693 -8.04 5.18 13.11
C GLN B 693 -7.49 5.41 11.71
N ALA B 694 -7.58 4.38 10.85
CA ALA B 694 -7.03 4.48 9.50
C ALA B 694 -7.92 3.82 8.49
N MET B 695 -7.81 4.27 7.25
CA MET B 695 -8.54 3.64 6.16
C MET B 695 -7.76 3.88 4.88
N TRP B 696 -7.38 2.80 4.19
CA TRP B 696 -6.77 2.96 2.86
C TRP B 696 -7.90 2.71 1.86
N TYR B 697 -7.78 3.25 0.63
CA TYR B 697 -8.77 2.98 -0.42
C TYR B 697 -8.04 2.39 -1.59
N THR B 698 -8.19 1.06 -1.79
CA THR B 698 -7.50 0.34 -2.87
C THR B 698 -7.78 0.92 -4.24
N ASP B 699 -6.70 1.29 -4.94
CA ASP B 699 -6.70 1.76 -6.32
C ASP B 699 -7.38 3.11 -6.54
N GLU B 700 -7.70 3.81 -5.46
CA GLU B 700 -8.29 5.15 -5.56
C GLU B 700 -7.16 6.16 -5.65
N ASP B 701 -7.43 7.25 -6.37
CA ASP B 701 -6.41 8.28 -6.51
C ASP B 701 -6.70 9.48 -5.59
N HIS B 702 -6.13 10.67 -5.88
CA HIS B 702 -6.32 11.83 -5.04
C HIS B 702 -7.78 12.24 -4.84
N GLY B 703 -8.63 11.92 -5.80
CA GLY B 703 -10.03 12.29 -5.69
C GLY B 703 -10.90 11.36 -4.86
N ILE B 704 -10.46 10.08 -4.61
CA ILE B 704 -11.27 9.02 -3.94
C ILE B 704 -12.72 9.20 -4.46
N ALA B 705 -12.81 9.26 -5.81
CA ALA B 705 -13.96 9.68 -6.58
C ALA B 705 -14.80 8.62 -7.26
N SER B 706 -14.40 7.34 -7.22
CA SER B 706 -15.28 6.30 -7.81
C SER B 706 -16.60 6.35 -7.06
N SER B 707 -17.70 6.00 -7.72
CA SER B 707 -19.01 6.07 -7.06
C SER B 707 -19.02 5.34 -5.69
N THR B 708 -18.49 4.11 -5.66
CA THR B 708 -18.48 3.32 -4.42
C THR B 708 -17.54 3.87 -3.36
N ALA B 709 -16.32 4.28 -3.74
CA ALA B 709 -15.40 4.81 -2.72
C ALA B 709 -15.87 6.14 -2.18
N HIS B 710 -16.47 6.98 -3.03
CA HIS B 710 -16.98 8.27 -2.54
C HIS B 710 -18.05 8.03 -1.45
N GLN B 711 -18.97 7.10 -1.68
CA GLN B 711 -20.02 6.78 -0.69
C GLN B 711 -19.41 6.17 0.57
N HIS B 712 -18.42 5.29 0.38
CA HIS B 712 -17.76 4.63 1.51
C HIS B 712 -17.00 5.58 2.40
N ILE B 713 -16.22 6.52 1.81
CA ILE B 713 -15.45 7.46 2.60
C ILE B 713 -16.31 8.37 3.43
N TYR B 714 -17.34 8.96 2.83
CA TYR B 714 -18.20 9.88 3.58
C TYR B 714 -18.99 9.15 4.65
N THR B 715 -19.36 7.87 4.40
CA THR B 715 -20.04 7.06 5.42
C THR B 715 -19.11 6.82 6.61
N HIS B 716 -17.84 6.42 6.32
CA HIS B 716 -16.83 6.16 7.34
C HIS B 716 -16.52 7.40 8.16
N MET B 717 -16.34 8.57 7.49
CA MET B 717 -16.08 9.82 8.19
C MET B 717 -17.25 10.27 9.07
N SER B 718 -18.50 10.08 8.56
CA SER B 718 -19.72 10.46 9.31
C SER B 718 -19.81 9.66 10.62
N HIS B 719 -19.48 8.33 10.58
CA HIS B 719 -19.49 7.52 11.81
C HIS B 719 -18.46 8.06 12.79
N PHE B 720 -17.26 8.42 12.29
CA PHE B 720 -16.18 8.94 13.12
C PHE B 720 -16.53 10.26 13.80
N ILE B 721 -17.08 11.23 13.03
CA ILE B 721 -17.47 12.52 13.61
C ILE B 721 -18.59 12.32 14.64
N LYS B 722 -19.61 11.51 14.31
CA LYS B 722 -20.75 11.25 15.21
C LYS B 722 -20.30 10.63 16.54
N GLN B 723 -19.34 9.68 16.47
CA GLN B 723 -18.75 9.01 17.64
C GLN B 723 -18.00 10.06 18.50
N CYS B 724 -17.20 10.93 17.85
CA CYS B 724 -16.43 11.98 18.52
C CYS B 724 -17.36 12.94 19.26
N PHE B 725 -18.50 13.24 18.66
CA PHE B 725 -19.41 14.23 19.22
C PHE B 725 -20.53 13.64 20.10
N SER B 726 -20.47 12.31 20.35
CA SER B 726 -21.44 11.54 21.14
C SER B 726 -22.84 11.72 20.56
N LEU B 727 -22.97 11.60 19.23
CA LEU B 727 -24.24 11.73 18.53
C LEU B 727 -24.77 10.33 18.17
N PRO B 728 -26.03 9.99 18.55
CA PRO B 728 -26.56 8.64 18.23
C PRO B 728 -26.80 8.40 16.73
C1 NAG C . 33.91 -5.73 6.09
C2 NAG C . 35.24 -6.08 5.35
C3 NAG C . 36.39 -5.19 5.90
C4 NAG C . 36.06 -3.68 6.06
C5 NAG C . 34.65 -3.50 6.73
C6 NAG C . 34.11 -2.06 6.73
C7 NAG C . 35.94 -8.31 4.43
C8 NAG C . 36.28 -9.72 4.83
N2 NAG C . 35.61 -7.50 5.50
O3 NAG C . 37.61 -5.40 5.14
O4 NAG C . 37.12 -3.26 6.93
O5 NAG C . 33.62 -4.33 6.10
O6 NAG C . 33.58 -1.65 5.44
O7 NAG C . 35.95 -7.92 3.27
C1 NAG C . 38.02 -2.18 6.57
C2 NAG C . 38.31 -2.05 5.03
C3 NAG C . 38.64 -0.61 4.57
C4 NAG C . 37.81 0.49 5.27
C5 NAG C . 37.52 0.26 6.79
C6 NAG C . 36.30 1.10 7.27
C7 NAG C . 40.26 -3.78 4.92
C8 NAG C . 40.88 -4.70 3.90
N2 NAG C . 39.20 -3.05 4.39
O3 NAG C . 38.46 -0.58 3.14
O4 NAG C . 38.57 1.71 5.17
O5 NAG C . 37.25 -1.12 7.15
O6 NAG C . 35.67 0.60 8.46
O7 NAG C . 40.68 -3.72 6.10
C1 NAG D . 35.39 -39.98 5.71
C2 NAG D . 36.92 -40.26 6.06
C3 NAG D . 37.71 -40.45 4.76
C4 NAG D . 37.02 -41.44 3.78
C5 NAG D . 35.55 -40.90 3.54
C6 NAG D . 34.77 -41.78 2.56
C7 NAG D . 37.70 -39.10 8.14
C8 NAG D . 38.41 -37.87 8.67
N2 NAG D . 37.59 -39.13 6.77
O3 NAG D . 39.08 -40.77 5.10
O4 NAG D . 37.73 -41.31 2.57
O5 NAG D . 34.84 -40.90 4.77
O6 NAG D . 34.55 -43.07 3.15
O7 NAG D . 37.27 -40.02 8.85
C1 NAG D . 38.21 -42.60 2.14
C2 NAG D . 38.67 -42.42 0.66
C3 NAG D . 39.31 -43.77 0.18
C4 NAG D . 40.44 -44.28 1.13
C5 NAG D . 40.00 -44.25 2.62
C6 NAG D . 41.26 -44.32 3.51
C7 NAG D . 37.30 -40.78 -0.72
C8 NAG D . 35.99 -40.72 -1.46
N2 NAG D . 37.51 -42.01 -0.15
O3 NAG D . 39.78 -43.62 -1.17
O4 NAG D . 40.80 -45.66 0.82
O5 NAG D . 39.29 -43.03 2.98
O6 NAG D . 41.08 -45.24 4.60
O7 NAG D . 38.07 -39.80 -0.67
C1 NAG E . -2.78 -37.02 -7.75
C2 NAG E . -3.31 -38.46 -8.10
C3 NAG E . -4.02 -38.41 -9.48
C4 NAG E . -5.10 -37.28 -9.46
C5 NAG E . -4.47 -35.93 -8.93
C6 NAG E . -5.57 -34.83 -8.79
C7 NAG E . -2.37 -40.56 -7.13
C8 NAG E . -1.17 -41.46 -7.18
N2 NAG E . -2.27 -39.48 -7.99
O3 NAG E . -4.66 -39.70 -9.66
O4 NAG E . -5.48 -37.01 -10.79
O5 NAG E . -3.91 -36.16 -7.61
O6 NAG E . -6.55 -35.26 -7.82
O7 NAG E . -3.34 -40.76 -6.39
C1 NAG E . -6.35 -37.78 -11.58
C2 NAG E . -7.72 -38.06 -10.90
C3 NAG E . -8.84 -38.08 -11.97
C4 NAG E . -8.89 -36.73 -12.77
C5 NAG E . -7.49 -36.05 -12.88
C6 NAG E . -7.30 -34.81 -11.99
C7 NAG E . -8.20 -39.34 -8.73
C8 NAG E . -8.89 -38.12 -8.15
N2 NAG E . -7.67 -39.24 -10.02
O3 NAG E . -10.12 -38.34 -11.32
O4 NAG E . -9.37 -36.97 -14.10
O5 NAG E . -6.38 -36.97 -12.77
O6 NAG E . -6.39 -33.88 -12.60
O7 NAG E . -8.11 -40.39 -8.07
C1 NAG F . -34.24 31.45 -35.52
C2 NAG F . -33.67 30.29 -36.35
C3 NAG F . -33.22 30.80 -37.74
C4 NAG F . -34.19 31.77 -38.46
C5 NAG F . -34.74 32.80 -37.44
C6 NAG F . -35.81 33.72 -38.04
C7 NAG F . -32.51 28.39 -35.25
C8 NAG F . -31.20 27.96 -34.66
N2 NAG F . -32.50 29.64 -35.72
O3 NAG F . -32.97 29.64 -38.55
O4 NAG F . -33.38 32.49 -39.39
O5 NAG F . -35.27 32.12 -36.26
O6 NAG F . -37.07 33.03 -38.16
O7 NAG F . -33.51 27.67 -35.29
C1 NAG F . -33.56 32.31 -40.81
C2 NAG F . -33.67 30.81 -41.34
C3 NAG F . -34.80 30.60 -42.41
C4 NAG F . -35.61 31.84 -42.93
C5 NAG F . -34.97 33.18 -42.51
C6 NAG F . -35.87 34.38 -42.79
C7 NAG F . -31.66 29.08 -41.34
C8 NAG F . -30.35 28.86 -42.05
N2 NAG F . -32.35 30.23 -41.77
O3 NAG F . -35.68 29.49 -42.03
O4 NAG F . -35.66 31.79 -44.37
O5 NAG F . -34.66 33.17 -41.12
O6 NAG F . -35.86 34.70 -44.17
O7 NAG F . -32.06 28.29 -40.47
C1 NAG G . -3.38 33.54 -41.74
C2 NAG G . -3.75 33.70 -43.27
C3 NAG G . -2.49 33.44 -44.14
C4 NAG G . -1.27 34.24 -43.66
C5 NAG G . -1.05 33.90 -42.14
C6 NAG G . 0.13 34.64 -41.51
C7 NAG G . -5.97 32.95 -44.10
C8 NAG G . -6.76 31.70 -44.48
N2 NAG G . -4.70 32.66 -43.69
O3 NAG G . -2.77 33.66 -45.56
O4 NAG G . -0.16 33.81 -44.46
O5 NAG G . -2.23 34.29 -41.40
O6 NAG G . -0.12 36.03 -41.65
O7 NAG G . -6.39 34.13 -44.16
C1 NAG G . 0.55 34.93 -44.97
C2 NAG G . 1.81 34.26 -45.65
C3 NAG G . 2.57 35.28 -46.54
C4 NAG G . 1.67 36.18 -47.43
C5 NAG G . 0.38 36.65 -46.69
C6 NAG G . -0.67 37.23 -47.67
C7 NAG G . 2.88 32.45 -44.26
C8 NAG G . 3.91 32.30 -43.18
N2 NAG G . 2.72 33.74 -44.63
O3 NAG G . 3.50 34.51 -47.32
O4 NAG G . 2.37 37.40 -47.71
O5 NAG G . -0.29 35.62 -45.91
O6 NAG G . -1.60 37.97 -46.90
O7 NAG G . 2.27 31.50 -44.74
C1 NAG H . 16.66 14.51 -23.37
C2 NAG H . 17.35 14.60 -24.77
C3 NAG H . 18.53 13.60 -24.77
C4 NAG H . 19.48 13.82 -23.57
C5 NAG H . 18.66 13.85 -22.23
C6 NAG H . 19.59 14.23 -21.06
C7 NAG H . 15.88 15.14 -26.64
C8 NAG H . 15.01 14.50 -27.71
N2 NAG H . 16.47 14.20 -25.83
O3 NAG H . 19.23 13.71 -26.02
O4 NAG H . 20.29 12.60 -23.51
O5 NAG H . 17.61 14.85 -22.34
O6 NAG H . 18.85 14.29 -19.82
O7 NAG H . 16.07 16.36 -26.47
C1 NAG H . 21.68 12.77 -23.84
C2 NAG H . 22.47 11.61 -23.15
C3 NAG H . 23.96 11.64 -23.61
C4 NAG H . 24.13 11.84 -25.15
C5 NAG H . 23.24 13.02 -25.64
C6 NAG H . 23.31 13.13 -27.17
C7 NAG H . 21.45 10.94 -20.93
C8 NAG H . 21.52 11.19 -19.45
N2 NAG H . 22.34 11.67 -21.68
O3 NAG H . 24.52 10.37 -23.27
O4 NAG H . 25.52 12.07 -25.53
O5 NAG H . 21.86 12.77 -25.26
O6 NAG H . 23.18 14.51 -27.53
O7 NAG H . 20.64 10.14 -21.42
C1 NAG I . 12.26 15.31 -40.18
C2 NAG I . 12.83 13.86 -40.21
C3 NAG I . 13.40 13.55 -38.81
C4 NAG I . 14.43 14.63 -38.40
C5 NAG I . 13.72 16.01 -38.42
C6 NAG I . 14.61 17.24 -38.07
C7 NAG I . 11.91 12.35 -41.93
C8 NAG I . 10.78 11.45 -42.28
N2 NAG I . 11.81 12.94 -40.66
O3 NAG I . 13.93 12.21 -38.78
O4 NAG I . 14.83 14.41 -37.02
O5 NAG I . 13.26 16.28 -39.74
O6 NAG I . 15.76 17.21 -38.93
O7 NAG I . 12.89 12.59 -42.68
C1 NAG I . 16.19 13.94 -36.99
C2 NAG I . 16.63 14.22 -35.53
C3 NAG I . 18.13 13.75 -35.50
C4 NAG I . 18.33 12.26 -35.99
C5 NAG I . 17.54 11.91 -37.27
C6 NAG I . 17.51 10.36 -37.45
C7 NAG I . 15.17 16.09 -34.42
C8 NAG I . 15.16 17.53 -34.06
N2 NAG I . 16.34 15.61 -35.04
O3 NAG I . 18.60 13.92 -34.13
O4 NAG I . 19.72 11.96 -36.30
O5 NAG I . 16.21 12.51 -37.27
O6 NAG I . 16.55 9.82 -38.35
O7 NAG I . 14.19 15.42 -34.16
C1 NAG J . 33.61 -33.04 35.49
C2 NAG J . 34.60 -32.35 34.54
C3 NAG J . 35.71 -33.31 34.06
C4 NAG J . 36.28 -34.22 35.16
C5 NAG J . 35.17 -34.84 36.07
C6 NAG J . 35.83 -35.55 37.28
C7 NAG J . 33.71 -30.49 33.12
C8 NAG J . 33.03 -30.25 31.80
N2 NAG J . 33.96 -31.81 33.35
O3 NAG J . 36.76 -32.50 33.48
O4 NAG J . 36.90 -35.31 34.46
O5 NAG J . 34.23 -33.81 36.54
O6 NAG J . 34.88 -36.07 38.25
O7 NAG J . 34.01 -29.59 33.90
C1 NAG K . 18.47 -21.04 -15.74
C2 NAG K . 19.72 -21.48 -16.52
C3 NAG K . 19.64 -20.90 -17.97
C4 NAG K . 18.32 -21.26 -18.69
C5 NAG K . 17.15 -20.85 -17.75
C6 NAG K . 15.78 -21.25 -18.32
C7 NAG K . 21.77 -22.01 -15.27
C8 NAG K . 23.08 -21.48 -14.75
N2 NAG K . 21.00 -21.10 -15.93
O3 NAG K . 20.78 -21.36 -18.74
O4 NAG K . 18.36 -20.29 -19.75
O5 NAG K . 17.28 -21.44 -16.44
O6 NAG K . 14.71 -20.70 -17.50
O7 NAG K . 21.40 -23.18 -15.12
C1 NAG L . 37.31 -21.33 -13.12
C2 NAG L . 38.51 -20.74 -13.95
C3 NAG L . 38.30 -19.21 -14.25
C4 NAG L . 36.87 -18.95 -14.83
C5 NAG L . 35.81 -19.60 -13.90
C6 NAG L . 34.40 -19.32 -14.43
C7 NAG L . 40.58 -22.10 -13.68
C8 NAG L . 41.86 -22.24 -12.89
N2 NAG L . 39.79 -21.04 -13.31
O3 NAG L . 39.22 -18.77 -15.26
O4 NAG L . 36.69 -17.52 -15.00
O5 NAG L . 36.04 -21.04 -13.72
O6 NAG L . 34.06 -20.03 -15.60
O7 NAG L . 40.27 -22.89 -14.58
C2 75L M . 0.33 -20.68 11.76
C4 75L M . 1.33 -21.67 9.87
N1 75L M . -0.64 -20.13 10.99
C12 75L M . 1.44 -21.08 14.01
C13 75L M . 2.77 -21.21 13.22
C14 75L M . 2.45 -22.13 12.05
C15 75L M . -0.43 -21.69 6.73
C16 75L M . -0.60 -20.40 5.99
C17 75L M . -0.75 -19.42 5.34
C18 75L M . -1.03 -18.23 4.51
N3 75L M . 1.38 -21.48 11.23
C20 75L M . 2.55 -22.12 5.63
C22 75L M . 5.04 -22.23 6.06
C23 75L M . 4.75 -23.16 7.28
C6 75L M . -0.70 -20.29 9.65
C5 75L M . 0.33 -21.14 9.09
N7 75L M . 2.22 -22.42 9.16
C8 75L M . 1.75 -22.38 7.90
N9 75L M . 0.58 -21.60 7.83
O10 75L M . -1.57 -19.80 8.99
N11 75L M . 0.38 -20.51 13.13
N19 75L M . 2.31 -22.99 6.82
C21 75L M . 3.84 -21.29 5.78
C24 75L M . 3.39 -23.97 7.08
N25 75L M . 3.99 -20.40 4.58
C26 75L M . -0.73 -19.76 13.76
C27 75L M . -0.42 -18.39 14.17
N28 75L M . -0.95 -18.08 15.38
C29 75L M . 0.55 -16.29 13.88
N30 75L M . 0.32 -17.55 13.39
C31 75L M . 0.04 -15.84 15.12
C32 75L M . -0.73 -16.80 15.85
C33 75L M . -1.28 -16.46 17.10
C34 75L M . -1.08 -15.17 17.62
C35 75L M . -0.31 -14.22 16.90
C36 75L M . 0.25 -14.53 15.67
C37 75L M . 1.41 -15.39 13.01
NA NA N . 17.60 -37.16 39.76
C1 NAG O . -9.13 0.38 -32.88
C2 NAG O . -9.01 0.35 -34.43
C3 NAG O . -9.94 -0.71 -35.13
C4 NAG O . -9.93 -2.08 -34.38
C5 NAG O . -10.15 -1.85 -32.85
C6 NAG O . -10.19 -3.16 -32.01
C7 NAG O . -7.98 2.30 -35.56
C8 NAG O . -8.25 3.69 -36.09
N2 NAG O . -9.07 1.70 -35.00
O3 NAG O . -9.52 -0.91 -36.50
O4 NAG O . -10.92 -2.97 -34.95
O5 NAG O . -9.17 -0.93 -32.28
O6 NAG O . -8.90 -3.65 -31.67
O7 NAG O . -6.88 1.74 -35.65
C1 NAG P . 13.98 35.39 -5.12
C2 NAG P . 14.60 36.76 -4.85
C3 NAG P . 16.07 36.56 -4.34
C4 NAG P . 16.07 35.62 -3.07
C5 NAG P . 15.23 34.31 -3.34
C6 NAG P . 14.95 33.53 -2.02
C7 NAG P . 13.61 38.90 -5.70
C8 NAG P . 13.36 39.75 -6.90
N2 NAG P . 14.29 37.73 -5.93
O3 NAG P . 16.62 37.84 -4.00
O4 NAG P . 17.41 35.30 -2.57
O5 NAG P . 13.94 34.67 -3.89
O6 NAG P . 14.02 34.26 -1.16
O7 NAG P . 13.23 39.29 -4.58
C2 75L Q . -8.10 22.32 -2.81
C4 75L Q . -6.26 22.79 -4.22
N1 75L Q . -7.31 21.79 -1.87
C12 75L Q . -10.43 22.96 -3.59
C13 75L Q . -9.92 22.96 -5.04
C14 75L Q . -8.46 23.44 -5.12
C15 75L Q . -2.98 22.56 -2.85
C16 75L Q . -2.29 21.31 -2.49
C17 75L Q . -1.74 20.35 -2.19
C18 75L Q . -1.07 19.13 -1.71
N3 75L Q . -7.61 22.85 -4.04
C20 75L Q . -2.12 22.34 -5.94
C22 75L Q . -2.84 22.08 -8.39
C23 75L Q . -3.98 23.11 -8.12
C6 75L Q . -5.94 21.74 -2.00
C5 75L Q . -5.42 22.31 -3.23
N7 75L Q . -5.58 23.21 -5.30
C8 75L Q . -4.27 23.06 -4.99
N9 75L Q . -4.16 22.51 -3.71
O10 75L Q . -5.25 21.27 -1.11
N11 75L Q . -9.50 22.38 -2.60
N19 75L Q . -3.19 23.39 -5.78
C21 75L Q . -2.56 21.35 -7.05
C24 75L Q . -3.53 24.11 -7.05
N25 75L Q . -1.56 20.26 -7.16
C26 75L Q . -10.12 21.84 -1.31
C27 75L Q . -10.64 20.42 -1.45
N28 75L Q . -9.88 19.67 -2.29
C29 75L Q . -12.14 18.58 -1.12
N30 75L Q . -11.80 19.92 -0.82
C31 75L Q . -11.38 17.79 -2.02
C32 75L Q . -10.24 18.42 -2.58
C33 75L Q . -9.44 17.70 -3.48
C34 75L Q . -9.74 16.38 -3.87
C35 75L Q . -10.88 15.76 -3.32
C36 75L Q . -11.68 16.45 -2.41
C37 75L Q . -13.35 17.96 -0.48
#